data_7U5U
#
_entry.id   7U5U
#
_entity_poly.entity_id   1
_entity_poly.type   'polypeptide(L)'
_entity_poly.pdbx_seq_one_letter_code
;MSIEKVPILGKETIHVGYGIADHIVREVIANLASSTYVIVTDTNMARTPQYSKLTDDFKTNLSEKRPESRLLTYCVSPGE
NNKNRATKAAVEDFLLQQGCTRDTVILAVGGGVIGDMIGFVAATFMRGVRVVQVPTTLLAMVDSSVGGKTAIDTPLGKNF
IGAFHQPEYVFCDVSFLETLPARQFINGMAEVVKTAAIWNEEEFTRLENFSKKFLSVVTSKKPDLQSIKAELVKTVLESV
RVKAGVVSSDEKEAGLRNLLNFGHTIGHAIEAVLTPEALHGECVSIGMIKEAELSRYLGILPPVAVARLSKCLVAYGLPV
SIDDKEFLKKVGPKRHYVEIDILLKKMAIDKKNDGSKIRCVLLEKIGKCYQLKAHQVSKQDLSFVLTDEVLVHPFTNPPK
ENIIVPPGSKSISNRALILAALGNGTVRVKNLLHSDDTKHMLDAVASLKGAEISTEDNGETIVVKGNGGNLVTSGEELYL
GNAGTASRFLTTVASLVGKSQASDDVILTGNARMQERPIGPLVDALGSNGSEIEYLNKQGSLPLKISAGNGLKGGRIELA
ATISSQYVSSILMCAPYAKEPVTLALVGGKPISQLYIDMTCAMMKSFGIEVTKSTTEEYTYHIPKGTYKNPSEYVIESDA
SSATYPLAFAAMTGTSCTIPNIGSSSLQGDAKFAVDVLKPMGCKVEQTTTSTTVTGPPRGHLKPLPHVDMEPMTDAFLTA
SVVAAVAKGGSSTSITGIANQRVKECNRIEAMVTELAKFGVPANELPDGIEIHGIDIEDLKTPEISKRGVSSYDDHRVAM
SFSLLAGLCKEPVLILERSTTGKTWPGWWDILHSKFKIELDGYEPPFNTDKHVDKSSDKSIIVIGMRGTGKSTLSEWLAS
FLGFKMLDMDKYLEEKLGTGIKSLIKAKGWEYFRQEEAIVAKECFTKFSKGYVLSTGGGIVEGEDARQQLKSYADNGGIV
LHLHRDLDETVTFLAADTTRPAYSSEVQEVWLRREKWYHECSNYHFYSSHCSTEDEFNHLRRSFVNYIKLITGAERPVVP
AGRSAAVVLTSPDLNEVVGDLESITIGADAVELRVDLFKDTSAEFVAAQIAVIRKHADLPIIYTVRTVSQGGKFPDENVD
ELKSLLLLGIRLGVAYVDLQLTAPNELIEEISSKKGFTRVIGTYQDINGELKWNNVEWKNKYNQGVSMNADIVRLVGKAN
SIQDNLDLENFKKQNTLKPLIAFNLGSQGKLSQVLNGTFTPISHKLLPNDEEFLTIGELNQTYFDIGGFTAKKFWVIGSP
IEHSRSPNLHNAGYKALNLPYQFGRFEATDVDVVYDNLINKPDFGGLAITMPLKLDIMKFATKLSDAAETIGAVNTLIPI
EGGYFGDNTDWVGISNSFIRAGVPPKSSSNGLVVGAGGTSRAAIYALHQMGCAKIYLVNRTAAKLEELVKSFPKDYNLEI
VETEQQADKASKVSLAVSCIPADKPLDGEVLKKIERILSNGSEQSAGFKPTLLEASYKPRVTPIMKLTEEQYKWKVIPGV
EMLVNQGDRQFKLHTGFTAPYEIIHRAVVEE
;
_entity_poly.pdbx_strand_id   A,B
#
# COMPACT_ATOMS: atom_id res chain seq x y z
N SER A 857 -33.24 -3.93 34.91
CA SER A 857 -31.86 -3.62 35.26
C SER A 857 -31.72 -3.38 36.76
N ASP A 858 -32.79 -2.87 37.37
CA ASP A 858 -32.81 -2.65 38.82
C ASP A 858 -33.21 -3.89 39.60
N LYS A 859 -33.46 -5.02 38.94
CA LYS A 859 -33.92 -6.21 39.61
C LYS A 859 -32.73 -6.96 40.20
N SER A 860 -33.00 -8.13 40.76
CA SER A 860 -31.96 -8.86 41.46
C SER A 860 -31.12 -9.68 40.50
N ILE A 861 -30.11 -10.35 41.05
CA ILE A 861 -29.33 -11.34 40.35
C ILE A 861 -29.23 -12.55 41.27
N ILE A 862 -29.80 -13.67 40.85
CA ILE A 862 -29.84 -14.87 41.67
C ILE A 862 -28.62 -15.71 41.28
N VAL A 863 -27.61 -15.69 42.15
CA VAL A 863 -26.34 -16.35 41.85
C VAL A 863 -26.40 -17.78 42.35
N ILE A 864 -26.30 -18.73 41.43
CA ILE A 864 -26.30 -20.14 41.74
C ILE A 864 -24.91 -20.69 41.48
N GLY A 865 -24.58 -21.78 42.15
CA GLY A 865 -23.32 -22.44 41.90
C GLY A 865 -22.80 -23.09 43.16
N MET A 866 -21.55 -23.51 43.11
CA MET A 866 -20.94 -24.20 44.23
C MET A 866 -20.43 -23.18 45.24
N ARG A 867 -19.74 -23.67 46.27
CA ARG A 867 -19.25 -22.82 47.35
C ARG A 867 -17.85 -22.29 47.05
N THR A 873 -16.99 -14.96 46.76
CA THR A 873 -16.14 -13.80 46.48
C THR A 873 -16.73 -12.93 45.38
N LEU A 874 -17.05 -13.55 44.24
CA LEU A 874 -17.67 -12.82 43.14
C LEU A 874 -19.12 -12.44 43.40
N SER A 875 -19.70 -12.93 44.51
CA SER A 875 -21.08 -12.59 44.83
C SER A 875 -21.20 -11.20 45.44
N GLU A 876 -20.40 -10.90 46.46
CA GLU A 876 -20.47 -9.57 47.07
C GLU A 876 -19.69 -8.54 46.28
N TRP A 877 -18.79 -8.98 45.40
CA TRP A 877 -18.16 -8.05 44.47
C TRP A 877 -19.13 -7.64 43.39
N LEU A 878 -20.09 -8.50 43.06
CA LEU A 878 -21.21 -8.09 42.22
C LEU A 878 -22.12 -7.14 42.96
N ALA A 879 -22.27 -7.32 44.27
CA ALA A 879 -23.07 -6.40 45.07
C ALA A 879 -22.40 -5.02 45.13
N SER A 880 -21.09 -5.01 45.25
CA SER A 880 -20.35 -3.75 45.31
C SER A 880 -20.29 -3.04 43.97
N PHE A 881 -20.51 -3.76 42.87
CA PHE A 881 -20.41 -3.10 41.57
C PHE A 881 -21.66 -2.29 41.25
N LEU A 882 -22.83 -2.90 41.38
CA LEU A 882 -24.07 -2.25 41.00
C LEU A 882 -24.61 -1.32 42.08
N GLY A 883 -23.96 -1.23 43.23
CA GLY A 883 -24.54 -0.51 44.35
C GLY A 883 -25.73 -1.24 44.95
N PHE A 884 -25.80 -2.54 44.75
CA PHE A 884 -26.92 -3.36 45.16
C PHE A 884 -26.54 -4.12 46.42
N LYS A 885 -27.52 -4.40 47.26
CA LYS A 885 -27.19 -5.07 48.51
C LYS A 885 -27.05 -6.56 48.27
N MET A 886 -26.73 -7.31 49.32
CA MET A 886 -26.45 -8.73 49.21
C MET A 886 -27.18 -9.48 50.31
N LEU A 887 -27.71 -10.65 49.98
CA LEU A 887 -28.34 -11.54 50.96
C LEU A 887 -27.93 -12.97 50.62
N ASP A 888 -27.17 -13.59 51.51
CA ASP A 888 -26.82 -14.98 51.35
C ASP A 888 -28.02 -15.84 51.71
N MET A 889 -28.20 -16.93 50.98
CA MET A 889 -29.32 -17.82 51.22
C MET A 889 -28.82 -19.23 51.49
N ARG A 914 -33.52 -28.24 54.30
CA ARG A 914 -34.19 -28.03 53.02
C ARG A 914 -35.61 -27.52 53.23
N GLN A 915 -36.35 -28.15 54.15
CA GLN A 915 -37.72 -27.78 54.40
C GLN A 915 -37.85 -26.40 55.06
N GLU A 916 -36.84 -26.00 55.83
CA GLU A 916 -36.80 -24.63 56.32
C GLU A 916 -36.37 -23.67 55.22
N GLU A 917 -35.62 -24.17 54.24
CA GLU A 917 -35.24 -23.35 53.09
C GLU A 917 -36.40 -23.19 52.11
N ALA A 918 -37.33 -24.14 52.10
CA ALA A 918 -38.42 -24.13 51.14
C ALA A 918 -39.43 -23.02 51.42
N ILE A 919 -39.55 -22.60 52.68
CA ILE A 919 -40.48 -21.52 53.02
C ILE A 919 -39.80 -20.16 52.86
N VAL A 920 -38.52 -20.05 53.24
CA VAL A 920 -37.89 -18.75 53.31
C VAL A 920 -37.35 -18.27 51.96
N ALA A 921 -37.21 -19.16 50.98
CA ALA A 921 -36.69 -18.76 49.67
C ALA A 921 -37.73 -18.06 48.81
N LYS A 922 -38.98 -18.00 49.26
CA LYS A 922 -40.04 -17.45 48.41
C LYS A 922 -40.15 -15.93 48.57
N GLU A 923 -40.28 -15.46 49.80
CA GLU A 923 -40.57 -14.04 50.02
C GLU A 923 -39.36 -13.17 49.70
N CYS A 924 -38.13 -13.68 49.85
CA CYS A 924 -36.95 -12.90 49.48
C CYS A 924 -36.74 -12.82 47.98
N PHE A 925 -37.63 -13.41 47.17
CA PHE A 925 -37.61 -13.27 45.73
C PHE A 925 -38.61 -12.23 45.24
N THR A 926 -39.50 -11.75 46.13
CA THR A 926 -40.56 -10.85 45.71
C THR A 926 -40.66 -9.58 46.57
N LYS A 927 -40.23 -9.62 47.84
CA LYS A 927 -40.11 -8.37 48.59
C LYS A 927 -38.67 -7.96 48.80
N PHE A 928 -37.73 -8.89 48.65
CA PHE A 928 -36.33 -8.54 48.41
C PHE A 928 -36.00 -8.63 46.92
N SER A 929 -36.98 -8.35 46.07
CA SER A 929 -36.81 -8.48 44.64
C SER A 929 -35.97 -7.34 44.08
N LYS A 930 -36.39 -6.11 44.32
CA LYS A 930 -35.68 -4.95 43.80
C LYS A 930 -34.56 -4.59 44.76
N GLY A 931 -33.40 -5.19 44.55
CA GLY A 931 -32.22 -4.61 45.17
C GLY A 931 -31.14 -5.52 45.71
N TYR A 932 -31.47 -6.73 46.11
CA TYR A 932 -30.47 -7.59 46.74
C TYR A 932 -30.02 -8.66 45.75
N VAL A 933 -28.71 -8.76 45.54
CA VAL A 933 -28.15 -9.81 44.69
C VAL A 933 -28.15 -11.09 45.53
N LEU A 934 -29.18 -11.92 45.32
CA LEU A 934 -29.48 -13.04 46.22
C LEU A 934 -28.53 -14.18 45.95
N SER A 935 -27.45 -14.23 46.72
CA SER A 935 -26.52 -15.35 46.64
C SER A 935 -27.18 -16.57 47.26
N THR A 936 -27.61 -17.49 46.42
CA THR A 936 -28.26 -18.70 46.90
C THR A 936 -27.25 -19.82 47.09
N GLY A 937 -27.72 -20.89 47.73
CA GLY A 937 -26.86 -21.99 48.12
C GLY A 937 -26.48 -22.90 46.97
N GLY A 938 -25.80 -23.99 47.32
CA GLY A 938 -25.30 -24.93 46.36
C GLY A 938 -26.17 -26.17 46.21
N GLY A 939 -26.99 -26.45 47.21
CA GLY A 939 -27.90 -27.57 47.14
C GLY A 939 -29.33 -27.12 46.95
N ILE A 940 -29.51 -25.94 46.36
CA ILE A 940 -30.85 -25.43 46.14
C ILE A 940 -31.52 -26.17 44.99
N VAL A 941 -30.74 -26.63 44.02
CA VAL A 941 -31.28 -27.36 42.87
C VAL A 941 -31.53 -28.84 43.17
N GLU A 942 -31.32 -29.27 44.41
CA GLU A 942 -31.50 -30.68 44.78
C GLU A 942 -32.96 -31.10 44.67
N GLY A 943 -33.89 -30.17 44.85
CA GLY A 943 -35.29 -30.49 44.74
C GLY A 943 -35.81 -30.43 43.33
N GLU A 944 -36.99 -31.02 43.14
CA GLU A 944 -37.65 -30.92 41.85
C GLU A 944 -38.42 -29.61 41.73
N ASP A 945 -39.28 -29.32 42.71
CA ASP A 945 -40.04 -28.07 42.70
C ASP A 945 -39.15 -26.86 43.00
N ALA A 946 -38.05 -27.07 43.72
CA ALA A 946 -37.13 -25.98 44.02
C ALA A 946 -36.34 -25.54 42.79
N ARG A 947 -36.23 -26.41 41.78
CA ARG A 947 -35.65 -25.99 40.52
C ARG A 947 -36.63 -25.17 39.70
N GLN A 948 -37.92 -25.36 39.93
CA GLN A 948 -38.95 -24.67 39.16
C GLN A 948 -39.15 -23.24 39.60
N GLN A 949 -38.94 -22.92 40.88
CA GLN A 949 -39.03 -21.55 41.32
C GLN A 949 -37.86 -20.71 40.84
N LEU A 950 -36.73 -21.36 40.52
CA LEU A 950 -35.66 -20.68 39.80
C LEU A 950 -36.08 -20.37 38.37
N LYS A 951 -36.71 -21.34 37.70
CA LYS A 951 -37.12 -21.16 36.32
C LYS A 951 -38.32 -20.24 36.18
N SER A 952 -39.02 -19.93 37.27
CA SER A 952 -40.06 -18.92 37.18
C SER A 952 -39.46 -17.54 37.00
N TYR A 953 -38.27 -17.32 37.56
CA TYR A 953 -37.58 -16.04 37.45
C TYR A 953 -37.02 -15.83 36.06
N ALA A 954 -36.88 -16.88 35.27
CA ALA A 954 -36.19 -16.78 33.98
C ALA A 954 -37.06 -16.11 32.93
N ASP A 955 -38.25 -16.65 32.69
CA ASP A 955 -39.09 -16.17 31.61
C ASP A 955 -39.73 -14.82 31.90
N ASN A 956 -39.78 -14.40 33.16
CA ASN A 956 -40.34 -13.08 33.47
C ASN A 956 -39.40 -11.95 33.09
N GLY A 957 -38.11 -12.23 33.01
CA GLY A 957 -37.14 -11.21 32.69
C GLY A 957 -36.04 -11.06 33.70
N GLY A 958 -35.77 -12.13 34.46
CA GLY A 958 -34.73 -12.11 35.45
C GLY A 958 -33.36 -12.47 34.90
N ILE A 959 -32.36 -12.35 35.76
CA ILE A 959 -30.96 -12.49 35.36
C ILE A 959 -30.35 -13.59 36.22
N VAL A 960 -31.10 -14.68 36.41
CA VAL A 960 -30.57 -15.85 37.10
C VAL A 960 -29.25 -16.32 36.47
N LEU A 961 -28.26 -16.62 37.32
CA LEU A 961 -26.88 -16.67 36.86
C LEU A 961 -26.09 -17.72 37.61
N HIS A 962 -25.26 -18.47 36.87
CA HIS A 962 -24.47 -19.55 37.41
C HIS A 962 -22.99 -19.17 37.40
N LEU A 963 -22.31 -19.46 38.50
CA LEU A 963 -20.87 -19.21 38.61
C LEU A 963 -20.18 -20.56 38.76
N HIS A 964 -19.26 -20.85 37.86
CA HIS A 964 -18.65 -22.16 37.79
C HIS A 964 -17.47 -22.32 38.75
N LEU A 992 -20.04 -31.96 39.84
CA LEU A 992 -20.42 -32.50 38.53
C LEU A 992 -21.81 -33.11 38.59
N ARG A 993 -22.29 -33.40 39.80
CA ARG A 993 -23.61 -34.07 39.95
C ARG A 993 -24.73 -33.03 39.80
N ARG A 994 -24.40 -31.73 39.89
CA ARG A 994 -25.42 -30.69 39.82
C ARG A 994 -25.21 -29.75 38.64
N GLU A 995 -24.24 -30.01 37.77
CA GLU A 995 -24.02 -29.15 36.62
C GLU A 995 -25.13 -29.32 35.58
N LYS A 996 -25.83 -30.45 35.62
CA LYS A 996 -27.02 -30.61 34.79
C LYS A 996 -28.26 -29.99 35.43
N TRP A 997 -28.14 -29.45 36.64
CA TRP A 997 -29.20 -28.68 37.27
C TRP A 997 -28.80 -27.23 37.54
N TYR A 998 -27.54 -26.88 37.33
CA TYR A 998 -27.08 -25.49 37.41
C TYR A 998 -27.17 -24.82 36.05
N HIS A 999 -26.70 -25.51 35.02
CA HIS A 999 -26.59 -24.93 33.70
C HIS A 999 -27.89 -24.93 32.92
N GLU A 1000 -28.95 -25.54 33.45
CA GLU A 1000 -30.27 -25.38 32.85
C GLU A 1000 -31.11 -24.32 33.53
N CYS A 1001 -30.91 -24.09 34.83
CA CYS A 1001 -31.68 -23.10 35.56
C CYS A 1001 -30.94 -21.77 35.65
N SER A 1002 -30.52 -21.25 34.49
CA SER A 1002 -29.80 -19.99 34.42
C SER A 1002 -29.83 -19.44 33.01
N ASN A 1003 -30.25 -18.20 32.82
CA ASN A 1003 -30.28 -17.69 31.47
C ASN A 1003 -29.01 -16.96 31.08
N TYR A 1004 -28.02 -16.86 31.98
CA TYR A 1004 -26.67 -16.49 31.63
C TYR A 1004 -25.71 -17.27 32.51
N HIS A 1005 -24.65 -17.80 31.92
CA HIS A 1005 -23.58 -18.49 32.64
C HIS A 1005 -22.34 -17.61 32.71
N PHE A 1006 -21.44 -17.97 33.63
CA PHE A 1006 -20.12 -17.37 33.69
C PHE A 1006 -19.16 -18.34 34.36
N TYR A 1007 -17.89 -18.21 34.01
CA TYR A 1007 -16.89 -19.21 34.33
C TYR A 1007 -15.77 -18.56 35.12
N SER A 1008 -15.54 -19.06 36.32
CA SER A 1008 -14.42 -18.64 37.14
C SER A 1008 -13.42 -19.78 37.23
N SER A 1009 -12.16 -19.48 36.93
CA SER A 1009 -11.11 -20.48 36.92
C SER A 1009 -10.01 -20.06 37.88
N HIS A 1010 -9.10 -20.98 38.15
CA HIS A 1010 -7.95 -20.67 38.99
C HIS A 1010 -6.96 -19.85 38.18
N CYS A 1011 -6.53 -18.74 38.74
CA CYS A 1011 -5.63 -17.82 38.06
C CYS A 1011 -4.29 -17.78 38.78
N SER A 1012 -3.22 -17.63 38.00
CA SER A 1012 -1.86 -17.65 38.54
C SER A 1012 -1.31 -16.26 38.80
N THR A 1013 -1.30 -15.39 37.79
CA THR A 1013 -0.67 -14.08 37.91
C THR A 1013 -1.70 -13.04 38.34
N GLU A 1014 -1.19 -11.88 38.73
CA GLU A 1014 -2.07 -10.75 39.03
C GLU A 1014 -2.68 -10.18 37.76
N ASP A 1015 -1.99 -10.33 36.62
CA ASP A 1015 -2.57 -9.96 35.33
C ASP A 1015 -3.67 -10.93 34.95
N GLU A 1016 -3.55 -12.20 35.36
CA GLU A 1016 -4.58 -13.18 35.08
C GLU A 1016 -5.80 -12.96 35.95
N PHE A 1017 -5.59 -12.55 37.21
CA PHE A 1017 -6.70 -12.10 38.05
C PHE A 1017 -7.34 -10.84 37.50
N ASN A 1018 -6.54 -10.00 36.82
CA ASN A 1018 -7.02 -8.71 36.35
C ASN A 1018 -8.02 -8.88 35.22
N HIS A 1019 -7.75 -9.78 34.29
CA HIS A 1019 -8.59 -9.89 33.11
C HIS A 1019 -9.89 -10.62 33.42
N LEU A 1020 -9.92 -11.44 34.48
CA LEU A 1020 -11.16 -12.11 34.85
C LEU A 1020 -12.13 -11.13 35.50
N ARG A 1021 -11.64 -10.25 36.37
CA ARG A 1021 -12.48 -9.24 36.99
C ARG A 1021 -12.63 -8.00 36.14
N ARG A 1022 -12.09 -7.98 34.93
CA ARG A 1022 -12.38 -6.91 33.99
C ARG A 1022 -13.37 -7.39 32.92
N SER A 1023 -13.20 -8.61 32.43
CA SER A 1023 -14.16 -9.20 31.52
C SER A 1023 -15.43 -9.67 32.21
N PHE A 1024 -15.47 -9.65 33.55
CA PHE A 1024 -16.73 -9.81 34.26
C PHE A 1024 -17.52 -8.51 34.31
N VAL A 1025 -16.84 -7.38 34.34
CA VAL A 1025 -17.54 -6.10 34.40
C VAL A 1025 -18.24 -5.81 33.09
N ASN A 1026 -17.56 -6.02 31.96
CA ASN A 1026 -18.21 -5.84 30.67
C ASN A 1026 -19.23 -6.93 30.38
N TYR A 1027 -19.07 -8.11 30.99
CA TYR A 1027 -20.11 -9.12 30.95
C TYR A 1027 -21.35 -8.65 31.71
N ILE A 1028 -21.14 -8.15 32.93
CA ILE A 1028 -22.27 -7.73 33.75
C ILE A 1028 -22.79 -6.36 33.36
N LYS A 1029 -22.04 -5.62 32.54
CA LYS A 1029 -22.62 -4.44 31.91
C LYS A 1029 -23.47 -4.84 30.71
N LEU A 1030 -23.22 -6.03 30.16
CA LEU A 1030 -23.98 -6.52 29.02
C LEU A 1030 -25.23 -7.28 29.45
N ILE A 1031 -25.10 -8.24 30.36
CA ILE A 1031 -26.26 -9.05 30.69
C ILE A 1031 -27.23 -8.34 31.61
N THR A 1032 -26.83 -7.24 32.25
CA THR A 1032 -27.81 -6.41 32.93
C THR A 1032 -28.41 -5.37 32.01
N GLY A 1033 -27.64 -4.92 31.02
CA GLY A 1033 -28.15 -4.11 29.95
C GLY A 1033 -27.92 -2.63 30.08
N ALA A 1034 -26.85 -2.20 30.75
CA ALA A 1034 -26.67 -0.76 30.96
C ALA A 1034 -26.02 -0.10 29.75
N GLU A 1035 -24.79 -0.48 29.43
CA GLU A 1035 -24.01 0.14 28.35
C GLU A 1035 -23.44 -0.97 27.48
N ARG A 1036 -24.10 -1.23 26.36
CA ARG A 1036 -23.56 -2.19 25.41
C ARG A 1036 -22.41 -1.56 24.63
N PRO A 1037 -21.42 -2.36 24.19
CA PRO A 1037 -20.33 -1.81 23.38
C PRO A 1037 -20.82 -1.43 22.00
N VAL A 1038 -20.97 -0.13 21.76
CA VAL A 1038 -21.73 0.35 20.59
C VAL A 1038 -20.75 0.56 19.45
N VAL A 1039 -20.47 -0.55 18.73
CA VAL A 1039 -20.03 -0.64 17.33
C VAL A 1039 -18.94 0.36 16.96
N PRO A 1040 -17.66 0.12 17.36
CA PRO A 1040 -16.68 1.21 17.57
C PRO A 1040 -16.46 2.19 16.42
N ALA A 1041 -16.71 3.46 16.71
CA ALA A 1041 -16.85 4.51 15.72
C ALA A 1041 -15.54 4.95 15.10
N GLY A 1042 -14.41 4.42 15.54
CA GLY A 1042 -13.15 4.77 14.93
C GLY A 1042 -12.88 3.92 13.71
N ARG A 1043 -11.75 3.23 13.71
CA ARG A 1043 -11.37 2.30 12.65
C ARG A 1043 -10.85 1.05 13.35
N SER A 1044 -11.76 0.12 13.63
CA SER A 1044 -11.45 -1.02 14.47
C SER A 1044 -10.88 -2.18 13.65
N ALA A 1045 -10.48 -3.22 14.38
CA ALA A 1045 -10.02 -4.46 13.77
C ALA A 1045 -10.44 -5.61 14.70
N ALA A 1046 -10.30 -6.83 14.20
CA ALA A 1046 -10.75 -8.01 14.94
C ALA A 1046 -9.82 -9.16 14.65
N VAL A 1047 -9.22 -9.73 15.69
CA VAL A 1047 -8.29 -10.84 15.51
C VAL A 1047 -9.09 -12.11 15.25
N VAL A 1048 -8.69 -12.86 14.23
CA VAL A 1048 -9.39 -14.07 13.85
C VAL A 1048 -8.62 -15.23 14.45
N LEU A 1049 -9.03 -15.64 15.64
CA LEU A 1049 -8.44 -16.79 16.32
C LEU A 1049 -8.85 -18.05 15.59
N THR A 1050 -7.91 -18.66 14.88
CA THR A 1050 -8.20 -19.84 14.06
C THR A 1050 -7.56 -21.09 14.64
N SER A 1051 -7.52 -21.19 15.96
CA SER A 1051 -6.85 -22.30 16.62
C SER A 1051 -7.83 -23.39 17.03
N PRO A 1052 -7.42 -24.66 16.91
CA PRO A 1052 -8.30 -25.73 17.40
C PRO A 1052 -8.43 -25.75 18.90
N ASP A 1053 -7.40 -25.33 19.63
CA ASP A 1053 -7.42 -25.31 21.08
C ASP A 1053 -6.52 -24.17 21.53
N LEU A 1054 -7.09 -23.23 22.28
CA LEU A 1054 -6.39 -22.00 22.62
C LEU A 1054 -5.42 -22.15 23.77
N ASN A 1055 -5.33 -23.33 24.37
CA ASN A 1055 -4.28 -23.57 25.35
C ASN A 1055 -2.92 -23.79 24.71
N GLU A 1056 -2.87 -24.07 23.41
CA GLU A 1056 -1.60 -24.12 22.70
C GLU A 1056 -0.99 -22.75 22.62
N VAL A 1057 -1.67 -21.82 21.96
CA VAL A 1057 -1.25 -20.42 21.94
C VAL A 1057 -1.97 -19.74 23.10
N VAL A 1058 -1.39 -19.88 24.29
CA VAL A 1058 -1.97 -19.26 25.49
C VAL A 1058 -0.91 -18.40 26.15
N GLY A 1059 0.35 -18.63 25.83
CA GLY A 1059 1.41 -17.85 26.44
C GLY A 1059 1.66 -16.58 25.67
N ASP A 1060 1.08 -16.52 24.48
CA ASP A 1060 1.27 -15.43 23.55
C ASP A 1060 -0.05 -14.80 23.13
N LEU A 1061 -1.14 -15.10 23.83
CA LEU A 1061 -2.44 -14.60 23.41
C LEU A 1061 -2.57 -13.11 23.70
N GLU A 1062 -1.82 -12.60 24.68
CA GLU A 1062 -1.75 -11.16 24.85
C GLU A 1062 -0.96 -10.51 23.72
N SER A 1063 -0.02 -11.24 23.12
CA SER A 1063 0.66 -10.74 21.94
C SER A 1063 -0.13 -10.95 20.67
N ILE A 1064 -1.05 -11.93 20.66
CA ILE A 1064 -1.92 -12.13 19.51
C ILE A 1064 -2.92 -10.99 19.41
N THR A 1065 -3.60 -10.69 20.51
CA THR A 1065 -4.60 -9.62 20.53
C THR A 1065 -3.91 -8.29 20.81
N ILE A 1066 -3.31 -7.74 19.76
CA ILE A 1066 -2.66 -6.44 19.83
C ILE A 1066 -3.23 -5.60 18.71
N GLY A 1067 -3.83 -4.46 19.06
CA GLY A 1067 -4.48 -3.61 18.08
C GLY A 1067 -5.84 -4.06 17.65
N ALA A 1068 -6.30 -5.21 18.09
CA ALA A 1068 -7.62 -5.70 17.75
C ALA A 1068 -8.61 -5.28 18.82
N ASP A 1069 -9.75 -4.76 18.39
CA ASP A 1069 -10.81 -4.28 19.28
C ASP A 1069 -11.90 -5.30 19.50
N ALA A 1070 -11.79 -6.48 18.90
CA ALA A 1070 -12.74 -7.56 19.12
C ALA A 1070 -12.02 -8.85 18.79
N VAL A 1071 -12.55 -9.96 19.26
CA VAL A 1071 -12.00 -11.27 18.95
C VAL A 1071 -13.01 -12.07 18.15
N GLU A 1072 -12.57 -12.61 17.02
CA GLU A 1072 -13.40 -13.44 16.14
C GLU A 1072 -13.10 -14.90 16.45
N LEU A 1073 -13.83 -15.47 17.41
CA LEU A 1073 -13.75 -16.91 17.63
C LEU A 1073 -14.51 -17.64 16.52
N ARG A 1074 -13.81 -18.52 15.83
CA ARG A 1074 -14.45 -19.40 14.85
C ARG A 1074 -14.72 -20.72 15.56
N VAL A 1075 -15.98 -20.94 15.94
CA VAL A 1075 -16.34 -22.07 16.80
C VAL A 1075 -16.35 -23.38 16.03
N ASP A 1076 -16.46 -23.31 14.70
CA ASP A 1076 -16.51 -24.51 13.89
C ASP A 1076 -15.19 -25.27 13.91
N LEU A 1077 -14.07 -24.56 13.87
CA LEU A 1077 -12.76 -25.17 13.81
C LEU A 1077 -12.13 -25.41 15.17
N PHE A 1078 -12.93 -25.50 16.22
CA PHE A 1078 -12.42 -26.10 17.45
C PHE A 1078 -12.30 -27.60 17.25
N LYS A 1079 -11.39 -28.23 18.00
CA LYS A 1079 -11.23 -29.67 17.86
C LYS A 1079 -12.43 -30.42 18.42
N ASP A 1080 -13.11 -29.85 19.40
CA ASP A 1080 -14.38 -30.35 19.90
C ASP A 1080 -15.39 -29.22 19.85
N THR A 1081 -16.55 -29.46 19.25
CA THR A 1081 -17.61 -28.48 19.21
C THR A 1081 -18.64 -28.70 20.31
N SER A 1082 -18.23 -29.36 21.39
CA SER A 1082 -19.13 -29.63 22.50
C SER A 1082 -19.32 -28.39 23.35
N ALA A 1083 -20.35 -28.42 24.19
CA ALA A 1083 -20.67 -27.26 25.02
C ALA A 1083 -19.67 -27.05 26.13
N GLU A 1084 -18.97 -28.11 26.53
CA GLU A 1084 -17.95 -27.99 27.56
C GLU A 1084 -16.65 -27.43 27.00
N PHE A 1085 -16.37 -27.68 25.73
CA PHE A 1085 -15.14 -27.21 25.13
C PHE A 1085 -15.18 -25.74 24.79
N VAL A 1086 -16.29 -25.26 24.21
CA VAL A 1086 -16.39 -23.85 23.83
C VAL A 1086 -16.45 -22.98 25.07
N ALA A 1087 -17.07 -23.48 26.13
CA ALA A 1087 -17.04 -22.76 27.39
C ALA A 1087 -15.70 -22.87 28.09
N ALA A 1088 -14.84 -23.78 27.66
CA ALA A 1088 -13.46 -23.77 28.15
C ALA A 1088 -12.58 -22.86 27.32
N GLN A 1089 -12.84 -22.72 26.02
CA GLN A 1089 -12.06 -21.83 25.18
C GLN A 1089 -12.48 -20.38 25.33
N ILE A 1090 -13.71 -20.11 25.77
CA ILE A 1090 -14.04 -18.77 26.19
C ILE A 1090 -13.48 -18.50 27.58
N ALA A 1091 -13.27 -19.55 28.38
CA ALA A 1091 -12.66 -19.36 29.69
C ALA A 1091 -11.19 -18.97 29.58
N VAL A 1092 -10.48 -19.43 28.54
CA VAL A 1092 -9.06 -19.15 28.41
C VAL A 1092 -8.81 -17.93 27.54
N ILE A 1093 -9.85 -17.15 27.26
CA ILE A 1093 -9.60 -15.92 26.53
C ILE A 1093 -9.96 -14.72 27.41
N ARG A 1094 -10.91 -14.90 28.33
CA ARG A 1094 -11.21 -13.83 29.28
C ARG A 1094 -10.18 -13.76 30.39
N LYS A 1095 -9.31 -14.76 30.50
CA LYS A 1095 -8.16 -14.67 31.38
C LYS A 1095 -7.02 -13.87 30.78
N HIS A 1096 -6.98 -13.70 29.46
CA HIS A 1096 -5.87 -13.03 28.80
C HIS A 1096 -6.27 -11.94 27.82
N ALA A 1097 -7.56 -11.68 27.64
CA ALA A 1097 -7.98 -10.70 26.64
C ALA A 1097 -9.35 -10.15 27.04
N ASP A 1098 -9.39 -8.90 27.45
CA ASP A 1098 -10.62 -8.25 27.89
C ASP A 1098 -11.36 -7.59 26.72
N LEU A 1099 -11.63 -8.41 25.71
CA LEU A 1099 -12.11 -7.93 24.43
C LEU A 1099 -13.49 -8.50 24.14
N PRO A 1100 -14.28 -7.82 23.30
CA PRO A 1100 -15.54 -8.40 22.85
C PRO A 1100 -15.31 -9.65 22.01
N ILE A 1101 -16.17 -10.63 22.20
CA ILE A 1101 -16.07 -11.91 21.52
C ILE A 1101 -17.10 -11.95 20.41
N ILE A 1102 -16.63 -12.13 19.17
CA ILE A 1102 -17.51 -12.36 18.04
C ILE A 1102 -17.62 -13.86 17.85
N TYR A 1103 -18.80 -14.40 18.13
CA TYR A 1103 -19.04 -15.84 18.22
C TYR A 1103 -19.50 -16.34 16.86
N THR A 1104 -18.54 -16.85 16.08
CA THR A 1104 -18.79 -17.24 14.70
C THR A 1104 -18.84 -18.76 14.60
N VAL A 1105 -20.04 -19.30 14.40
CA VAL A 1105 -20.20 -20.72 14.09
C VAL A 1105 -20.42 -20.75 12.58
N ARG A 1106 -19.34 -20.97 11.84
CA ARG A 1106 -19.38 -20.87 10.38
C ARG A 1106 -19.61 -22.23 9.75
N THR A 1107 -20.56 -22.30 8.83
CA THR A 1107 -20.97 -23.55 8.22
C THR A 1107 -20.14 -23.83 6.96
N VAL A 1108 -20.33 -25.02 6.38
CA VAL A 1108 -19.45 -25.48 5.31
C VAL A 1108 -19.81 -24.79 3.99
N SER A 1109 -21.03 -24.27 3.89
CA SER A 1109 -21.41 -23.55 2.68
C SER A 1109 -20.79 -22.17 2.59
N GLN A 1110 -20.25 -21.66 3.69
CA GLN A 1110 -19.65 -20.34 3.71
C GLN A 1110 -18.17 -20.38 4.07
N GLY A 1111 -17.56 -21.55 4.07
CA GLY A 1111 -16.14 -21.69 4.27
C GLY A 1111 -15.70 -22.30 5.57
N GLY A 1112 -16.59 -23.00 6.28
CA GLY A 1112 -16.29 -23.50 7.59
C GLY A 1112 -16.25 -25.01 7.64
N LYS A 1113 -16.02 -25.51 8.84
CA LYS A 1113 -15.95 -26.94 9.08
C LYS A 1113 -17.19 -27.47 9.79
N PHE A 1114 -18.10 -26.59 10.17
CA PHE A 1114 -19.38 -27.07 10.67
C PHE A 1114 -20.26 -27.48 9.50
N PRO A 1115 -20.98 -28.59 9.61
CA PRO A 1115 -21.84 -29.02 8.51
C PRO A 1115 -23.13 -28.22 8.48
N ASP A 1116 -23.85 -28.36 7.37
CA ASP A 1116 -25.14 -27.71 7.24
C ASP A 1116 -26.30 -28.63 7.52
N GLU A 1117 -26.09 -29.94 7.40
CA GLU A 1117 -27.19 -30.89 7.56
C GLU A 1117 -27.52 -31.16 9.02
N ASN A 1118 -26.80 -30.57 9.97
CA ASN A 1118 -27.14 -30.67 11.39
C ASN A 1118 -27.46 -29.27 11.89
N VAL A 1119 -28.73 -28.89 11.74
CA VAL A 1119 -29.15 -27.54 12.10
C VAL A 1119 -29.30 -27.41 13.61
N ASP A 1120 -29.52 -28.52 14.31
CA ASP A 1120 -29.89 -28.46 15.72
C ASP A 1120 -28.69 -28.09 16.59
N GLU A 1121 -27.51 -28.59 16.26
CA GLU A 1121 -26.32 -28.25 17.03
C GLU A 1121 -25.76 -26.88 16.66
N LEU A 1122 -26.22 -26.29 15.56
CA LEU A 1122 -25.88 -24.92 15.20
C LEU A 1122 -26.73 -23.92 15.95
N LYS A 1123 -28.01 -24.22 16.12
CA LYS A 1123 -28.88 -23.36 16.90
C LYS A 1123 -28.52 -23.39 18.37
N SER A 1124 -28.17 -24.56 18.90
CA SER A 1124 -27.77 -24.66 20.28
C SER A 1124 -26.36 -24.18 20.53
N LEU A 1125 -25.58 -23.91 19.49
CA LEU A 1125 -24.27 -23.32 19.70
C LEU A 1125 -24.34 -21.83 19.82
N LEU A 1126 -25.13 -21.16 18.97
CA LEU A 1126 -25.32 -19.73 19.10
C LEU A 1126 -26.03 -19.36 20.38
N LEU A 1127 -26.80 -20.28 20.97
CA LEU A 1127 -27.44 -20.04 22.24
C LEU A 1127 -26.45 -20.14 23.40
N LEU A 1128 -25.35 -20.85 23.23
CA LEU A 1128 -24.26 -20.77 24.19
C LEU A 1128 -23.54 -19.45 24.12
N GLY A 1129 -23.65 -18.71 23.02
CA GLY A 1129 -23.07 -17.40 22.94
C GLY A 1129 -23.90 -16.37 23.68
N ILE A 1130 -25.22 -16.58 23.69
CA ILE A 1130 -26.09 -15.66 24.42
C ILE A 1130 -25.90 -15.85 25.92
N ARG A 1131 -25.60 -17.07 26.35
CA ARG A 1131 -25.55 -17.42 27.76
C ARG A 1131 -24.17 -17.35 28.37
N LEU A 1132 -23.11 -17.39 27.57
CA LEU A 1132 -21.77 -17.10 28.08
C LEU A 1132 -21.46 -15.62 28.00
N GLY A 1133 -22.42 -14.82 27.53
CA GLY A 1133 -22.31 -13.38 27.55
C GLY A 1133 -21.32 -12.81 26.55
N VAL A 1134 -21.25 -13.37 25.35
CA VAL A 1134 -20.38 -12.80 24.34
C VAL A 1134 -21.01 -11.52 23.80
N ALA A 1135 -20.22 -10.75 23.07
CA ALA A 1135 -20.73 -9.46 22.64
C ALA A 1135 -21.46 -9.52 21.31
N TYR A 1136 -20.95 -10.31 20.35
CA TYR A 1136 -21.52 -10.35 19.01
C TYR A 1136 -21.75 -11.79 18.58
N VAL A 1137 -23.00 -12.16 18.38
CA VAL A 1137 -23.33 -13.46 17.80
C VAL A 1137 -23.50 -13.32 16.31
N ASP A 1138 -22.73 -14.09 15.57
CA ASP A 1138 -22.82 -14.17 14.12
C ASP A 1138 -24.00 -15.06 13.80
N LEU A 1139 -24.90 -14.56 12.97
CA LEU A 1139 -25.92 -15.38 12.32
C LEU A 1139 -25.69 -15.28 10.82
N GLN A 1140 -25.83 -16.39 10.12
CA GLN A 1140 -25.73 -16.35 8.68
C GLN A 1140 -27.06 -15.95 8.09
N LEU A 1141 -27.02 -15.50 6.85
CA LEU A 1141 -28.23 -14.99 6.23
C LEU A 1141 -28.87 -16.01 5.30
N THR A 1142 -28.10 -16.94 4.77
CA THR A 1142 -28.64 -18.13 4.13
C THR A 1142 -28.75 -19.28 5.13
N ALA A 1143 -29.39 -18.99 6.25
CA ALA A 1143 -29.65 -19.91 7.34
C ALA A 1143 -31.13 -20.24 7.37
N PRO A 1144 -31.54 -21.25 8.14
CA PRO A 1144 -32.97 -21.47 8.36
C PRO A 1144 -33.63 -20.28 9.05
N ASN A 1145 -34.84 -19.95 8.60
CA ASN A 1145 -35.52 -18.78 9.12
C ASN A 1145 -36.11 -19.01 10.49
N GLU A 1146 -36.13 -20.23 11.00
CA GLU A 1146 -36.46 -20.45 12.40
C GLU A 1146 -35.28 -20.13 13.29
N LEU A 1147 -34.06 -20.23 12.78
CA LEU A 1147 -32.86 -19.90 13.53
C LEU A 1147 -32.64 -18.40 13.59
N ILE A 1148 -33.01 -17.69 12.53
CA ILE A 1148 -32.85 -16.23 12.50
C ILE A 1148 -33.81 -15.58 13.49
N GLU A 1149 -35.07 -15.99 13.48
CA GLU A 1149 -36.07 -15.46 14.40
C GLU A 1149 -35.97 -16.04 15.80
N GLU A 1150 -35.03 -16.94 16.07
CA GLU A 1150 -34.78 -17.39 17.42
C GLU A 1150 -33.58 -16.69 18.06
N ILE A 1151 -32.60 -16.30 17.26
CA ILE A 1151 -31.44 -15.59 17.81
C ILE A 1151 -31.57 -14.14 17.38
N SER A 1152 -32.82 -13.71 17.21
CA SER A 1152 -33.14 -12.29 17.20
C SER A 1152 -34.26 -11.95 18.16
N SER A 1153 -34.99 -12.94 18.66
CA SER A 1153 -35.95 -12.74 19.72
C SER A 1153 -35.40 -13.12 21.09
N LYS A 1154 -34.43 -14.03 21.13
CA LYS A 1154 -33.84 -14.48 22.38
C LYS A 1154 -32.37 -14.04 22.45
N LYS A 1155 -32.02 -12.96 21.75
CA LYS A 1155 -30.64 -12.52 21.73
C LYS A 1155 -30.25 -11.77 22.99
N GLY A 1156 -31.21 -11.25 23.74
CA GLY A 1156 -30.90 -10.47 24.91
C GLY A 1156 -30.23 -9.15 24.57
N PHE A 1157 -29.03 -8.95 25.10
CA PHE A 1157 -28.24 -7.79 24.77
C PHE A 1157 -27.01 -8.11 23.93
N THR A 1158 -26.75 -9.40 23.65
CA THR A 1158 -25.74 -9.76 22.68
C THR A 1158 -26.17 -9.34 21.29
N ARG A 1159 -25.35 -8.52 20.65
CA ARG A 1159 -25.67 -8.00 19.35
C ARG A 1159 -25.53 -9.08 18.28
N VAL A 1160 -26.08 -8.79 17.09
CA VAL A 1160 -26.16 -9.74 15.99
C VAL A 1160 -25.42 -9.16 14.80
N ILE A 1161 -24.46 -9.92 14.26
CA ILE A 1161 -23.80 -9.63 12.99
C ILE A 1161 -24.35 -10.61 11.97
N GLY A 1162 -24.84 -10.10 10.83
CA GLY A 1162 -25.36 -10.96 9.80
C GLY A 1162 -24.43 -11.08 8.61
N THR A 1163 -23.93 -12.28 8.33
CA THR A 1163 -22.91 -12.46 7.30
C THR A 1163 -23.47 -13.21 6.10
N TYR A 1164 -23.06 -12.77 4.91
CA TYR A 1164 -23.15 -13.57 3.71
C TYR A 1164 -21.81 -13.53 3.01
N GLN A 1165 -21.32 -14.68 2.59
CA GLN A 1165 -20.06 -14.81 1.89
C GLN A 1165 -20.29 -15.42 0.52
N ASP A 1166 -19.51 -14.99 -0.46
CA ASP A 1166 -19.49 -15.60 -1.79
C ASP A 1166 -18.25 -16.46 -1.87
N ILE A 1167 -18.41 -17.75 -1.66
CA ILE A 1167 -17.26 -18.66 -1.70
C ILE A 1167 -16.80 -18.88 -3.13
N ASN A 1168 -17.71 -18.79 -4.10
CA ASN A 1168 -17.35 -18.96 -5.50
C ASN A 1168 -16.65 -17.73 -6.05
N GLY A 1169 -17.34 -16.60 -6.04
CA GLY A 1169 -16.82 -15.38 -6.62
C GLY A 1169 -17.54 -15.05 -7.90
N GLU A 1170 -18.81 -15.41 -7.97
CA GLU A 1170 -19.64 -15.19 -9.14
C GLU A 1170 -20.48 -13.92 -9.05
N LEU A 1171 -20.43 -13.22 -7.93
CA LEU A 1171 -21.15 -11.96 -7.77
C LEU A 1171 -20.17 -10.79 -7.80
N LYS A 1172 -20.45 -9.80 -8.63
CA LYS A 1172 -19.78 -8.52 -8.54
C LYS A 1172 -20.58 -7.59 -7.62
N TRP A 1173 -19.97 -6.48 -7.24
CA TRP A 1173 -20.62 -5.56 -6.30
C TRP A 1173 -21.52 -4.55 -7.03
N ASN A 1174 -22.33 -5.06 -7.94
CA ASN A 1174 -23.45 -4.34 -8.52
C ASN A 1174 -24.66 -5.23 -8.67
N ASN A 1175 -24.52 -6.53 -8.39
CA ASN A 1175 -25.61 -7.48 -8.47
C ASN A 1175 -26.62 -7.19 -7.37
N VAL A 1176 -27.88 -7.56 -7.62
CA VAL A 1176 -28.97 -7.29 -6.70
C VAL A 1176 -29.00 -8.30 -5.56
N GLU A 1177 -28.13 -9.32 -5.61
CA GLU A 1177 -28.04 -10.26 -4.51
C GLU A 1177 -27.42 -9.61 -3.27
N TRP A 1178 -26.49 -8.67 -3.46
CA TRP A 1178 -25.94 -7.95 -2.31
C TRP A 1178 -26.93 -6.96 -1.74
N LYS A 1179 -27.83 -6.42 -2.57
CA LYS A 1179 -28.87 -5.55 -2.07
C LYS A 1179 -29.91 -6.33 -1.26
N ASN A 1180 -30.20 -7.56 -1.69
CA ASN A 1180 -31.18 -8.36 -0.97
C ASN A 1180 -30.62 -8.86 0.36
N LYS A 1181 -29.30 -8.99 0.46
CA LYS A 1181 -28.71 -9.44 1.70
C LYS A 1181 -28.58 -8.31 2.70
N TYR A 1182 -28.42 -7.07 2.22
CA TYR A 1182 -28.47 -5.94 3.13
C TYR A 1182 -29.87 -5.71 3.66
N ASN A 1183 -30.89 -5.97 2.83
CA ASN A 1183 -32.26 -5.84 3.26
C ASN A 1183 -32.71 -7.01 4.11
N GLN A 1184 -31.98 -8.12 4.06
CA GLN A 1184 -32.18 -9.16 5.05
C GLN A 1184 -31.55 -8.80 6.37
N GLY A 1185 -30.54 -7.94 6.35
CA GLY A 1185 -30.00 -7.42 7.60
C GLY A 1185 -30.84 -6.31 8.19
N VAL A 1186 -31.49 -5.52 7.36
CA VAL A 1186 -32.35 -4.46 7.86
C VAL A 1186 -33.66 -5.03 8.40
N SER A 1187 -34.22 -6.03 7.72
CA SER A 1187 -35.50 -6.59 8.16
C SER A 1187 -35.36 -7.47 9.39
N MET A 1188 -34.24 -8.18 9.56
CA MET A 1188 -34.05 -9.00 10.75
C MET A 1188 -33.56 -8.17 11.93
N ASN A 1189 -33.30 -6.88 11.72
CA ASN A 1189 -32.81 -5.93 12.72
C ASN A 1189 -31.51 -6.44 13.33
N ALA A 1190 -30.55 -6.69 12.46
CA ALA A 1190 -29.20 -6.99 12.90
C ALA A 1190 -28.46 -5.69 13.18
N ASP A 1191 -27.54 -5.74 14.14
CA ASP A 1191 -26.81 -4.54 14.52
C ASP A 1191 -25.80 -4.15 13.46
N ILE A 1192 -24.91 -5.07 13.12
CA ILE A 1192 -23.98 -4.87 12.01
C ILE A 1192 -24.34 -5.88 10.94
N VAL A 1193 -24.23 -5.47 9.68
CA VAL A 1193 -24.37 -6.37 8.55
C VAL A 1193 -22.99 -6.61 7.97
N ARG A 1194 -22.71 -7.84 7.58
CA ARG A 1194 -21.39 -8.25 7.12
C ARG A 1194 -21.51 -8.90 5.75
N LEU A 1195 -20.67 -8.47 4.80
CA LEU A 1195 -20.74 -8.94 3.43
C LEU A 1195 -19.31 -9.16 2.92
N VAL A 1196 -18.94 -10.42 2.71
CA VAL A 1196 -17.60 -10.78 2.26
C VAL A 1196 -17.68 -11.32 0.84
N GLY A 1197 -17.07 -10.61 -0.10
CA GLY A 1197 -17.04 -11.04 -1.49
C GLY A 1197 -15.77 -11.78 -1.82
N LYS A 1198 -15.37 -11.68 -3.08
CA LYS A 1198 -14.09 -12.23 -3.53
C LYS A 1198 -13.65 -11.45 -4.76
N ALA A 1199 -12.42 -10.96 -4.72
CA ALA A 1199 -11.93 -10.00 -5.71
C ALA A 1199 -11.10 -10.74 -6.75
N ASN A 1200 -11.60 -10.78 -7.98
CA ASN A 1200 -10.85 -11.30 -9.11
C ASN A 1200 -10.05 -10.20 -9.82
N SER A 1201 -10.29 -8.95 -9.49
CA SER A 1201 -9.48 -7.84 -9.98
C SER A 1201 -9.48 -6.74 -8.93
N ILE A 1202 -8.60 -5.75 -9.12
CA ILE A 1202 -8.52 -4.63 -8.19
C ILE A 1202 -9.67 -3.66 -8.37
N GLN A 1203 -10.43 -3.78 -9.46
CA GLN A 1203 -11.62 -2.97 -9.63
C GLN A 1203 -12.73 -3.41 -8.68
N ASP A 1204 -12.71 -4.68 -8.27
CA ASP A 1204 -13.73 -5.19 -7.36
C ASP A 1204 -13.67 -4.56 -5.98
N ASN A 1205 -12.52 -3.99 -5.61
CA ASN A 1205 -12.46 -3.22 -4.38
C ASN A 1205 -13.14 -1.87 -4.52
N LEU A 1206 -12.92 -1.18 -5.63
CA LEU A 1206 -13.55 0.11 -5.82
C LEU A 1206 -15.03 0.01 -6.18
N ASP A 1207 -15.48 -1.18 -6.60
CA ASP A 1207 -16.91 -1.43 -6.69
C ASP A 1207 -17.53 -1.65 -5.33
N LEU A 1208 -16.72 -1.88 -4.30
CA LEU A 1208 -17.24 -2.08 -2.96
C LEU A 1208 -17.44 -0.76 -2.23
N GLU A 1209 -16.52 0.20 -2.43
CA GLU A 1209 -16.73 1.50 -1.81
C GLU A 1209 -17.83 2.31 -2.48
N ASN A 1210 -18.33 1.88 -3.63
CA ASN A 1210 -19.55 2.46 -4.16
C ASN A 1210 -20.78 1.70 -3.73
N PHE A 1211 -20.63 0.51 -3.17
CA PHE A 1211 -21.72 -0.16 -2.48
C PHE A 1211 -21.86 0.34 -1.05
N LYS A 1212 -20.75 0.69 -0.40
CA LYS A 1212 -20.77 1.06 1.01
C LYS A 1212 -21.37 2.43 1.22
N LYS A 1213 -21.37 3.29 0.21
CA LYS A 1213 -21.93 4.62 0.33
C LYS A 1213 -23.36 4.69 -0.19
N GLN A 1214 -23.87 3.61 -0.77
CA GLN A 1214 -25.28 3.54 -1.13
C GLN A 1214 -26.11 2.77 -0.12
N ASN A 1215 -25.48 2.16 0.89
CA ASN A 1215 -26.15 1.31 1.86
C ASN A 1215 -25.59 1.65 3.23
N THR A 1216 -26.25 2.59 3.93
CA THR A 1216 -25.70 3.15 5.17
C THR A 1216 -26.64 3.14 6.36
N LEU A 1217 -27.71 2.34 6.35
CA LEU A 1217 -28.61 2.32 7.51
C LEU A 1217 -27.98 1.55 8.67
N LYS A 1218 -27.72 0.27 8.46
CA LYS A 1218 -26.98 -0.53 9.44
C LYS A 1218 -25.50 -0.53 9.05
N PRO A 1219 -24.60 -0.54 10.03
CA PRO A 1219 -23.16 -0.51 9.70
C PRO A 1219 -22.72 -1.76 8.98
N LEU A 1220 -21.69 -1.61 8.14
CA LEU A 1220 -21.37 -2.61 7.13
C LEU A 1220 -19.91 -3.02 7.25
N ILE A 1221 -19.69 -4.28 7.60
CA ILE A 1221 -18.36 -4.91 7.51
C ILE A 1221 -18.28 -5.52 6.12
N ALA A 1222 -17.72 -4.78 5.18
CA ALA A 1222 -17.73 -5.17 3.79
C ALA A 1222 -16.31 -5.15 3.25
N PHE A 1223 -15.85 -6.30 2.77
CA PHE A 1223 -14.47 -6.48 2.34
C PHE A 1223 -14.43 -7.70 1.44
N ASN A 1224 -13.61 -7.64 0.40
CA ASN A 1224 -13.43 -8.77 -0.49
C ASN A 1224 -12.42 -9.74 0.08
N LEU A 1225 -12.15 -10.81 -0.66
CA LEU A 1225 -11.16 -11.78 -0.24
C LEU A 1225 -10.18 -12.08 -1.36
N GLY A 1226 -9.31 -13.06 -1.15
CA GLY A 1226 -8.25 -13.34 -2.10
C GLY A 1226 -7.09 -12.39 -1.95
N SER A 1227 -6.05 -12.63 -2.74
CA SER A 1227 -4.88 -11.78 -2.74
C SER A 1227 -5.05 -10.54 -3.61
N GLN A 1228 -6.23 -10.32 -4.16
CA GLN A 1228 -6.54 -9.12 -4.91
C GLN A 1228 -7.60 -8.27 -4.21
N GLY A 1229 -7.89 -8.57 -2.96
CA GLY A 1229 -8.85 -7.80 -2.20
C GLY A 1229 -8.25 -7.21 -0.95
N LYS A 1230 -6.94 -6.98 -0.96
CA LYS A 1230 -6.28 -6.38 0.19
C LYS A 1230 -6.62 -4.92 0.35
N LEU A 1231 -7.03 -4.24 -0.72
CA LEU A 1231 -7.50 -2.87 -0.57
C LEU A 1231 -8.82 -2.82 0.17
N SER A 1232 -9.68 -3.82 -0.02
CA SER A 1232 -10.96 -3.83 0.65
C SER A 1232 -10.85 -4.17 2.13
N GLN A 1233 -9.77 -4.81 2.56
CA GLN A 1233 -9.55 -5.00 3.98
C GLN A 1233 -8.86 -3.81 4.62
N VAL A 1234 -8.02 -3.11 3.85
CA VAL A 1234 -7.34 -1.93 4.38
C VAL A 1234 -8.29 -0.75 4.47
N LEU A 1235 -9.11 -0.55 3.45
CA LEU A 1235 -10.04 0.58 3.46
C LEU A 1235 -11.27 0.36 4.31
N ASN A 1236 -11.44 -0.82 4.91
CA ASN A 1236 -12.61 -1.09 5.71
C ASN A 1236 -12.48 -0.43 7.07
N GLY A 1237 -13.60 0.11 7.55
CA GLY A 1237 -13.60 0.84 8.81
C GLY A 1237 -13.94 -0.01 10.01
N THR A 1238 -15.08 -0.68 9.97
CA THR A 1238 -15.54 -1.44 11.12
C THR A 1238 -15.17 -2.92 10.97
N PHE A 1239 -14.35 -3.39 11.91
CA PHE A 1239 -14.01 -4.80 12.10
C PHE A 1239 -13.34 -5.43 10.88
N THR A 1240 -12.19 -4.89 10.52
CA THR A 1240 -11.33 -5.56 9.57
C THR A 1240 -10.78 -6.82 10.23
N PRO A 1241 -10.92 -7.99 9.61
CA PRO A 1241 -10.34 -9.20 10.19
C PRO A 1241 -8.82 -9.19 10.05
N ILE A 1242 -8.14 -9.37 11.18
CA ILE A 1242 -6.69 -9.48 11.19
C ILE A 1242 -6.32 -10.83 11.79
N SER A 1243 -5.07 -11.22 11.59
CA SER A 1243 -4.56 -12.49 12.10
C SER A 1243 -3.14 -12.28 12.61
N HIS A 1244 -2.44 -13.38 12.84
CA HIS A 1244 -1.11 -13.34 13.43
C HIS A 1244 -0.24 -14.41 12.80
N LYS A 1245 1.05 -14.35 13.12
CA LYS A 1245 1.98 -15.39 12.69
C LYS A 1245 1.73 -16.70 13.42
N LEU A 1246 1.33 -16.62 14.69
CA LEU A 1246 1.14 -17.79 15.53
C LEU A 1246 -0.23 -18.44 15.38
N LEU A 1247 -1.01 -18.05 14.38
CA LEU A 1247 -2.33 -18.59 14.15
C LEU A 1247 -2.44 -19.19 12.74
N PRO A 1248 -3.31 -20.18 12.55
CA PRO A 1248 -3.47 -20.75 11.20
C PRO A 1248 -4.21 -19.83 10.25
N ASN A 1249 -3.51 -18.85 9.69
CA ASN A 1249 -4.09 -17.93 8.72
C ASN A 1249 -4.29 -18.66 7.41
N ASP A 1250 -5.53 -18.99 7.08
CA ASP A 1250 -5.85 -19.72 5.87
C ASP A 1250 -6.50 -18.89 4.78
N GLU A 1251 -7.29 -17.87 5.14
CA GLU A 1251 -7.89 -16.96 4.17
C GLU A 1251 -7.02 -15.73 3.94
N GLU A 1252 -5.71 -15.86 4.20
CA GLU A 1252 -4.65 -14.86 4.02
C GLU A 1252 -5.02 -13.47 4.53
N PHE A 1253 -5.42 -13.43 5.79
CA PHE A 1253 -5.73 -12.18 6.47
C PHE A 1253 -4.43 -11.48 6.87
N LEU A 1254 -4.51 -10.16 6.97
CA LEU A 1254 -3.32 -9.39 7.29
C LEU A 1254 -3.03 -9.47 8.77
N THR A 1255 -1.83 -9.07 9.15
CA THR A 1255 -1.47 -8.92 10.54
C THR A 1255 -1.71 -7.48 10.96
N ILE A 1256 -1.41 -7.16 12.21
CA ILE A 1256 -1.65 -5.79 12.67
C ILE A 1256 -0.55 -4.87 12.17
N GLY A 1257 0.64 -5.39 11.91
CA GLY A 1257 1.68 -4.57 11.31
C GLY A 1257 1.41 -4.29 9.84
N GLU A 1258 0.95 -5.30 9.10
CA GLU A 1258 0.74 -5.15 7.67
C GLU A 1258 -0.53 -4.38 7.33
N LEU A 1259 -1.47 -4.31 8.27
CA LEU A 1259 -2.65 -3.49 8.03
C LEU A 1259 -2.33 -2.01 8.17
N ASN A 1260 -1.53 -1.64 9.17
CA ASN A 1260 -1.16 -0.26 9.36
C ASN A 1260 -0.07 0.20 8.40
N GLN A 1261 0.82 -0.71 8.00
CA GLN A 1261 1.84 -0.37 7.02
C GLN A 1261 1.23 -0.10 5.66
N THR A 1262 0.15 -0.79 5.32
CA THR A 1262 -0.50 -0.56 4.05
C THR A 1262 -1.42 0.66 4.11
N TYR A 1263 -1.99 0.94 5.28
CA TYR A 1263 -2.80 2.15 5.43
C TYR A 1263 -1.95 3.41 5.40
N PHE A 1264 -0.68 3.31 5.75
CA PHE A 1264 0.20 4.46 5.67
C PHE A 1264 0.68 4.68 4.24
N ASP A 1265 0.94 3.60 3.51
CA ASP A 1265 1.48 3.74 2.17
C ASP A 1265 0.44 4.15 1.14
N ILE A 1266 -0.85 4.09 1.48
CA ILE A 1266 -1.90 4.63 0.62
C ILE A 1266 -2.47 5.92 1.16
N GLY A 1267 -1.98 6.41 2.28
CA GLY A 1267 -2.28 7.74 2.74
C GLY A 1267 -3.38 7.87 3.75
N GLY A 1268 -3.66 6.83 4.51
CA GLY A 1268 -4.66 6.96 5.55
C GLY A 1268 -4.09 7.67 6.75
N PHE A 1269 -2.83 7.39 7.05
CA PHE A 1269 -2.12 8.03 8.15
C PHE A 1269 -1.20 9.11 7.60
N THR A 1270 -0.55 9.80 8.52
CA THR A 1270 0.50 10.75 8.19
C THR A 1270 1.59 10.58 9.23
N ALA A 1271 2.82 10.88 8.85
CA ALA A 1271 3.95 10.80 9.78
C ALA A 1271 3.87 11.98 10.74
N LYS A 1272 3.22 11.78 11.87
CA LYS A 1272 3.03 12.83 12.86
C LYS A 1272 4.13 12.79 13.90
N LYS A 1273 4.20 13.86 14.69
CA LYS A 1273 5.18 13.99 15.76
C LYS A 1273 4.46 14.42 17.02
N PHE A 1274 4.60 13.62 18.07
CA PHE A 1274 4.06 13.93 19.39
C PHE A 1274 5.19 14.31 20.33
N TRP A 1275 4.87 15.09 21.35
CA TRP A 1275 5.88 15.63 22.25
C TRP A 1275 5.40 15.56 23.68
N VAL A 1276 6.35 15.64 24.61
CA VAL A 1276 6.08 15.82 26.04
C VAL A 1276 6.86 17.05 26.50
N ILE A 1277 6.15 18.00 27.10
CA ILE A 1277 6.70 19.33 27.33
C ILE A 1277 6.71 19.63 28.82
N GLY A 1278 7.75 20.31 29.27
CA GLY A 1278 7.94 20.62 30.67
C GLY A 1278 9.36 21.02 30.93
N SER A 1279 9.59 21.61 32.10
CA SER A 1279 10.93 22.13 32.34
C SER A 1279 11.91 21.02 32.75
N PRO A 1280 11.67 20.19 33.80
CA PRO A 1280 12.66 19.11 34.02
C PRO A 1280 12.32 17.83 33.26
N ILE A 1281 12.61 17.83 31.96
CA ILE A 1281 12.10 16.80 31.05
C ILE A 1281 13.16 15.75 30.73
N GLU A 1282 14.29 15.77 31.42
CA GLU A 1282 15.40 14.88 31.08
C GLU A 1282 15.09 13.43 31.45
N HIS A 1283 14.25 13.18 32.45
CA HIS A 1283 13.88 11.84 32.88
C HIS A 1283 12.36 11.79 32.96
N SER A 1284 11.71 11.55 31.83
CA SER A 1284 10.26 11.65 31.78
C SER A 1284 9.57 10.31 31.74
N ARG A 1285 10.15 9.34 31.03
CA ARG A 1285 9.65 7.98 30.80
C ARG A 1285 8.34 7.95 30.04
N SER A 1286 7.88 9.08 29.53
CA SER A 1286 6.73 9.16 28.65
C SER A 1286 7.07 8.87 27.19
N PRO A 1287 8.21 9.32 26.61
CA PRO A 1287 8.53 8.85 25.25
C PRO A 1287 8.84 7.37 25.16
N ASN A 1288 9.28 6.73 26.23
CA ASN A 1288 9.53 5.30 26.16
C ASN A 1288 8.24 4.50 26.14
N LEU A 1289 7.18 5.04 26.74
CA LEU A 1289 5.90 4.34 26.78
C LEU A 1289 5.24 4.35 25.41
N HIS A 1290 5.20 5.51 24.77
CA HIS A 1290 4.46 5.65 23.53
C HIS A 1290 5.20 5.00 22.36
N ASN A 1291 6.53 5.12 22.33
CA ASN A 1291 7.32 4.50 21.27
C ASN A 1291 7.30 2.98 21.33
N ALA A 1292 6.94 2.40 22.47
CA ALA A 1292 6.73 0.98 22.55
C ALA A 1292 5.37 0.58 22.00
N GLY A 1293 4.47 1.52 21.81
CA GLY A 1293 3.17 1.22 21.27
C GLY A 1293 3.05 1.52 19.80
N TYR A 1294 3.76 2.55 19.32
CA TYR A 1294 3.83 2.78 17.88
C TYR A 1294 4.57 1.66 17.18
N LYS A 1295 5.53 1.04 17.86
CA LYS A 1295 6.29 -0.04 17.27
C LYS A 1295 5.50 -1.33 17.20
N ALA A 1296 4.68 -1.60 18.21
CA ALA A 1296 3.90 -2.82 18.24
C ALA A 1296 2.78 -2.80 17.20
N LEU A 1297 2.22 -1.63 16.95
CA LEU A 1297 1.13 -1.47 16.00
C LEU A 1297 1.59 -1.04 14.62
N ASN A 1298 2.87 -0.65 14.48
CA ASN A 1298 3.47 -0.17 13.23
C ASN A 1298 2.80 1.11 12.73
N LEU A 1299 2.40 1.96 13.65
CA LEU A 1299 1.96 3.29 13.26
C LEU A 1299 3.17 4.16 12.94
N PRO A 1300 3.05 5.10 12.01
CA PRO A 1300 4.22 5.90 11.62
C PRO A 1300 4.38 7.18 12.43
N TYR A 1301 4.46 7.05 13.76
CA TYR A 1301 4.59 8.21 14.62
C TYR A 1301 5.86 8.09 15.45
N GLN A 1302 6.34 9.24 15.93
CA GLN A 1302 7.47 9.33 16.85
C GLN A 1302 7.05 10.15 18.06
N PHE A 1303 7.69 9.88 19.20
CA PHE A 1303 7.49 10.65 20.42
C PHE A 1303 8.84 11.22 20.85
N GLY A 1304 8.83 12.44 21.36
CA GLY A 1304 10.06 13.09 21.76
C GLY A 1304 9.80 14.08 22.90
N ARG A 1305 10.88 14.75 23.30
CA ARG A 1305 10.83 15.72 24.38
C ARG A 1305 11.08 17.12 23.85
N PHE A 1306 10.47 18.10 24.51
CA PHE A 1306 10.70 19.50 24.21
C PHE A 1306 10.72 20.27 25.51
N GLU A 1307 11.90 20.69 25.94
CA GLU A 1307 12.03 21.46 27.16
C GLU A 1307 11.43 22.84 26.94
N ALA A 1308 10.43 23.18 27.74
CA ALA A 1308 9.76 24.47 27.63
C ALA A 1308 9.48 25.00 29.03
N THR A 1309 9.47 26.32 29.12
CA THR A 1309 9.04 27.01 30.33
C THR A 1309 7.89 27.96 30.06
N ASP A 1310 7.78 28.49 28.85
CA ASP A 1310 6.66 29.30 28.43
C ASP A 1310 5.85 28.54 27.38
N VAL A 1311 4.60 28.97 27.20
CA VAL A 1311 3.66 28.25 26.34
C VAL A 1311 3.73 28.73 24.90
N ASP A 1312 4.33 29.90 24.65
CA ASP A 1312 4.40 30.43 23.30
C ASP A 1312 5.50 29.78 22.47
N VAL A 1313 6.51 29.18 23.09
CA VAL A 1313 7.48 28.41 22.32
C VAL A 1313 6.95 27.04 21.94
N VAL A 1314 5.87 26.60 22.57
CA VAL A 1314 5.22 25.37 22.16
C VAL A 1314 4.42 25.59 20.90
N TYR A 1315 3.82 26.78 20.77
CA TYR A 1315 2.93 27.06 19.66
C TYR A 1315 3.68 27.33 18.37
N ASP A 1316 4.87 27.90 18.44
CA ASP A 1316 5.62 28.27 17.25
C ASP A 1316 6.74 27.30 16.91
N ASN A 1317 6.92 26.24 17.70
CA ASN A 1317 7.87 25.19 17.34
C ASN A 1317 7.23 23.83 17.19
N LEU A 1318 6.11 23.56 17.87
CA LEU A 1318 5.51 22.24 17.82
C LEU A 1318 4.08 22.24 17.31
N ILE A 1319 3.25 23.18 17.74
CA ILE A 1319 1.82 23.09 17.48
C ILE A 1319 1.49 23.46 16.04
N ASN A 1320 2.06 24.55 15.56
CA ASN A 1320 1.69 25.10 14.26
C ASN A 1320 2.27 24.33 13.07
N LYS A 1321 3.19 23.41 13.31
CA LYS A 1321 3.74 22.63 12.22
C LYS A 1321 2.69 21.67 11.67
N PRO A 1322 2.77 21.31 10.38
CA PRO A 1322 1.74 20.43 9.80
C PRO A 1322 1.85 18.98 10.26
N ASP A 1323 2.97 18.57 10.83
CA ASP A 1323 3.14 17.22 11.35
C ASP A 1323 2.87 17.13 12.85
N PHE A 1324 2.14 18.11 13.41
CA PHE A 1324 1.82 18.12 14.82
C PHE A 1324 0.73 17.10 15.12
N GLY A 1325 0.99 16.23 16.08
CA GLY A 1325 0.03 15.20 16.41
C GLY A 1325 -0.63 15.38 17.76
N GLY A 1326 0.08 15.96 18.71
CA GLY A 1326 -0.45 16.11 20.04
C GLY A 1326 0.64 16.41 21.05
N LEU A 1327 0.22 16.70 22.27
CA LEU A 1327 1.12 17.01 23.36
C LEU A 1327 0.74 16.18 24.58
N ALA A 1328 1.69 16.10 25.52
CA ALA A 1328 1.51 15.45 26.81
C ALA A 1328 2.16 16.36 27.84
N ILE A 1329 1.37 17.24 28.44
CA ILE A 1329 1.91 18.38 29.17
C ILE A 1329 2.24 17.94 30.59
N THR A 1330 3.43 18.29 31.07
CA THR A 1330 3.94 17.91 32.37
C THR A 1330 3.80 19.13 33.30
N MET A 1331 4.46 19.08 34.47
CA MET A 1331 4.02 19.83 35.65
C MET A 1331 4.05 21.36 35.52
N PRO A 1332 5.16 22.02 35.16
CA PRO A 1332 5.16 23.50 35.23
C PRO A 1332 4.41 24.19 34.11
N LEU A 1333 3.79 23.45 33.18
CA LEU A 1333 3.10 24.05 32.06
C LEU A 1333 1.66 23.58 31.91
N LYS A 1334 1.09 22.88 32.89
CA LYS A 1334 -0.26 22.36 32.74
C LYS A 1334 -1.31 23.46 32.75
N LEU A 1335 -1.09 24.51 33.54
CA LEU A 1335 -2.08 25.57 33.64
C LEU A 1335 -2.08 26.46 32.41
N ASP A 1336 -0.93 26.62 31.76
CA ASP A 1336 -0.79 27.56 30.65
C ASP A 1336 -1.38 27.03 29.36
N ILE A 1337 -1.38 25.71 29.16
CA ILE A 1337 -1.88 25.13 27.91
C ILE A 1337 -3.39 25.11 27.84
N MET A 1338 -4.08 25.47 28.92
CA MET A 1338 -5.54 25.52 28.92
C MET A 1338 -6.10 26.61 28.02
N LYS A 1339 -5.31 27.63 27.70
CA LYS A 1339 -5.78 28.71 26.86
C LYS A 1339 -5.83 28.31 25.39
N PHE A 1340 -5.22 27.20 25.03
CA PHE A 1340 -5.20 26.76 23.65
C PHE A 1340 -6.34 25.81 23.29
N ALA A 1341 -6.94 25.16 24.27
CA ALA A 1341 -7.99 24.21 24.01
C ALA A 1341 -9.30 24.95 23.74
N THR A 1342 -9.77 24.89 22.50
CA THR A 1342 -11.08 25.46 22.19
C THR A 1342 -12.22 24.55 22.59
N LYS A 1343 -11.93 23.33 23.01
CA LYS A 1343 -12.93 22.39 23.52
C LYS A 1343 -12.29 21.66 24.68
N LEU A 1344 -12.57 22.12 25.89
CA LEU A 1344 -12.08 21.46 27.09
C LEU A 1344 -13.10 20.46 27.57
N SER A 1345 -12.63 19.30 27.99
CA SER A 1345 -13.52 18.33 28.60
C SER A 1345 -13.98 18.81 29.97
N ASP A 1346 -14.94 18.10 30.54
CA ASP A 1346 -15.45 18.46 31.86
C ASP A 1346 -14.41 18.26 32.95
N ALA A 1347 -13.47 17.33 32.75
CA ALA A 1347 -12.40 17.14 33.72
C ALA A 1347 -11.39 18.27 33.63
N ALA A 1348 -11.26 18.91 32.47
CA ALA A 1348 -10.29 19.99 32.33
C ALA A 1348 -10.74 21.24 33.05
N GLU A 1349 -12.05 21.49 33.11
CA GLU A 1349 -12.55 22.65 33.84
C GLU A 1349 -12.49 22.42 35.34
N THR A 1350 -12.85 21.21 35.79
CA THR A 1350 -13.01 20.96 37.21
C THR A 1350 -11.66 20.85 37.90
N ILE A 1351 -10.68 20.24 37.23
CA ILE A 1351 -9.37 20.06 37.85
C ILE A 1351 -8.57 21.34 37.75
N GLY A 1352 -8.53 21.95 36.58
CA GLY A 1352 -7.75 23.15 36.36
C GLY A 1352 -6.38 22.91 35.80
N ALA A 1353 -6.18 21.81 35.07
CA ALA A 1353 -4.93 21.52 34.40
C ALA A 1353 -5.24 20.63 33.22
N VAL A 1354 -4.51 20.79 32.13
CA VAL A 1354 -4.69 20.00 30.91
C VAL A 1354 -3.37 19.31 30.60
N ASN A 1355 -3.41 18.00 30.43
CA ASN A 1355 -2.20 17.25 30.09
C ASN A 1355 -2.29 16.54 28.75
N THR A 1356 -3.28 16.86 27.94
CA THR A 1356 -3.39 16.30 26.59
C THR A 1356 -3.97 17.36 25.68
N LEU A 1357 -3.26 17.69 24.59
CA LEU A 1357 -3.74 18.66 23.62
C LEU A 1357 -3.63 18.05 22.23
N ILE A 1358 -4.74 17.50 21.74
CA ILE A 1358 -4.78 16.91 20.40
C ILE A 1358 -5.54 17.85 19.47
N PRO A 1359 -5.14 17.96 18.21
CA PRO A 1359 -5.86 18.84 17.29
C PRO A 1359 -7.17 18.23 16.82
N ILE A 1360 -8.19 19.08 16.72
CA ILE A 1360 -9.49 18.73 16.17
C ILE A 1360 -9.84 19.77 15.11
N GLU A 1361 -11.05 19.65 14.57
CA GLU A 1361 -11.51 20.56 13.54
C GLU A 1361 -11.77 21.94 14.13
N GLY A 1362 -10.96 22.91 13.72
CA GLY A 1362 -11.11 24.27 14.21
C GLY A 1362 -10.67 24.44 15.64
N GLY A 1363 -9.38 24.25 15.91
CA GLY A 1363 -8.83 24.38 17.23
C GLY A 1363 -8.21 23.08 17.71
N TYR A 1364 -8.12 22.94 19.03
CA TYR A 1364 -7.53 21.77 19.66
C TYR A 1364 -8.39 21.33 20.83
N PHE A 1365 -8.29 20.05 21.16
CA PHE A 1365 -9.08 19.44 22.23
C PHE A 1365 -8.18 19.24 23.44
N GLY A 1366 -8.67 19.64 24.60
CA GLY A 1366 -7.89 19.54 25.81
C GLY A 1366 -8.49 18.61 26.83
N ASP A 1367 -7.77 17.57 27.21
CA ASP A 1367 -8.27 16.61 28.17
C ASP A 1367 -7.26 16.44 29.30
N ASN A 1368 -7.77 16.04 30.45
CA ASN A 1368 -6.95 15.74 31.61
C ASN A 1368 -7.08 14.25 31.86
N THR A 1369 -6.05 13.49 31.48
CA THR A 1369 -6.02 12.05 31.69
C THR A 1369 -5.32 11.69 32.98
N ASP A 1370 -5.16 12.62 33.90
CA ASP A 1370 -4.57 12.27 35.18
C ASP A 1370 -5.58 11.65 36.11
N TRP A 1371 -6.86 11.97 35.98
CA TRP A 1371 -7.86 11.33 36.82
C TRP A 1371 -8.10 9.89 36.41
N VAL A 1372 -7.96 9.59 35.11
CA VAL A 1372 -8.16 8.24 34.61
C VAL A 1372 -6.90 7.40 34.79
N GLY A 1373 -5.85 7.97 35.33
CA GLY A 1373 -4.70 7.20 35.75
C GLY A 1373 -4.76 6.89 37.22
N ILE A 1374 -5.26 7.84 38.03
CA ILE A 1374 -5.52 7.57 39.44
C ILE A 1374 -6.68 6.61 39.58
N SER A 1375 -7.64 6.68 38.67
CA SER A 1375 -8.78 5.77 38.72
C SER A 1375 -8.41 4.37 38.26
N ASN A 1376 -7.86 4.24 37.05
CA ASN A 1376 -7.57 2.92 36.50
C ASN A 1376 -6.45 2.20 37.23
N SER A 1377 -5.67 2.89 38.06
CA SER A 1377 -4.75 2.16 38.92
C SER A 1377 -5.49 1.42 40.02
N PHE A 1378 -6.64 1.95 40.44
CA PHE A 1378 -7.46 1.27 41.43
C PHE A 1378 -8.24 0.13 40.83
N ILE A 1379 -8.82 0.35 39.64
CA ILE A 1379 -9.65 -0.67 39.01
C ILE A 1379 -8.80 -1.83 38.54
N ARG A 1380 -7.53 -1.58 38.23
CA ARG A 1380 -6.63 -2.67 37.88
C ARG A 1380 -6.16 -3.46 39.08
N ALA A 1381 -6.39 -2.97 40.30
CA ALA A 1381 -6.01 -3.70 41.50
C ALA A 1381 -7.23 -4.11 42.33
N GLY A 1382 -8.35 -4.38 41.68
CA GLY A 1382 -9.48 -5.03 42.33
C GLY A 1382 -10.59 -4.11 42.80
N VAL A 1383 -10.38 -2.81 42.82
CA VAL A 1383 -11.44 -1.89 43.26
C VAL A 1383 -12.50 -1.80 42.17
N PRO A 1384 -13.78 -1.89 42.51
CA PRO A 1384 -14.82 -1.80 41.49
C PRO A 1384 -14.97 -0.39 40.97
N PRO A 1385 -15.48 -0.21 39.76
CA PRO A 1385 -15.60 1.14 39.20
C PRO A 1385 -16.70 1.99 39.85
N LYS A 1386 -17.63 1.39 40.57
CA LYS A 1386 -18.72 2.15 41.20
C LYS A 1386 -19.01 1.60 42.59
N SER A 1387 -17.95 1.37 43.37
CA SER A 1387 -18.13 0.80 44.70
C SER A 1387 -18.62 1.84 45.69
N SER A 1388 -18.94 1.36 46.89
CA SER A 1388 -19.45 2.19 47.97
C SER A 1388 -18.45 2.16 49.12
N SER A 1389 -17.47 3.05 49.06
CA SER A 1389 -16.51 3.25 50.15
C SER A 1389 -16.32 4.75 50.28
N ASN A 1390 -15.34 5.15 51.08
CA ASN A 1390 -14.93 6.55 51.15
C ASN A 1390 -13.44 6.65 50.89
N GLY A 1391 -12.99 7.89 50.65
CA GLY A 1391 -11.63 8.14 50.22
C GLY A 1391 -10.86 9.04 51.15
N LEU A 1392 -9.65 9.37 50.74
CA LEU A 1392 -8.69 10.15 51.51
C LEU A 1392 -7.60 10.62 50.59
N VAL A 1393 -7.39 11.93 50.50
CA VAL A 1393 -6.33 12.50 49.69
C VAL A 1393 -5.30 13.08 50.64
N VAL A 1394 -4.17 12.40 50.78
CA VAL A 1394 -3.12 12.79 51.71
C VAL A 1394 -2.16 13.68 50.94
N GLY A 1395 -2.19 14.97 51.23
CA GLY A 1395 -1.36 15.94 50.54
C GLY A 1395 -2.18 16.94 49.75
N ALA A 1396 -1.48 18.00 49.33
CA ALA A 1396 -2.06 19.05 48.51
C ALA A 1396 -1.13 19.37 47.35
N GLY A 1397 -0.50 18.35 46.80
CA GLY A 1397 0.54 18.51 45.80
C GLY A 1397 0.03 18.89 44.43
N GLY A 1398 0.84 18.58 43.42
CA GLY A 1398 0.50 18.95 42.06
C GLY A 1398 -0.62 18.13 41.47
N THR A 1399 -0.70 16.84 41.84
CA THR A 1399 -1.76 15.97 41.37
C THR A 1399 -2.92 15.90 42.34
N SER A 1400 -3.01 16.85 43.27
CA SER A 1400 -4.00 16.75 44.33
C SER A 1400 -5.40 16.97 43.81
N ARG A 1401 -5.57 17.85 42.82
CA ARG A 1401 -6.90 18.17 42.33
C ARG A 1401 -7.46 17.09 41.43
N ALA A 1402 -6.60 16.36 40.71
CA ALA A 1402 -7.10 15.24 39.92
C ALA A 1402 -7.52 14.10 40.83
N ALA A 1403 -6.85 13.92 41.96
CA ALA A 1403 -7.18 12.81 42.85
C ALA A 1403 -8.48 13.05 43.58
N ILE A 1404 -8.84 14.31 43.83
CA ILE A 1404 -10.17 14.61 44.35
C ILE A 1404 -11.22 14.28 43.31
N TYR A 1405 -10.97 14.67 42.05
CA TYR A 1405 -11.93 14.42 40.97
C TYR A 1405 -12.00 12.94 40.63
N ALA A 1406 -10.89 12.22 40.72
CA ALA A 1406 -10.90 10.80 40.40
C ALA A 1406 -11.60 10.01 41.49
N LEU A 1407 -11.61 10.52 42.72
CA LEU A 1407 -12.23 9.80 43.81
C LEU A 1407 -13.75 9.88 43.76
N HIS A 1408 -14.32 10.95 43.20
CA HIS A 1408 -15.77 11.01 43.14
C HIS A 1408 -16.33 10.12 42.05
N GLN A 1409 -15.71 10.15 40.87
CA GLN A 1409 -16.17 9.34 39.75
C GLN A 1409 -15.75 7.89 39.86
N MET A 1410 -15.01 7.56 40.91
CA MET A 1410 -14.87 6.19 41.38
C MET A 1410 -16.08 5.76 42.18
N GLY A 1411 -16.70 6.68 42.89
CA GLY A 1411 -17.94 6.39 43.57
C GLY A 1411 -17.87 6.51 45.07
N CYS A 1412 -16.84 7.20 45.57
CA CYS A 1412 -16.73 7.42 47.00
C CYS A 1412 -17.78 8.43 47.45
N ALA A 1413 -18.47 8.12 48.54
CA ALA A 1413 -19.47 9.03 49.07
C ALA A 1413 -18.85 10.23 49.77
N LYS A 1414 -17.59 10.13 50.17
CA LYS A 1414 -16.95 11.18 50.94
C LYS A 1414 -15.45 11.17 50.65
N ILE A 1415 -14.87 12.36 50.50
CA ILE A 1415 -13.44 12.53 50.35
C ILE A 1415 -12.96 13.35 51.56
N TYR A 1416 -11.88 12.92 52.18
CA TYR A 1416 -11.36 13.55 53.39
C TYR A 1416 -9.94 14.05 53.13
N LEU A 1417 -9.79 15.36 52.98
CA LEU A 1417 -8.47 15.95 52.82
C LEU A 1417 -7.71 15.95 54.14
N VAL A 1418 -6.48 15.44 54.12
CA VAL A 1418 -5.56 15.48 55.26
C VAL A 1418 -4.19 15.90 54.74
N ASN A 1419 -3.70 17.05 55.19
CA ASN A 1419 -2.53 17.65 54.56
C ASN A 1419 -1.35 17.71 55.52
N ARG A 1420 -0.18 18.01 54.93
CA ARG A 1420 0.99 18.35 55.73
C ARG A 1420 0.74 19.60 56.55
N THR A 1421 0.49 20.72 55.89
CA THR A 1421 0.17 22.00 56.52
C THR A 1421 -1.16 22.50 55.97
N ALA A 1422 -1.78 23.42 56.71
CA ALA A 1422 -3.13 23.84 56.43
C ALA A 1422 -3.23 25.12 55.60
N ALA A 1423 -2.15 25.52 54.93
CA ALA A 1423 -2.19 26.76 54.15
C ALA A 1423 -2.97 26.57 52.86
N LYS A 1424 -2.60 25.57 52.07
CA LYS A 1424 -3.21 25.30 50.78
C LYS A 1424 -4.36 24.29 50.89
N LEU A 1425 -5.03 24.28 52.05
CA LEU A 1425 -5.98 23.21 52.39
C LEU A 1425 -7.42 23.65 52.15
N GLU A 1426 -7.82 24.79 52.71
CA GLU A 1426 -9.20 25.26 52.57
C GLU A 1426 -9.47 25.83 51.19
N GLU A 1427 -8.44 26.05 50.37
CA GLU A 1427 -8.68 26.55 49.02
C GLU A 1427 -9.25 25.46 48.12
N LEU A 1428 -9.06 24.20 48.49
CA LEU A 1428 -9.54 23.10 47.67
C LEU A 1428 -11.04 22.93 47.73
N VAL A 1429 -11.68 23.41 48.78
CA VAL A 1429 -13.14 23.29 48.87
C VAL A 1429 -13.83 24.46 48.17
N LYS A 1430 -13.22 25.65 48.17
CA LYS A 1430 -13.78 26.77 47.42
C LYS A 1430 -13.55 26.64 45.92
N SER A 1431 -12.69 25.73 45.49
CA SER A 1431 -12.43 25.50 44.07
C SER A 1431 -12.96 24.16 43.59
N PHE A 1432 -13.83 23.52 44.35
CA PHE A 1432 -14.48 22.28 43.99
C PHE A 1432 -15.95 22.36 44.35
N PRO A 1433 -16.83 21.69 43.61
CA PRO A 1433 -18.28 21.82 43.87
C PRO A 1433 -18.70 21.17 45.18
N LYS A 1434 -19.89 21.59 45.64
CA LYS A 1434 -20.45 21.08 46.88
C LYS A 1434 -20.92 19.64 46.75
N ASP A 1435 -21.25 19.20 45.53
CA ASP A 1435 -21.61 17.80 45.30
C ASP A 1435 -20.43 16.88 45.59
N TYR A 1436 -19.23 17.26 45.15
CA TYR A 1436 -18.01 16.55 45.55
C TYR A 1436 -17.73 16.97 47.00
N ASN A 1437 -18.29 16.20 47.93
CA ASN A 1437 -18.20 16.54 49.34
C ASN A 1437 -16.77 16.34 49.86
N LEU A 1438 -16.16 17.42 50.33
CA LEU A 1438 -14.79 17.45 50.80
C LEU A 1438 -14.80 17.90 52.26
N GLU A 1439 -14.83 16.93 53.17
CA GLU A 1439 -14.70 17.28 54.58
C GLU A 1439 -13.23 17.33 54.97
N ILE A 1440 -12.77 18.48 55.44
CA ILE A 1440 -11.39 18.65 55.86
C ILE A 1440 -11.25 18.13 57.28
N VAL A 1441 -10.33 17.21 57.51
CA VAL A 1441 -10.09 16.68 58.84
C VAL A 1441 -9.11 17.61 59.55
N GLU A 1442 -9.41 17.94 60.82
CA GLU A 1442 -8.63 18.87 61.61
C GLU A 1442 -7.92 18.24 62.80
N THR A 1443 -8.61 17.41 63.60
CA THR A 1443 -8.05 16.87 64.83
C THR A 1443 -8.01 15.34 64.79
N GLU A 1444 -7.40 14.76 65.82
CA GLU A 1444 -7.22 13.32 65.89
C GLU A 1444 -8.50 12.59 66.29
N GLN A 1445 -9.38 13.25 67.05
CA GLN A 1445 -10.68 12.67 67.35
C GLN A 1445 -11.55 12.62 66.10
N GLN A 1446 -11.30 13.50 65.14
CA GLN A 1446 -12.00 13.48 63.87
C GLN A 1446 -11.59 12.31 62.99
N ALA A 1447 -10.47 11.65 63.30
CA ALA A 1447 -10.11 10.45 62.57
C ALA A 1447 -11.03 9.30 62.88
N ASP A 1448 -11.66 9.31 64.07
CA ASP A 1448 -12.58 8.24 64.42
C ASP A 1448 -13.90 8.34 63.68
N LYS A 1449 -14.36 9.55 63.38
CA LYS A 1449 -15.61 9.70 62.64
C LYS A 1449 -15.42 9.53 61.14
N ALA A 1450 -14.17 9.51 60.66
CA ALA A 1450 -13.89 9.27 59.24
C ALA A 1450 -14.19 7.81 58.92
N SER A 1451 -15.30 7.57 58.26
CA SER A 1451 -15.82 6.21 58.09
C SER A 1451 -15.59 5.71 56.67
N LYS A 1452 -15.47 4.39 56.56
CA LYS A 1452 -15.48 3.65 55.28
C LYS A 1452 -14.33 4.04 54.35
N VAL A 1453 -13.22 4.50 54.93
CA VAL A 1453 -12.07 4.92 54.14
C VAL A 1453 -11.25 3.73 53.68
N SER A 1454 -11.37 3.37 52.41
CA SER A 1454 -10.60 2.28 51.86
C SER A 1454 -10.15 2.54 50.43
N LEU A 1455 -10.04 3.81 50.05
CA LEU A 1455 -9.58 4.17 48.71
C LEU A 1455 -8.64 5.37 48.77
N ALA A 1456 -7.69 5.34 49.69
CA ALA A 1456 -6.82 6.47 49.93
C ALA A 1456 -5.83 6.70 48.78
N VAL A 1457 -5.38 7.95 48.65
CA VAL A 1457 -4.37 8.36 47.67
C VAL A 1457 -3.36 9.23 48.38
N SER A 1458 -2.09 8.90 48.27
CA SER A 1458 -1.02 9.71 48.85
C SER A 1458 -0.26 10.43 47.77
N CYS A 1459 -0.10 11.74 47.95
CA CYS A 1459 0.66 12.57 47.04
C CYS A 1459 1.57 13.53 47.82
N ILE A 1460 1.76 13.26 49.10
CA ILE A 1460 2.85 13.85 49.89
C ILE A 1460 4.16 13.37 49.28
N PRO A 1461 5.11 14.28 49.02
CA PRO A 1461 6.39 13.85 48.47
C PRO A 1461 7.19 13.02 49.47
N ALA A 1462 8.06 12.17 48.95
CA ALA A 1462 8.87 11.28 49.80
C ALA A 1462 10.21 11.91 50.15
N ASP A 1463 10.17 13.15 50.65
CA ASP A 1463 11.32 13.79 51.26
C ASP A 1463 11.24 13.82 52.77
N LYS A 1464 10.04 13.99 53.32
CA LYS A 1464 9.83 14.05 54.75
C LYS A 1464 9.24 12.73 55.22
N PRO A 1465 9.91 12.00 56.12
CA PRO A 1465 9.25 10.87 56.76
C PRO A 1465 8.13 11.38 57.65
N LEU A 1466 7.01 10.67 57.62
CA LEU A 1466 5.76 11.17 58.18
C LEU A 1466 5.83 11.29 59.70
N ASP A 1467 5.51 12.47 60.21
CA ASP A 1467 5.52 12.73 61.64
C ASP A 1467 4.51 13.84 61.93
N GLY A 1468 4.52 14.31 63.17
CA GLY A 1468 3.76 15.50 63.52
C GLY A 1468 2.27 15.23 63.63
N GLU A 1469 1.49 16.27 63.29
CA GLU A 1469 0.04 16.18 63.34
C GLU A 1469 -0.51 15.28 62.25
N VAL A 1470 0.23 15.15 61.15
CA VAL A 1470 -0.27 14.47 59.96
C VAL A 1470 -0.23 12.97 60.12
N LEU A 1471 0.84 12.46 60.75
CA LEU A 1471 1.01 11.02 60.91
C LEU A 1471 -0.07 10.46 61.83
N LYS A 1472 -0.42 11.18 62.89
CA LYS A 1472 -1.43 10.67 63.83
C LYS A 1472 -2.82 10.66 63.20
N LYS A 1473 -3.07 11.54 62.23
CA LYS A 1473 -4.35 11.52 61.52
C LYS A 1473 -4.46 10.31 60.63
N ILE A 1474 -3.41 10.00 59.87
CA ILE A 1474 -3.43 8.86 58.97
C ILE A 1474 -3.34 7.55 59.74
N GLU A 1475 -2.66 7.55 60.90
CA GLU A 1475 -2.46 6.33 61.66
C GLU A 1475 -3.76 5.77 62.23
N ARG A 1476 -4.73 6.63 62.51
CA ARG A 1476 -6.03 6.18 62.96
C ARG A 1476 -7.04 6.06 61.82
N ILE A 1477 -6.68 6.47 60.61
CA ILE A 1477 -7.56 6.35 59.45
C ILE A 1477 -7.39 5.00 58.77
N LEU A 1478 -6.16 4.56 58.55
CA LEU A 1478 -5.92 3.25 57.94
C LEU A 1478 -6.25 2.10 58.87
N SER A 1479 -6.41 2.35 60.18
CA SER A 1479 -6.73 1.29 61.12
C SER A 1479 -8.14 0.76 60.91
N ASN A 1480 -9.05 1.61 60.44
CA ASN A 1480 -10.41 1.18 60.07
C ASN A 1480 -10.40 0.75 58.60
N GLY A 1481 -9.66 -0.32 58.33
CA GLY A 1481 -9.39 -0.74 56.97
C GLY A 1481 -10.23 -1.90 56.51
N SER A 1482 -9.67 -3.11 56.58
CA SER A 1482 -10.28 -4.30 55.98
C SER A 1482 -11.56 -4.74 56.66
N GLU A 1483 -11.89 -4.23 57.84
CA GLU A 1483 -13.09 -4.69 58.53
C GLU A 1483 -14.37 -4.07 57.98
N GLN A 1484 -14.28 -3.06 57.12
CA GLN A 1484 -15.50 -2.48 56.58
C GLN A 1484 -16.06 -3.30 55.42
N SER A 1485 -15.17 -3.92 54.62
CA SER A 1485 -15.48 -4.97 53.65
C SER A 1485 -16.49 -4.52 52.60
N ALA A 1486 -16.05 -3.58 51.76
CA ALA A 1486 -16.86 -3.10 50.65
C ALA A 1486 -16.68 -3.91 49.39
N GLY A 1487 -16.36 -5.19 49.50
CA GLY A 1487 -16.14 -6.03 48.34
C GLY A 1487 -14.71 -6.01 47.84
N PHE A 1488 -13.82 -5.26 48.49
CA PHE A 1488 -12.44 -5.19 48.08
C PHE A 1488 -11.58 -4.90 49.29
N LYS A 1489 -10.29 -5.07 49.12
CA LYS A 1489 -9.20 -4.83 50.04
C LYS A 1489 -8.82 -3.35 49.99
N PRO A 1490 -8.66 -2.72 51.15
CA PRO A 1490 -8.40 -1.28 51.20
C PRO A 1490 -7.10 -0.90 50.49
N THR A 1491 -7.21 0.10 49.62
CA THR A 1491 -6.19 0.39 48.63
C THR A 1491 -5.62 1.78 48.82
N LEU A 1492 -4.31 1.90 48.74
CA LEU A 1492 -3.62 3.18 48.74
C LEU A 1492 -2.81 3.29 47.46
N LEU A 1493 -2.71 4.50 46.92
CA LEU A 1493 -2.03 4.72 45.66
C LEU A 1493 -1.04 5.86 45.84
N GLU A 1494 0.25 5.51 45.90
CA GLU A 1494 1.28 6.53 45.91
C GLU A 1494 1.41 7.15 44.53
N ALA A 1495 1.48 8.48 44.49
CA ALA A 1495 1.49 9.21 43.25
C ALA A 1495 2.88 9.57 42.77
N SER A 1496 3.91 9.31 43.57
CA SER A 1496 5.27 9.64 43.19
C SER A 1496 5.92 8.43 42.51
N TYR A 1497 6.58 8.68 41.38
CA TYR A 1497 7.10 7.59 40.57
C TYR A 1497 8.37 6.99 41.18
N LYS A 1498 9.42 7.78 41.28
CA LYS A 1498 10.75 7.32 41.62
C LYS A 1498 10.96 6.73 43.02
N PRO A 1499 10.38 7.28 44.13
CA PRO A 1499 10.60 6.61 45.42
C PRO A 1499 9.73 5.39 45.57
N ARG A 1500 10.23 4.24 45.11
CA ARG A 1500 9.47 3.00 45.11
C ARG A 1500 9.06 2.59 46.52
N VAL A 1501 9.93 2.82 47.48
CA VAL A 1501 9.60 2.59 48.89
C VAL A 1501 9.34 3.94 49.53
N THR A 1502 8.11 4.39 49.44
CA THR A 1502 7.68 5.56 50.19
C THR A 1502 7.38 5.14 51.62
N PRO A 1503 7.71 5.99 52.60
CA PRO A 1503 7.33 5.67 53.99
C PRO A 1503 5.84 5.54 54.20
N ILE A 1504 5.02 6.24 53.42
CA ILE A 1504 3.59 6.04 53.52
C ILE A 1504 3.17 4.75 52.83
N MET A 1505 3.99 4.23 51.91
CA MET A 1505 3.70 2.92 51.34
C MET A 1505 4.03 1.81 52.33
N LYS A 1506 5.00 2.05 53.21
CA LYS A 1506 5.34 1.06 54.22
C LYS A 1506 4.31 1.06 55.35
N LEU A 1507 3.94 2.25 55.83
CA LEU A 1507 3.10 2.37 57.01
C LEU A 1507 1.65 2.01 56.72
N THR A 1508 1.27 1.88 55.45
CA THR A 1508 -0.05 1.35 55.16
C THR A 1508 -0.02 -0.13 54.80
N GLU A 1509 1.14 -0.67 54.46
CA GLU A 1509 1.22 -2.08 54.07
C GLU A 1509 1.88 -2.94 55.15
N GLU A 1510 3.04 -2.53 55.66
CA GLU A 1510 3.71 -3.35 56.66
C GLU A 1510 3.14 -3.21 58.06
N GLN A 1511 2.14 -2.34 58.26
CA GLN A 1511 1.55 -2.18 59.58
C GLN A 1511 0.06 -2.48 59.59
N TYR A 1512 -0.69 -2.04 58.59
CA TYR A 1512 -2.15 -2.09 58.63
C TYR A 1512 -2.73 -2.94 57.51
N LYS A 1513 -1.88 -3.58 56.72
CA LYS A 1513 -2.25 -4.58 55.70
C LYS A 1513 -3.22 -4.02 54.65
N TRP A 1514 -2.75 -3.00 53.93
CA TRP A 1514 -3.45 -2.49 52.77
C TRP A 1514 -2.75 -2.98 51.50
N LYS A 1515 -3.46 -2.92 50.39
CA LYS A 1515 -2.85 -3.18 49.10
C LYS A 1515 -2.36 -1.86 48.55
N VAL A 1516 -1.06 -1.65 48.59
CA VAL A 1516 -0.46 -0.38 48.18
C VAL A 1516 0.01 -0.51 46.74
N ILE A 1517 -0.04 0.59 45.99
CA ILE A 1517 0.25 0.61 44.57
C ILE A 1517 1.32 1.65 44.32
N PRO A 1518 2.42 1.32 43.65
CA PRO A 1518 3.45 2.31 43.37
C PRO A 1518 3.01 3.24 42.26
N GLY A 1519 3.78 4.31 42.10
CA GLY A 1519 3.50 5.32 41.11
C GLY A 1519 3.96 5.00 39.72
N VAL A 1520 4.54 3.81 39.50
CA VAL A 1520 4.80 3.36 38.15
C VAL A 1520 3.49 2.95 37.49
N GLU A 1521 2.48 2.58 38.28
CA GLU A 1521 1.19 2.23 37.71
C GLU A 1521 0.41 3.44 37.27
N MET A 1522 0.59 4.57 37.95
CA MET A 1522 -0.11 5.77 37.55
C MET A 1522 0.50 6.38 36.29
N LEU A 1523 1.82 6.25 36.13
CA LEU A 1523 2.48 6.81 34.96
C LEU A 1523 2.13 6.03 33.71
N VAL A 1524 1.78 4.76 33.85
CA VAL A 1524 1.38 3.96 32.70
C VAL A 1524 -0.06 4.27 32.30
N ASN A 1525 -0.96 4.28 33.27
CA ASN A 1525 -2.38 4.47 32.98
C ASN A 1525 -2.72 5.90 32.63
N GLN A 1526 -1.87 6.86 33.00
CA GLN A 1526 -1.95 8.20 32.46
C GLN A 1526 -1.57 8.21 30.98
N GLY A 1527 -0.60 7.37 30.61
CA GLY A 1527 -0.19 7.28 29.23
C GLY A 1527 -1.03 6.34 28.39
N ASP A 1528 -1.82 5.48 29.01
CA ASP A 1528 -2.66 4.57 28.25
C ASP A 1528 -3.85 5.29 27.64
N ARG A 1529 -4.44 6.21 28.37
CA ARG A 1529 -5.52 7.02 27.84
C ARG A 1529 -5.02 8.14 26.96
N GLN A 1530 -3.78 8.59 27.16
CA GLN A 1530 -3.16 9.49 26.20
C GLN A 1530 -2.87 8.78 24.90
N PHE A 1531 -2.58 7.48 24.96
CA PHE A 1531 -2.36 6.71 23.75
C PHE A 1531 -3.65 6.50 22.99
N LYS A 1532 -4.77 6.33 23.71
CA LYS A 1532 -6.06 6.23 23.06
C LYS A 1532 -6.48 7.57 22.46
N LEU A 1533 -6.03 8.68 23.05
CA LEU A 1533 -6.41 9.98 22.54
C LEU A 1533 -5.52 10.44 21.40
N HIS A 1534 -4.26 10.02 21.39
CA HIS A 1534 -3.32 10.49 20.39
C HIS A 1534 -3.46 9.71 19.09
N THR A 1535 -3.63 8.39 19.19
CA THR A 1535 -3.61 7.51 18.04
C THR A 1535 -4.96 6.92 17.68
N GLY A 1536 -5.91 6.89 18.62
CA GLY A 1536 -7.14 6.18 18.41
C GLY A 1536 -7.06 4.70 18.63
N PHE A 1537 -5.95 4.20 19.16
CA PHE A 1537 -5.70 2.78 19.29
C PHE A 1537 -5.44 2.44 20.75
N THR A 1538 -6.00 1.33 21.21
CA THR A 1538 -5.74 0.83 22.55
C THR A 1538 -4.30 0.34 22.62
N ALA A 1539 -3.59 0.77 23.62
CA ALA A 1539 -2.18 0.50 23.70
C ALA A 1539 -1.93 -0.93 24.17
N PRO A 1540 -0.90 -1.60 23.65
CA PRO A 1540 -0.52 -2.92 24.16
C PRO A 1540 0.07 -2.79 25.55
N TYR A 1541 -0.59 -3.37 26.55
CA TYR A 1541 -0.30 -2.99 27.92
C TYR A 1541 1.01 -3.57 28.42
N GLU A 1542 1.31 -4.83 28.09
CA GLU A 1542 2.56 -5.42 28.55
C GLU A 1542 3.75 -4.76 27.87
N ILE A 1543 3.59 -4.29 26.63
CA ILE A 1543 4.70 -3.67 25.93
C ILE A 1543 4.94 -2.25 26.44
N ILE A 1544 3.90 -1.57 26.91
CA ILE A 1544 4.11 -0.25 27.47
C ILE A 1544 4.35 -0.26 28.97
N HIS A 1545 3.93 -1.31 29.68
CA HIS A 1545 4.33 -1.45 31.08
C HIS A 1545 5.80 -1.84 31.18
N ARG A 1546 6.26 -2.70 30.28
CA ARG A 1546 7.67 -3.07 30.20
C ARG A 1546 8.40 -2.14 29.23
N ALA A 1547 8.18 -0.86 29.48
CA ALA A 1547 8.97 0.22 28.90
C ALA A 1547 9.24 1.33 29.90
N VAL A 1548 8.45 1.42 30.97
CA VAL A 1548 8.70 2.34 32.06
C VAL A 1548 9.43 1.68 33.20
N VAL A 1549 9.18 0.39 33.43
CA VAL A 1549 9.68 -0.28 34.63
C VAL A 1549 11.17 -0.58 34.61
N GLU A 1550 11.84 -0.39 33.47
CA GLU A 1550 13.28 -0.63 33.38
C GLU A 1550 14.07 0.39 34.20
N SER B 857 5.64 11.92 -45.14
CA SER B 857 5.95 10.51 -45.36
C SER B 857 6.21 10.26 -46.84
N ASP B 858 5.86 11.23 -47.67
CA ASP B 858 6.03 11.13 -49.11
C ASP B 858 7.14 12.03 -49.63
N LYS B 859 7.26 13.24 -49.08
CA LYS B 859 8.17 14.25 -49.60
C LYS B 859 9.59 13.98 -49.11
N SER B 860 10.48 14.94 -49.33
CA SER B 860 11.87 14.82 -48.95
C SER B 860 12.14 15.52 -47.63
N ILE B 861 13.35 15.31 -47.12
CA ILE B 861 13.81 15.87 -45.87
C ILE B 861 15.10 16.61 -46.20
N ILE B 862 15.02 17.92 -46.39
CA ILE B 862 16.23 18.72 -46.60
C ILE B 862 17.00 18.79 -45.30
N VAL B 863 18.26 18.38 -45.33
CA VAL B 863 19.11 18.41 -44.16
C VAL B 863 20.10 19.56 -44.35
N ILE B 864 20.05 20.52 -43.44
CA ILE B 864 20.98 21.62 -43.44
C ILE B 864 21.84 21.52 -42.19
N GLY B 865 23.07 21.98 -42.28
CA GLY B 865 23.99 21.88 -41.18
C GLY B 865 25.37 21.39 -41.59
N THR B 873 27.60 11.98 -41.06
CA THR B 873 27.49 10.53 -41.04
C THR B 873 26.07 10.09 -40.69
N LEU B 874 25.26 11.06 -40.26
CA LEU B 874 23.90 10.78 -39.84
C LEU B 874 22.90 11.02 -40.96
N SER B 875 23.33 11.67 -42.04
CA SER B 875 22.43 12.01 -43.14
C SER B 875 22.04 10.77 -43.94
N GLU B 876 23.02 9.94 -44.32
CA GLU B 876 22.70 8.74 -45.07
C GLU B 876 22.15 7.64 -44.19
N TRP B 877 22.31 7.75 -42.87
CA TRP B 877 21.63 6.82 -41.98
C TRP B 877 20.14 7.09 -41.95
N LEU B 878 19.75 8.36 -42.08
CA LEU B 878 18.36 8.71 -42.29
C LEU B 878 17.87 8.22 -43.65
N ALA B 879 18.76 8.17 -44.64
CA ALA B 879 18.36 7.67 -45.95
C ALA B 879 18.09 6.18 -45.92
N SER B 880 18.86 5.43 -45.12
CA SER B 880 18.67 3.99 -45.03
C SER B 880 17.56 3.60 -44.06
N PHE B 881 16.78 4.56 -43.57
CA PHE B 881 15.65 4.24 -42.70
C PHE B 881 14.34 4.19 -43.46
N LEU B 882 14.07 5.17 -44.31
CA LEU B 882 12.83 5.21 -45.07
C LEU B 882 13.01 4.72 -46.51
N GLY B 883 14.13 4.12 -46.85
CA GLY B 883 14.38 3.73 -48.22
C GLY B 883 14.71 4.91 -49.11
N PHE B 884 15.50 5.84 -48.62
CA PHE B 884 15.89 7.04 -49.34
C PHE B 884 17.33 6.93 -49.78
N LYS B 885 17.74 7.86 -50.64
CA LYS B 885 19.10 7.89 -51.14
C LYS B 885 19.65 9.31 -51.10
N MET B 886 20.89 9.44 -50.63
CA MET B 886 21.49 10.73 -50.37
C MET B 886 21.82 11.47 -51.66
N LEU B 887 21.55 12.77 -51.67
CA LEU B 887 21.93 13.67 -52.76
C LEU B 887 22.68 14.84 -52.13
N ASP B 888 24.00 14.70 -52.02
CA ASP B 888 24.83 15.80 -51.56
C ASP B 888 24.88 16.87 -52.63
N MET B 889 24.70 18.12 -52.23
CA MET B 889 24.81 19.22 -53.17
C MET B 889 26.22 19.81 -53.24
N ASP B 890 27.17 19.28 -52.46
CA ASP B 890 28.55 19.68 -52.65
C ASP B 890 29.14 18.99 -53.88
N LYS B 891 28.82 17.71 -54.07
CA LYS B 891 29.27 16.98 -55.25
C LYS B 891 28.48 17.33 -56.50
N TYR B 892 27.27 17.88 -56.32
CA TYR B 892 26.47 18.27 -57.47
C TYR B 892 27.03 19.52 -58.15
N LEU B 893 27.80 20.33 -57.43
CA LEU B 893 28.43 21.51 -57.99
C LEU B 893 29.63 21.15 -58.86
N PHE B 913 30.28 32.76 -56.12
CA PHE B 913 29.90 31.43 -55.68
C PHE B 913 28.43 31.38 -55.32
N ARG B 914 27.93 32.48 -54.76
CA ARG B 914 26.59 32.49 -54.19
C ARG B 914 25.50 32.58 -55.23
N GLN B 915 25.85 32.85 -56.50
CA GLN B 915 24.83 32.97 -57.53
C GLN B 915 24.53 31.62 -58.18
N GLU B 916 25.52 30.72 -58.24
CA GLU B 916 25.25 29.38 -58.75
C GLU B 916 24.72 28.46 -57.66
N GLU B 917 24.75 28.89 -56.40
CA GLU B 917 24.08 28.12 -55.36
C GLU B 917 22.57 28.37 -55.34
N ALA B 918 22.12 29.48 -55.92
CA ALA B 918 20.70 29.76 -56.02
C ALA B 918 20.05 29.11 -57.23
N ILE B 919 20.80 28.92 -58.31
CA ILE B 919 20.24 28.27 -59.50
C ILE B 919 20.18 26.75 -59.31
N VAL B 920 20.90 26.23 -58.31
CA VAL B 920 20.82 24.81 -57.99
C VAL B 920 19.66 24.54 -57.04
N ALA B 921 19.35 25.47 -56.15
CA ALA B 921 18.27 25.29 -55.19
C ALA B 921 16.88 25.36 -55.82
N LYS B 922 16.77 25.78 -57.08
CA LYS B 922 15.46 25.82 -57.72
C LYS B 922 14.97 24.41 -58.08
N GLU B 923 15.82 23.63 -58.75
CA GLU B 923 15.34 22.36 -59.28
C GLU B 923 15.22 21.30 -58.19
N CYS B 924 16.35 20.91 -57.58
CA CYS B 924 16.38 19.70 -56.75
C CYS B 924 15.53 19.81 -55.49
N PHE B 925 15.22 21.03 -55.04
CA PHE B 925 14.25 21.17 -53.96
C PHE B 925 12.81 20.98 -54.44
N THR B 926 12.58 20.86 -55.75
CA THR B 926 11.26 20.58 -56.31
C THR B 926 11.24 19.33 -57.18
N LYS B 927 12.23 19.13 -58.06
CA LYS B 927 12.19 17.94 -58.91
C LYS B 927 12.64 16.69 -58.17
N PHE B 928 13.60 16.80 -57.25
CA PHE B 928 13.97 15.65 -56.42
C PHE B 928 13.19 15.65 -55.11
N SER B 929 11.89 15.87 -55.22
CA SER B 929 10.96 15.83 -54.09
C SER B 929 10.23 14.50 -54.02
N LYS B 930 10.96 13.39 -54.12
CA LYS B 930 10.34 12.08 -53.93
C LYS B 930 11.04 11.28 -52.84
N GLY B 931 12.34 11.06 -52.96
CA GLY B 931 13.01 10.10 -52.11
C GLY B 931 14.44 10.41 -51.73
N TYR B 932 14.81 11.68 -51.69
CA TYR B 932 16.20 12.04 -51.48
C TYR B 932 16.36 12.82 -50.18
N VAL B 933 17.46 12.55 -49.48
CA VAL B 933 17.81 13.27 -48.25
C VAL B 933 18.81 14.32 -48.69
N LEU B 934 18.30 15.50 -49.06
CA LEU B 934 19.11 16.51 -49.72
C LEU B 934 19.94 17.25 -48.69
N SER B 935 21.09 16.67 -48.38
CA SER B 935 22.07 17.34 -47.54
C SER B 935 22.65 18.53 -48.30
N THR B 936 22.79 19.65 -47.63
CA THR B 936 23.28 20.86 -48.26
C THR B 936 24.73 21.09 -47.90
N GLY B 937 25.29 22.18 -48.41
CA GLY B 937 26.60 22.62 -48.00
C GLY B 937 26.54 23.35 -46.68
N GLY B 938 27.69 23.92 -46.30
CA GLY B 938 27.77 24.70 -45.09
C GLY B 938 27.07 26.03 -45.20
N GLY B 939 27.56 26.90 -46.09
CA GLY B 939 26.99 28.22 -46.24
C GLY B 939 25.96 28.34 -47.35
N ILE B 940 24.90 27.53 -47.30
CA ILE B 940 23.82 27.72 -48.26
C ILE B 940 22.95 28.91 -47.85
N VAL B 941 22.87 29.19 -46.56
CA VAL B 941 21.97 30.21 -46.02
C VAL B 941 22.51 31.62 -46.21
N GLU B 942 23.68 31.74 -46.83
CA GLU B 942 24.24 33.05 -47.15
C GLU B 942 23.40 33.69 -48.26
N GLY B 943 22.86 34.86 -47.97
CA GLY B 943 22.02 35.54 -48.96
C GLY B 943 20.57 35.13 -48.86
N GLU B 944 19.70 36.05 -49.27
CA GLU B 944 18.26 35.86 -49.20
C GLU B 944 17.70 35.06 -50.37
N ASP B 945 18.55 34.40 -51.16
CA ASP B 945 18.09 33.70 -52.34
C ASP B 945 17.42 32.37 -51.97
N ALA B 946 18.14 31.50 -51.27
CA ALA B 946 17.62 30.21 -50.89
C ALA B 946 16.93 30.22 -49.54
N ARG B 947 17.12 31.28 -48.74
CA ARG B 947 16.50 31.35 -47.43
C ARG B 947 14.99 31.54 -47.55
N GLN B 948 14.55 32.36 -48.50
CA GLN B 948 13.13 32.44 -48.77
C GLN B 948 12.62 31.25 -49.57
N GLN B 949 13.53 30.50 -50.19
CA GLN B 949 13.14 29.26 -50.85
C GLN B 949 13.04 28.11 -49.85
N LEU B 950 13.92 28.09 -48.86
CA LEU B 950 13.85 27.08 -47.81
C LEU B 950 12.61 27.28 -46.95
N LYS B 951 12.29 28.52 -46.62
CA LYS B 951 11.09 28.79 -45.83
C LYS B 951 9.83 28.62 -46.64
N SER B 952 9.91 28.67 -47.97
CA SER B 952 8.74 28.37 -48.79
C SER B 952 8.42 26.89 -48.77
N TYR B 953 9.46 26.05 -48.74
CA TYR B 953 9.25 24.62 -48.65
C TYR B 953 9.01 24.17 -47.22
N ALA B 954 9.51 24.93 -46.24
CA ALA B 954 9.24 24.62 -44.85
C ALA B 954 7.82 24.97 -44.47
N ASP B 955 7.21 25.93 -45.16
CA ASP B 955 5.82 26.28 -44.91
C ASP B 955 4.84 25.51 -45.78
N ASN B 956 5.32 24.81 -46.81
CA ASN B 956 4.46 24.02 -47.68
C ASN B 956 4.40 22.55 -47.26
N GLY B 957 4.66 22.26 -46.00
CA GLY B 957 4.57 20.90 -45.51
C GLY B 957 5.87 20.13 -45.50
N GLY B 958 6.95 20.68 -46.05
CA GLY B 958 8.21 19.98 -46.10
C GLY B 958 8.95 20.01 -44.78
N ILE B 959 10.03 19.24 -44.73
CA ILE B 959 10.83 19.11 -43.52
C ILE B 959 12.22 19.62 -43.82
N VAL B 960 12.63 20.66 -43.13
CA VAL B 960 14.00 21.13 -43.17
C VAL B 960 14.61 20.83 -41.83
N LEU B 961 15.66 20.02 -41.82
CA LEU B 961 16.16 19.42 -40.60
C LEU B 961 17.60 19.85 -40.36
N HIS B 962 17.92 20.10 -39.10
CA HIS B 962 19.23 20.61 -38.71
C HIS B 962 19.86 19.67 -37.71
N LEU B 963 20.99 19.08 -38.09
CA LEU B 963 21.81 18.27 -37.18
C LEU B 963 22.86 19.18 -36.55
N HIS B 964 22.59 19.61 -35.33
CA HIS B 964 23.46 20.54 -34.63
C HIS B 964 24.72 19.82 -34.17
N ARG B 965 25.88 20.38 -34.53
CA ARG B 965 27.14 19.71 -34.21
C ARG B 965 27.51 19.87 -32.74
N ASP B 966 27.72 21.11 -32.31
CA ASP B 966 28.17 21.35 -30.94
C ASP B 966 27.73 22.70 -30.37
N VAL B 990 32.03 32.25 -37.08
CA VAL B 990 31.11 31.83 -38.13
C VAL B 990 29.96 31.05 -37.50
N TRP B 991 30.29 30.21 -36.52
CA TRP B 991 29.28 29.44 -35.81
C TRP B 991 28.38 30.33 -34.96
N LEU B 992 28.86 31.50 -34.56
CA LEU B 992 28.00 32.51 -33.95
C LEU B 992 27.26 33.35 -34.99
N ARG B 993 27.46 33.07 -36.28
CA ARG B 993 26.86 33.84 -37.36
C ARG B 993 26.13 32.97 -38.38
N ARG B 994 26.53 31.71 -38.56
CA ARG B 994 25.87 30.83 -39.51
C ARG B 994 24.83 29.93 -38.86
N GLU B 995 24.99 29.57 -37.59
CA GLU B 995 24.02 28.74 -36.89
C GLU B 995 22.72 29.49 -36.66
N LYS B 996 22.78 30.82 -36.58
CA LYS B 996 21.57 31.60 -36.37
C LYS B 996 20.70 31.72 -37.60
N TRP B 997 21.16 31.26 -38.76
CA TRP B 997 20.30 31.06 -39.92
C TRP B 997 19.91 29.61 -40.12
N TYR B 998 20.61 28.69 -39.47
CA TYR B 998 20.15 27.30 -39.43
C TYR B 998 18.95 27.15 -38.52
N HIS B 999 18.84 28.01 -37.51
CA HIS B 999 17.79 27.85 -36.51
C HIS B 999 16.48 28.50 -36.94
N GLU B 1000 16.54 29.56 -37.76
CA GLU B 1000 15.34 30.22 -38.22
C GLU B 1000 14.83 29.70 -39.57
N CYS B 1001 15.62 28.92 -40.30
CA CYS B 1001 15.13 28.33 -41.53
C CYS B 1001 14.54 26.95 -41.32
N SER B 1002 15.21 26.10 -40.53
CA SER B 1002 14.74 24.76 -40.29
C SER B 1002 13.57 24.77 -39.32
N ASN B 1003 12.62 23.87 -39.55
CA ASN B 1003 11.48 23.75 -38.67
C ASN B 1003 11.62 22.61 -37.67
N TYR B 1004 12.65 21.78 -37.81
CA TYR B 1004 12.90 20.69 -36.89
C TYR B 1004 14.39 20.63 -36.57
N HIS B 1005 14.71 20.39 -35.31
CA HIS B 1005 16.08 20.44 -34.84
C HIS B 1005 16.42 19.15 -34.10
N PHE B 1006 17.61 18.61 -34.36
CA PHE B 1006 18.17 17.50 -33.62
C PHE B 1006 19.63 17.81 -33.30
N TYR B 1007 20.04 17.49 -32.07
CA TYR B 1007 21.39 17.79 -31.60
C TYR B 1007 22.19 16.49 -31.64
N SER B 1008 23.00 16.33 -32.67
CA SER B 1008 23.87 15.16 -32.78
C SER B 1008 25.16 15.47 -32.03
N SER B 1009 25.08 15.37 -30.71
CA SER B 1009 26.26 15.53 -29.88
C SER B 1009 27.16 14.30 -29.98
N HIS B 1010 28.44 14.49 -29.67
CA HIS B 1010 29.41 13.43 -29.81
C HIS B 1010 29.29 12.42 -28.66
N CYS B 1011 29.60 11.17 -28.96
CA CYS B 1011 29.50 10.07 -28.01
C CYS B 1011 30.85 9.36 -27.91
N SER B 1012 31.28 9.09 -26.69
CA SER B 1012 32.53 8.35 -26.44
C SER B 1012 32.27 6.86 -26.24
N THR B 1013 31.46 6.50 -25.25
CA THR B 1013 31.13 5.11 -25.02
C THR B 1013 30.07 4.64 -26.01
N GLU B 1014 30.06 3.34 -26.28
CA GLU B 1014 29.18 2.78 -27.29
C GLU B 1014 27.73 2.69 -26.84
N ASP B 1015 27.47 2.79 -25.52
CA ASP B 1015 26.10 2.81 -25.05
C ASP B 1015 25.42 4.15 -25.33
N GLU B 1016 26.20 5.24 -25.37
CA GLU B 1016 25.64 6.52 -25.76
C GLU B 1016 25.41 6.59 -27.26
N PHE B 1017 26.26 5.95 -28.05
CA PHE B 1017 26.09 5.91 -29.49
C PHE B 1017 24.98 4.97 -29.92
N ASN B 1018 24.52 4.10 -29.02
CA ASN B 1018 23.36 3.25 -29.27
C ASN B 1018 22.08 4.04 -29.00
N HIS B 1019 22.06 4.82 -27.91
CA HIS B 1019 20.89 5.61 -27.57
C HIS B 1019 20.61 6.70 -28.58
N LEU B 1020 21.64 7.28 -29.16
CA LEU B 1020 21.46 8.35 -30.13
C LEU B 1020 20.94 7.85 -31.47
N ARG B 1021 21.08 6.56 -31.77
CA ARG B 1021 20.42 5.98 -32.92
C ARG B 1021 19.11 5.31 -32.57
N ARG B 1022 18.85 5.07 -31.29
CA ARG B 1022 17.53 4.67 -30.84
C ARG B 1022 16.62 5.85 -30.63
N SER B 1023 17.17 7.01 -30.30
CA SER B 1023 16.40 8.23 -30.19
C SER B 1023 16.31 9.01 -31.49
N PHE B 1024 17.01 8.58 -32.54
CA PHE B 1024 16.82 9.18 -33.84
C PHE B 1024 15.92 8.35 -34.74
N VAL B 1025 15.67 7.09 -34.40
CA VAL B 1025 14.56 6.37 -35.01
C VAL B 1025 13.25 6.94 -34.51
N ASN B 1026 13.13 7.14 -33.20
CA ASN B 1026 11.91 7.68 -32.61
C ASN B 1026 11.72 9.15 -32.94
N TYR B 1027 12.78 9.88 -33.23
CA TYR B 1027 12.65 11.26 -33.67
C TYR B 1027 12.14 11.32 -35.10
N ILE B 1028 12.66 10.47 -35.97
CA ILE B 1028 12.27 10.51 -37.37
C ILE B 1028 10.90 9.87 -37.57
N LYS B 1029 10.54 8.90 -36.73
CA LYS B 1029 9.18 8.37 -36.74
C LYS B 1029 8.13 9.39 -36.32
N LEU B 1030 8.55 10.47 -35.66
CA LEU B 1030 7.65 11.52 -35.22
C LEU B 1030 7.49 12.63 -36.26
N ILE B 1031 8.60 13.24 -36.68
CA ILE B 1031 8.53 14.42 -37.52
C ILE B 1031 8.10 14.10 -38.95
N THR B 1032 8.21 12.84 -39.37
CA THR B 1032 7.79 12.47 -40.71
C THR B 1032 6.32 12.12 -40.75
N GLY B 1033 5.83 11.41 -39.74
CA GLY B 1033 4.44 11.04 -39.70
C GLY B 1033 4.26 9.54 -39.66
N ALA B 1034 5.29 8.83 -39.22
CA ALA B 1034 5.26 7.38 -39.23
C ALA B 1034 4.38 6.85 -38.11
N GLU B 1035 4.68 7.24 -36.87
CA GLU B 1035 3.88 6.80 -35.75
C GLU B 1035 3.93 7.88 -34.67
N ARG B 1036 2.79 8.48 -34.39
CA ARG B 1036 2.66 9.38 -33.26
C ARG B 1036 2.82 8.58 -31.96
N PRO B 1037 3.36 9.21 -30.90
CA PRO B 1037 3.64 8.46 -29.67
C PRO B 1037 2.37 8.05 -28.93
N VAL B 1038 2.03 6.77 -29.02
CA VAL B 1038 0.76 6.29 -28.48
C VAL B 1038 0.81 6.26 -26.96
N VAL B 1039 -0.36 6.45 -26.35
CA VAL B 1039 -0.50 6.30 -24.90
C VAL B 1039 -0.28 4.85 -24.53
N PRO B 1040 0.53 4.55 -23.50
CA PRO B 1040 0.82 3.15 -23.16
C PRO B 1040 -0.42 2.40 -22.69
N ALA B 1041 -0.39 1.08 -22.87
CA ALA B 1041 -1.60 0.28 -22.80
C ALA B 1041 -2.08 0.08 -21.36
N GLY B 1042 -1.26 -0.57 -20.54
CA GLY B 1042 -1.65 -0.83 -19.17
C GLY B 1042 -1.16 0.23 -18.22
N ARG B 1043 -0.34 -0.19 -17.25
CA ARG B 1043 0.19 0.71 -16.24
C ARG B 1043 1.55 1.23 -16.70
N SER B 1044 1.73 2.53 -16.62
CA SER B 1044 2.96 3.17 -17.07
C SER B 1044 3.38 4.21 -16.05
N ALA B 1045 4.66 4.55 -16.09
CA ALA B 1045 5.23 5.56 -15.21
C ALA B 1045 5.84 6.69 -16.03
N ALA B 1046 6.23 7.76 -15.35
CA ALA B 1046 6.81 8.92 -16.04
C ALA B 1046 7.69 9.66 -15.03
N VAL B 1047 9.00 9.48 -15.13
CA VAL B 1047 9.91 9.98 -14.11
C VAL B 1047 10.04 11.50 -14.22
N VAL B 1048 9.96 12.18 -13.09
CA VAL B 1048 9.94 13.63 -13.04
C VAL B 1048 11.37 14.09 -12.76
N LEU B 1049 12.13 14.28 -13.83
CA LEU B 1049 13.50 14.77 -13.72
C LEU B 1049 13.47 16.23 -13.31
N THR B 1050 13.77 16.51 -12.04
CA THR B 1050 13.72 17.84 -11.47
C THR B 1050 15.11 18.31 -11.08
N SER B 1051 16.10 18.04 -11.92
CA SER B 1051 17.40 18.55 -11.57
C SER B 1051 17.71 19.79 -12.37
N PRO B 1052 18.33 20.81 -11.76
CA PRO B 1052 18.64 22.04 -12.50
C PRO B 1052 19.73 21.88 -13.53
N ASP B 1053 20.50 20.80 -13.48
CA ASP B 1053 21.50 20.50 -14.51
C ASP B 1053 21.61 18.99 -14.51
N LEU B 1054 21.22 18.37 -15.62
CA LEU B 1054 21.26 16.91 -15.72
C LEU B 1054 22.68 16.38 -15.84
N ASN B 1055 23.67 17.24 -16.08
CA ASN B 1055 25.05 16.80 -16.13
C ASN B 1055 25.60 16.49 -14.75
N GLU B 1056 24.96 16.97 -13.68
CA GLU B 1056 25.35 16.55 -12.34
C GLU B 1056 24.90 15.12 -12.05
N VAL B 1057 23.85 14.66 -12.71
CA VAL B 1057 23.33 13.31 -12.53
C VAL B 1057 23.41 12.52 -13.84
N VAL B 1058 24.39 12.87 -14.68
CA VAL B 1058 24.49 12.30 -16.02
C VAL B 1058 24.91 10.83 -15.99
N GLY B 1059 25.60 10.40 -14.94
CA GLY B 1059 26.09 9.04 -14.89
C GLY B 1059 25.00 8.05 -14.55
N ASP B 1060 24.12 8.43 -13.64
CA ASP B 1060 23.09 7.55 -13.13
C ASP B 1060 21.75 7.73 -13.82
N LEU B 1061 21.75 8.22 -15.07
CA LEU B 1061 20.49 8.44 -15.77
C LEU B 1061 19.84 7.12 -16.17
N GLU B 1062 20.63 6.06 -16.33
CA GLU B 1062 20.05 4.77 -16.65
C GLU B 1062 19.40 4.14 -15.42
N SER B 1063 19.89 4.47 -14.23
CA SER B 1063 19.26 3.99 -13.01
C SER B 1063 18.07 4.82 -12.60
N ILE B 1064 18.00 6.07 -13.06
CA ILE B 1064 16.83 6.90 -12.79
C ILE B 1064 15.66 6.42 -13.62
N THR B 1065 15.86 6.23 -14.92
CA THR B 1065 14.79 5.84 -15.84
C THR B 1065 14.61 4.32 -15.84
N ILE B 1066 14.24 3.80 -14.68
CA ILE B 1066 13.92 2.39 -14.50
C ILE B 1066 12.44 2.32 -14.14
N GLY B 1067 11.67 1.58 -14.92
CA GLY B 1067 10.24 1.56 -14.78
C GLY B 1067 9.51 2.66 -15.51
N ALA B 1068 10.21 3.70 -15.94
CA ALA B 1068 9.58 4.82 -16.60
C ALA B 1068 9.31 4.50 -18.06
N ASP B 1069 8.11 4.83 -18.51
CA ASP B 1069 7.81 4.84 -19.93
C ASP B 1069 8.05 6.18 -20.57
N ALA B 1070 8.28 7.21 -19.77
CA ALA B 1070 8.59 8.54 -20.26
C ALA B 1070 9.38 9.29 -19.19
N VAL B 1071 10.00 10.37 -19.61
CA VAL B 1071 10.64 11.30 -18.70
C VAL B 1071 9.84 12.59 -18.73
N GLU B 1072 9.85 13.32 -17.62
CA GLU B 1072 9.08 14.53 -17.48
C GLU B 1072 10.04 15.69 -17.29
N LEU B 1073 10.36 16.37 -18.39
CA LEU B 1073 11.34 17.44 -18.35
C LEU B 1073 10.66 18.69 -17.83
N ARG B 1074 10.87 18.98 -16.55
CA ARG B 1074 10.37 20.20 -15.93
C ARG B 1074 11.28 21.33 -16.39
N VAL B 1075 10.84 22.06 -17.42
CA VAL B 1075 11.70 23.01 -18.09
C VAL B 1075 11.97 24.23 -17.22
N ASP B 1076 11.00 24.64 -16.40
CA ASP B 1076 11.14 25.84 -15.59
C ASP B 1076 12.10 25.64 -14.42
N LEU B 1077 12.39 24.41 -14.04
CA LEU B 1077 13.27 24.12 -12.91
C LEU B 1077 14.75 24.08 -13.29
N PHE B 1078 15.11 24.50 -14.49
CA PHE B 1078 16.51 24.51 -14.92
C PHE B 1078 17.24 25.70 -14.32
N LYS B 1079 18.51 25.86 -14.70
CA LYS B 1079 19.23 27.08 -14.34
C LYS B 1079 18.72 28.27 -15.14
N ASP B 1080 18.76 28.17 -16.46
CA ASP B 1080 18.21 29.20 -17.32
C ASP B 1080 17.34 28.56 -18.39
N THR B 1081 16.15 29.10 -18.58
CA THR B 1081 15.19 28.59 -19.54
C THR B 1081 15.33 29.30 -20.89
N SER B 1082 16.54 29.32 -21.42
CA SER B 1082 16.79 29.94 -22.72
C SER B 1082 16.43 28.96 -23.82
N ALA B 1083 16.66 29.37 -25.06
CA ALA B 1083 16.44 28.45 -26.17
C ALA B 1083 17.56 27.42 -26.29
N GLU B 1084 18.73 27.73 -25.73
CA GLU B 1084 19.92 26.92 -25.94
C GLU B 1084 20.22 25.96 -24.80
N PHE B 1085 19.78 26.28 -23.57
CA PHE B 1085 20.07 25.39 -22.45
C PHE B 1085 19.12 24.21 -22.43
N VAL B 1086 17.85 24.41 -22.74
CA VAL B 1086 16.90 23.30 -22.72
C VAL B 1086 17.11 22.40 -23.94
N ALA B 1087 17.63 22.95 -25.04
CA ALA B 1087 17.99 22.11 -26.18
C ALA B 1087 19.24 21.30 -25.91
N ALA B 1088 20.05 21.69 -24.93
CA ALA B 1088 21.22 20.93 -24.54
C ALA B 1088 20.93 19.91 -23.45
N GLN B 1089 19.87 20.09 -22.68
CA GLN B 1089 19.47 19.09 -21.71
C GLN B 1089 18.64 17.98 -22.32
N ILE B 1090 17.99 18.22 -23.46
CA ILE B 1090 17.30 17.16 -24.17
C ILE B 1090 18.31 16.22 -24.80
N ALA B 1091 19.48 16.72 -25.18
CA ALA B 1091 20.52 15.87 -25.74
C ALA B 1091 21.15 14.95 -24.70
N VAL B 1092 20.93 15.20 -23.41
CA VAL B 1092 21.44 14.33 -22.37
C VAL B 1092 20.46 13.20 -22.04
N ILE B 1093 19.15 13.43 -22.21
CA ILE B 1093 18.18 12.37 -21.98
C ILE B 1093 17.91 11.62 -23.27
N ARG B 1094 18.73 11.86 -24.29
CA ARG B 1094 18.71 11.06 -25.49
C ARG B 1094 20.02 10.38 -25.79
N LYS B 1095 21.14 10.87 -25.25
CA LYS B 1095 22.37 10.12 -25.29
C LYS B 1095 22.57 9.23 -24.08
N HIS B 1096 21.68 9.34 -23.08
CA HIS B 1096 21.69 8.46 -21.93
C HIS B 1096 20.35 7.79 -21.66
N ALA B 1097 19.33 8.07 -22.47
CA ALA B 1097 18.06 7.37 -22.38
C ALA B 1097 17.45 7.32 -23.76
N ASP B 1098 16.31 6.66 -23.87
CA ASP B 1098 15.59 6.60 -25.14
C ASP B 1098 14.10 6.85 -24.98
N LEU B 1099 13.64 7.22 -23.80
CA LEU B 1099 12.23 7.34 -23.53
C LEU B 1099 11.67 8.60 -24.17
N PRO B 1100 10.36 8.66 -24.39
CA PRO B 1100 9.72 9.91 -24.78
C PRO B 1100 9.83 10.97 -23.69
N ILE B 1101 9.78 12.24 -24.11
CA ILE B 1101 9.99 13.37 -23.21
C ILE B 1101 8.68 14.13 -23.07
N ILE B 1102 8.28 14.40 -21.84
CA ILE B 1102 7.14 15.26 -21.55
C ILE B 1102 7.69 16.65 -21.25
N TYR B 1103 7.28 17.63 -22.05
CA TYR B 1103 7.88 18.96 -22.02
C TYR B 1103 7.01 19.88 -21.17
N THR B 1104 7.22 19.84 -19.86
CA THR B 1104 6.42 20.59 -18.92
C THR B 1104 7.07 21.96 -18.69
N VAL B 1105 6.38 23.02 -19.09
CA VAL B 1105 6.79 24.36 -18.64
C VAL B 1105 5.74 24.83 -17.65
N ARG B 1106 6.00 24.62 -16.37
CA ARG B 1106 5.00 24.78 -15.32
C ARG B 1106 5.08 26.19 -14.76
N THR B 1107 3.99 26.93 -14.84
CA THR B 1107 3.96 28.32 -14.43
C THR B 1107 3.87 28.42 -12.91
N VAL B 1108 4.02 29.65 -12.40
CA VAL B 1108 4.05 29.83 -10.95
C VAL B 1108 2.65 29.76 -10.37
N SER B 1109 1.62 29.95 -11.20
CA SER B 1109 0.25 29.82 -10.76
C SER B 1109 -0.21 28.37 -10.68
N GLN B 1110 0.64 27.42 -11.03
CA GLN B 1110 0.29 26.01 -10.98
C GLN B 1110 1.31 25.17 -10.21
N GLY B 1111 2.30 25.79 -9.58
CA GLY B 1111 3.21 25.06 -8.72
C GLY B 1111 4.64 25.00 -9.17
N GLY B 1112 5.02 25.75 -10.19
CA GLY B 1112 6.39 25.71 -10.67
C GLY B 1112 7.13 27.01 -10.44
N LYS B 1113 8.09 27.30 -11.30
CA LYS B 1113 8.92 28.48 -11.17
C LYS B 1113 8.95 29.30 -12.44
N PHE B 1114 7.87 29.30 -13.22
CA PHE B 1114 7.85 30.14 -14.40
C PHE B 1114 6.91 31.31 -14.19
N PRO B 1115 7.34 32.53 -14.49
CA PRO B 1115 6.48 33.68 -14.25
C PRO B 1115 5.33 33.76 -15.25
N ASP B 1116 4.15 34.14 -14.75
CA ASP B 1116 2.94 34.10 -15.55
C ASP B 1116 2.89 35.22 -16.57
N GLU B 1117 3.52 36.35 -16.26
CA GLU B 1117 3.50 37.50 -17.14
C GLU B 1117 4.35 37.29 -18.39
N ASN B 1118 5.30 36.37 -18.36
CA ASN B 1118 6.10 36.03 -19.54
C ASN B 1118 5.29 35.06 -20.41
N VAL B 1119 4.45 35.65 -21.25
CA VAL B 1119 3.69 34.87 -22.22
C VAL B 1119 4.50 34.66 -23.50
N ASP B 1120 5.28 35.66 -23.92
CA ASP B 1120 6.08 35.53 -25.13
C ASP B 1120 7.26 34.58 -24.95
N GLU B 1121 7.83 34.51 -23.75
CA GLU B 1121 8.88 33.55 -23.48
C GLU B 1121 8.32 32.15 -23.21
N LEU B 1122 7.03 32.03 -22.97
CA LEU B 1122 6.41 30.72 -22.82
C LEU B 1122 5.96 30.16 -24.15
N LYS B 1123 5.51 31.03 -25.07
CA LYS B 1123 5.19 30.59 -26.42
C LYS B 1123 6.44 30.11 -27.15
N SER B 1124 7.58 30.77 -26.91
CA SER B 1124 8.80 30.37 -27.58
C SER B 1124 9.37 29.07 -27.02
N LEU B 1125 9.17 28.80 -25.73
CA LEU B 1125 9.71 27.57 -25.15
C LEU B 1125 8.95 26.36 -25.62
N LEU B 1126 7.62 26.46 -25.69
CA LEU B 1126 6.83 25.32 -26.09
C LEU B 1126 6.86 25.11 -27.61
N LEU B 1127 7.09 26.18 -28.37
CA LEU B 1127 7.33 26.02 -29.80
C LEU B 1127 8.71 25.47 -30.11
N LEU B 1128 9.65 25.56 -29.16
CA LEU B 1128 10.96 24.97 -29.34
C LEU B 1128 10.94 23.47 -29.09
N GLY B 1129 10.16 23.03 -28.10
CA GLY B 1129 10.02 21.61 -27.83
C GLY B 1129 9.35 20.86 -28.96
N ILE B 1130 8.48 21.52 -29.71
CA ILE B 1130 7.95 20.93 -30.93
C ILE B 1130 9.05 20.74 -31.96
N ARG B 1131 9.98 21.71 -32.04
CA ARG B 1131 11.05 21.63 -33.02
C ARG B 1131 12.05 20.53 -32.68
N LEU B 1132 12.26 20.28 -31.39
CA LEU B 1132 13.19 19.25 -30.97
C LEU B 1132 12.58 17.87 -30.99
N GLY B 1133 11.31 17.74 -31.35
CA GLY B 1133 10.70 16.45 -31.48
C GLY B 1133 10.42 15.75 -30.17
N VAL B 1134 10.01 16.50 -29.14
CA VAL B 1134 9.52 15.86 -27.94
C VAL B 1134 8.19 15.19 -28.25
N ALA B 1135 7.84 14.22 -27.42
CA ALA B 1135 6.66 13.42 -27.70
C ALA B 1135 5.41 13.86 -26.98
N TYR B 1136 5.52 14.71 -25.96
CA TYR B 1136 4.35 15.14 -25.20
C TYR B 1136 4.58 16.57 -24.76
N VAL B 1137 4.07 17.53 -25.53
CA VAL B 1137 4.08 18.91 -25.08
C VAL B 1137 2.97 19.10 -24.06
N ASP B 1138 3.13 20.06 -23.17
CA ASP B 1138 2.27 20.18 -22.00
C ASP B 1138 1.75 21.60 -21.86
N LEU B 1139 0.63 21.89 -22.52
CA LEU B 1139 -0.03 23.16 -22.29
C LEU B 1139 -0.81 23.11 -20.99
N GLN B 1140 -1.19 24.28 -20.51
CA GLN B 1140 -2.04 24.39 -19.34
C GLN B 1140 -3.42 24.83 -19.78
N LEU B 1141 -4.42 24.38 -19.05
CA LEU B 1141 -5.79 24.68 -19.41
C LEU B 1141 -6.19 26.09 -19.05
N THR B 1142 -5.40 26.76 -18.21
CA THR B 1142 -5.63 28.14 -17.83
C THR B 1142 -4.78 29.11 -18.64
N ALA B 1143 -4.10 28.62 -19.67
CA ALA B 1143 -3.30 29.46 -20.55
C ALA B 1143 -4.21 30.37 -21.37
N PRO B 1144 -3.69 31.48 -21.88
CA PRO B 1144 -4.50 32.32 -22.77
C PRO B 1144 -4.80 31.62 -24.08
N ASN B 1145 -5.90 32.05 -24.70
CA ASN B 1145 -6.38 31.41 -25.91
C ASN B 1145 -5.44 31.59 -27.09
N GLU B 1146 -4.66 32.67 -27.10
CA GLU B 1146 -3.65 32.88 -28.13
C GLU B 1146 -2.37 32.09 -27.88
N LEU B 1147 -2.35 31.22 -26.90
CA LEU B 1147 -1.24 30.30 -26.66
C LEU B 1147 -1.68 28.84 -26.65
N ILE B 1148 -2.93 28.55 -26.28
CA ILE B 1148 -3.45 27.20 -26.50
C ILE B 1148 -3.67 26.96 -27.98
N GLU B 1149 -4.17 27.97 -28.70
CA GLU B 1149 -4.43 27.80 -30.13
C GLU B 1149 -3.17 27.96 -30.96
N GLU B 1150 -2.19 28.73 -30.49
CA GLU B 1150 -0.94 28.86 -31.24
C GLU B 1150 -0.13 27.59 -31.20
N ILE B 1151 -0.15 26.88 -30.07
CA ILE B 1151 0.60 25.63 -29.96
C ILE B 1151 -0.13 24.50 -30.68
N SER B 1152 -1.44 24.42 -30.53
CA SER B 1152 -2.22 23.34 -31.12
C SER B 1152 -2.51 23.53 -32.61
N SER B 1153 -2.02 24.61 -33.23
CA SER B 1153 -2.12 24.76 -34.66
C SER B 1153 -0.80 24.49 -35.38
N LYS B 1154 0.29 24.33 -34.65
CA LYS B 1154 1.55 23.91 -35.25
C LYS B 1154 2.27 22.89 -34.39
N LYS B 1155 1.53 22.05 -33.67
CA LYS B 1155 2.17 20.92 -33.00
C LYS B 1155 2.63 19.88 -34.00
N GLY B 1156 1.90 19.72 -35.10
CA GLY B 1156 2.23 18.76 -36.13
C GLY B 1156 1.90 17.34 -35.72
N PHE B 1157 2.73 16.77 -34.84
CA PHE B 1157 2.52 15.42 -34.35
C PHE B 1157 2.76 15.26 -32.86
N THR B 1158 3.36 16.24 -32.20
CA THR B 1158 3.62 16.16 -30.77
C THR B 1158 2.30 16.24 -30.02
N ARG B 1159 1.97 15.19 -29.28
CA ARG B 1159 0.72 15.17 -28.52
C ARG B 1159 0.74 16.19 -27.41
N VAL B 1160 -0.44 16.66 -27.03
CA VAL B 1160 -0.61 17.73 -26.05
C VAL B 1160 -1.28 17.16 -24.82
N ILE B 1161 -0.59 17.24 -23.69
CA ILE B 1161 -1.21 17.01 -22.39
C ILE B 1161 -1.70 18.34 -21.86
N GLY B 1162 -2.97 18.40 -21.46
CA GLY B 1162 -3.53 19.62 -20.92
C GLY B 1162 -3.72 19.52 -19.42
N THR B 1163 -3.07 20.40 -18.67
CA THR B 1163 -2.97 20.27 -17.23
C THR B 1163 -3.69 21.38 -16.49
N TYR B 1164 -4.21 21.04 -15.32
CA TYR B 1164 -4.68 22.02 -14.36
C TYR B 1164 -4.57 21.40 -12.98
N GLN B 1165 -3.65 21.90 -12.17
CA GLN B 1165 -3.49 21.45 -10.80
C GLN B 1165 -4.28 22.35 -9.86
N ASP B 1166 -4.91 21.74 -8.86
CA ASP B 1166 -5.51 22.48 -7.74
C ASP B 1166 -4.43 22.65 -6.68
N ILE B 1167 -3.76 23.80 -6.71
CA ILE B 1167 -2.64 24.02 -5.81
C ILE B 1167 -3.11 24.43 -4.43
N ASN B 1168 -4.29 25.05 -4.31
CA ASN B 1168 -4.80 25.41 -3.00
C ASN B 1168 -5.35 24.18 -2.28
N GLY B 1169 -6.09 23.35 -3.00
CA GLY B 1169 -6.51 22.07 -2.45
C GLY B 1169 -7.83 22.10 -1.72
N GLU B 1170 -8.86 22.62 -2.37
CA GLU B 1170 -10.19 22.69 -1.79
C GLU B 1170 -11.30 22.21 -2.70
N LEU B 1171 -11.06 22.09 -4.00
CA LEU B 1171 -12.04 21.54 -4.91
C LEU B 1171 -12.03 20.03 -4.80
N LYS B 1172 -13.11 19.45 -4.32
CA LYS B 1172 -13.27 18.01 -4.38
C LYS B 1172 -13.58 17.59 -5.81
N TRP B 1173 -13.51 16.29 -6.07
CA TRP B 1173 -13.67 15.80 -7.44
C TRP B 1173 -15.12 15.55 -7.80
N ASN B 1174 -15.99 16.50 -7.50
CA ASN B 1174 -17.37 16.45 -7.96
C ASN B 1174 -17.90 17.82 -8.32
N ASN B 1175 -17.05 18.84 -8.34
CA ASN B 1175 -17.43 20.18 -8.76
C ASN B 1175 -17.73 20.22 -10.25
N VAL B 1176 -18.29 21.35 -10.68
CA VAL B 1176 -18.28 21.67 -12.11
C VAL B 1176 -16.97 22.31 -12.53
N GLU B 1177 -16.06 22.54 -11.58
CA GLU B 1177 -14.74 23.06 -11.94
C GLU B 1177 -13.90 21.97 -12.62
N TRP B 1178 -14.12 20.72 -12.26
CA TRP B 1178 -13.40 19.62 -12.87
C TRP B 1178 -14.06 19.07 -14.11
N LYS B 1179 -15.34 19.33 -14.30
CA LYS B 1179 -15.98 18.94 -15.55
C LYS B 1179 -15.65 19.93 -16.65
N ASN B 1180 -15.48 21.21 -16.31
CA ASN B 1180 -15.14 22.22 -17.31
C ASN B 1180 -13.70 22.04 -17.82
N LYS B 1181 -12.75 21.79 -16.92
CA LYS B 1181 -11.36 21.67 -17.32
C LYS B 1181 -11.12 20.39 -18.09
N TYR B 1182 -11.92 19.35 -17.84
CA TYR B 1182 -11.91 18.19 -18.71
C TYR B 1182 -12.49 18.56 -20.07
N ASN B 1183 -13.58 19.32 -20.07
CA ASN B 1183 -14.22 19.71 -21.32
C ASN B 1183 -13.42 20.74 -22.08
N GLN B 1184 -12.55 21.49 -21.41
CA GLN B 1184 -11.61 22.34 -22.14
C GLN B 1184 -10.58 21.49 -22.86
N GLY B 1185 -10.20 20.36 -22.29
CA GLY B 1185 -9.22 19.51 -22.94
C GLY B 1185 -9.77 18.76 -24.13
N VAL B 1186 -11.05 18.40 -24.09
CA VAL B 1186 -11.66 17.77 -25.25
C VAL B 1186 -11.91 18.80 -26.34
N SER B 1187 -12.19 20.05 -25.95
CA SER B 1187 -12.50 21.08 -26.94
C SER B 1187 -11.26 21.55 -27.69
N MET B 1188 -10.07 21.48 -27.06
CA MET B 1188 -8.84 21.91 -27.70
C MET B 1188 -8.13 20.78 -28.42
N ASN B 1189 -8.75 19.60 -28.50
CA ASN B 1189 -8.22 18.39 -29.14
C ASN B 1189 -6.88 18.00 -28.51
N ALA B 1190 -6.92 17.76 -27.21
CA ALA B 1190 -5.74 17.33 -26.48
C ALA B 1190 -5.75 15.82 -26.37
N ASP B 1191 -4.58 15.21 -26.55
CA ASP B 1191 -4.51 13.76 -26.52
C ASP B 1191 -4.64 13.19 -25.12
N ILE B 1192 -4.19 13.92 -24.09
CA ILE B 1192 -4.35 13.52 -22.70
C ILE B 1192 -4.74 14.76 -21.91
N VAL B 1193 -5.72 14.64 -21.03
CA VAL B 1193 -6.04 15.66 -20.05
C VAL B 1193 -5.42 15.25 -18.73
N ARG B 1194 -4.67 16.14 -18.10
CA ARG B 1194 -4.10 15.88 -16.79
C ARG B 1194 -4.79 16.77 -15.77
N LEU B 1195 -5.30 16.17 -14.71
CA LEU B 1195 -6.02 16.90 -13.67
C LEU B 1195 -5.44 16.49 -12.34
N VAL B 1196 -4.83 17.43 -11.62
CA VAL B 1196 -4.13 17.12 -10.39
C VAL B 1196 -4.86 17.79 -9.24
N GLY B 1197 -5.13 17.04 -8.18
CA GLY B 1197 -5.81 17.54 -7.02
C GLY B 1197 -4.86 17.75 -5.85
N LYS B 1198 -5.46 17.88 -4.67
CA LYS B 1198 -4.71 17.77 -3.42
C LYS B 1198 -5.61 17.13 -2.39
N ALA B 1199 -5.12 16.04 -1.79
CA ALA B 1199 -5.94 15.22 -0.91
C ALA B 1199 -5.83 15.72 0.53
N ASN B 1200 -6.99 15.94 1.15
CA ASN B 1200 -7.07 16.22 2.58
C ASN B 1200 -7.54 15.01 3.36
N SER B 1201 -8.03 13.98 2.69
CA SER B 1201 -8.42 12.73 3.32
C SER B 1201 -8.31 11.63 2.29
N ILE B 1202 -8.62 10.41 2.71
CA ILE B 1202 -8.54 9.26 1.80
C ILE B 1202 -9.79 9.14 0.95
N GLN B 1203 -10.81 9.95 1.21
CA GLN B 1203 -12.02 9.91 0.42
C GLN B 1203 -11.83 10.58 -0.93
N ASP B 1204 -10.94 11.58 -1.02
CA ASP B 1204 -10.68 12.24 -2.28
C ASP B 1204 -9.96 11.35 -3.27
N ASN B 1205 -9.32 10.28 -2.80
CA ASN B 1205 -8.75 9.30 -3.70
C ASN B 1205 -9.82 8.36 -4.25
N LEU B 1206 -10.84 8.07 -3.45
CA LEU B 1206 -11.99 7.31 -3.95
C LEU B 1206 -13.00 8.21 -4.65
N ASP B 1207 -12.95 9.51 -4.41
CA ASP B 1207 -13.73 10.44 -5.21
C ASP B 1207 -13.17 10.55 -6.62
N LEU B 1208 -11.87 10.32 -6.76
CA LEU B 1208 -11.22 10.36 -8.06
C LEU B 1208 -11.48 9.11 -8.87
N GLU B 1209 -11.69 7.97 -8.23
CA GLU B 1209 -11.98 6.74 -8.95
C GLU B 1209 -13.38 6.75 -9.56
N ASN B 1210 -14.28 7.59 -9.04
CA ASN B 1210 -15.59 7.78 -9.64
C ASN B 1210 -15.60 8.87 -10.69
N PHE B 1211 -14.64 9.77 -10.67
CA PHE B 1211 -14.54 10.78 -11.71
C PHE B 1211 -13.96 10.23 -13.00
N LYS B 1212 -13.05 9.27 -12.90
CA LYS B 1212 -12.46 8.68 -14.09
C LYS B 1212 -13.42 7.72 -14.79
N LYS B 1213 -14.38 7.17 -14.06
CA LYS B 1213 -15.38 6.31 -14.69
C LYS B 1213 -16.31 7.12 -15.57
N GLN B 1214 -16.71 8.30 -15.11
CA GLN B 1214 -17.67 9.11 -15.82
C GLN B 1214 -17.06 9.86 -16.99
N ASN B 1215 -15.74 9.95 -17.07
CA ASN B 1215 -15.07 10.72 -18.12
C ASN B 1215 -13.98 9.89 -18.78
N THR B 1216 -14.37 9.11 -19.78
CA THR B 1216 -13.45 8.28 -20.55
C THR B 1216 -13.46 8.63 -22.03
N LEU B 1217 -13.82 9.88 -22.36
CA LEU B 1217 -13.76 10.34 -23.74
C LEU B 1217 -12.31 10.45 -24.21
N LYS B 1218 -11.52 11.23 -23.50
CA LYS B 1218 -10.09 11.37 -23.69
C LYS B 1218 -9.34 10.62 -22.62
N PRO B 1219 -8.07 10.28 -22.86
CA PRO B 1219 -7.25 9.68 -21.79
C PRO B 1219 -6.98 10.67 -20.68
N LEU B 1220 -7.09 10.20 -19.45
CA LEU B 1220 -7.08 11.06 -18.27
C LEU B 1220 -5.99 10.64 -17.30
N ILE B 1221 -5.13 11.60 -16.94
CA ILE B 1221 -4.23 11.48 -15.80
C ILE B 1221 -4.86 12.22 -14.64
N ALA B 1222 -5.02 11.55 -13.51
CA ALA B 1222 -5.72 12.15 -12.38
C ALA B 1222 -5.17 11.59 -11.08
N PHE B 1223 -4.53 12.43 -10.29
CA PHE B 1223 -4.03 12.00 -9.00
C PHE B 1223 -4.09 13.15 -8.02
N ASN B 1224 -4.01 12.81 -6.75
CA ASN B 1224 -4.14 13.75 -5.65
C ASN B 1224 -2.78 13.93 -4.99
N LEU B 1225 -2.26 15.14 -5.03
CA LEU B 1225 -0.98 15.44 -4.43
C LEU B 1225 -1.09 15.48 -2.91
N GLY B 1226 0.04 15.27 -2.26
CA GLY B 1226 0.11 15.25 -0.82
C GLY B 1226 0.38 13.87 -0.28
N SER B 1227 0.59 13.82 1.04
CA SER B 1227 0.85 12.55 1.69
C SER B 1227 -0.42 11.72 1.83
N GLN B 1228 -1.59 12.32 1.69
CA GLN B 1228 -2.84 11.59 1.80
C GLN B 1228 -3.40 11.22 0.45
N GLY B 1229 -2.63 11.41 -0.61
CA GLY B 1229 -3.09 11.02 -1.92
C GLY B 1229 -2.15 10.02 -2.58
N LYS B 1230 -1.59 9.11 -1.79
CA LYS B 1230 -0.71 8.10 -2.36
C LYS B 1230 -1.49 6.98 -3.03
N LEU B 1231 -2.74 6.78 -2.63
CA LEU B 1231 -3.55 5.72 -3.23
C LEU B 1231 -3.95 6.07 -4.65
N SER B 1232 -4.27 7.34 -4.90
CA SER B 1232 -4.58 7.79 -6.24
C SER B 1232 -3.37 7.78 -7.16
N GLN B 1233 -2.16 7.83 -6.60
CA GLN B 1233 -0.97 7.66 -7.42
C GLN B 1233 -0.66 6.20 -7.67
N VAL B 1234 -1.03 5.33 -6.75
CA VAL B 1234 -0.82 3.89 -6.96
C VAL B 1234 -1.81 3.35 -7.99
N LEU B 1235 -3.07 3.74 -7.89
CA LEU B 1235 -4.12 3.16 -8.70
C LEU B 1235 -4.22 3.78 -10.09
N ASN B 1236 -3.35 4.72 -10.43
CA ASN B 1236 -3.48 5.46 -11.68
C ASN B 1236 -2.72 4.74 -12.79
N GLY B 1237 -3.40 4.55 -13.91
CA GLY B 1237 -2.85 3.77 -15.00
C GLY B 1237 -1.86 4.50 -15.88
N THR B 1238 -2.30 5.58 -16.53
CA THR B 1238 -1.50 6.23 -17.55
C THR B 1238 -0.62 7.32 -16.94
N PHE B 1239 0.70 7.14 -17.08
CA PHE B 1239 1.74 8.11 -16.75
C PHE B 1239 1.70 8.54 -15.28
N THR B 1240 1.86 7.57 -14.40
CA THR B 1240 1.99 7.86 -12.99
C THR B 1240 3.36 8.48 -12.74
N PRO B 1241 3.46 9.69 -12.21
CA PRO B 1241 4.77 10.29 -12.02
C PRO B 1241 5.52 9.66 -10.86
N ILE B 1242 6.81 9.42 -11.09
CA ILE B 1242 7.70 8.82 -10.10
C ILE B 1242 8.93 9.71 -9.95
N SER B 1243 9.73 9.40 -8.95
CA SER B 1243 10.93 10.16 -8.64
C SER B 1243 12.00 9.20 -8.14
N HIS B 1244 13.20 9.73 -7.95
CA HIS B 1244 14.35 8.92 -7.59
C HIS B 1244 15.05 9.56 -6.40
N LYS B 1245 15.97 8.82 -5.80
CA LYS B 1245 16.72 9.31 -4.66
C LYS B 1245 17.90 10.19 -5.06
N LEU B 1246 18.32 10.17 -6.32
CA LEU B 1246 19.38 11.04 -6.79
C LEU B 1246 18.84 12.28 -7.49
N LEU B 1247 17.54 12.54 -7.36
CA LEU B 1247 16.88 13.71 -7.90
C LEU B 1247 16.28 14.51 -6.75
N PRO B 1248 16.09 15.81 -6.93
CA PRO B 1248 15.29 16.58 -5.96
C PRO B 1248 13.82 16.22 -6.09
N ASN B 1249 13.16 16.11 -4.94
CA ASN B 1249 11.77 15.69 -4.90
C ASN B 1249 11.00 16.60 -3.96
N ASP B 1250 9.95 17.23 -4.46
CA ASP B 1250 9.16 18.15 -3.66
C ASP B 1250 7.71 17.75 -3.52
N GLU B 1251 7.13 17.07 -4.50
CA GLU B 1251 5.72 16.71 -4.48
C GLU B 1251 5.48 15.30 -3.99
N GLU B 1252 6.51 14.66 -3.43
CA GLU B 1252 6.42 13.38 -2.69
C GLU B 1252 5.92 12.24 -3.56
N PHE B 1253 6.35 12.21 -4.82
CA PHE B 1253 6.03 11.09 -5.69
C PHE B 1253 6.85 9.88 -5.28
N LEU B 1254 6.24 8.71 -5.36
CA LEU B 1254 6.92 7.50 -4.92
C LEU B 1254 7.90 7.03 -5.99
N THR B 1255 8.85 6.20 -5.57
CA THR B 1255 9.79 5.62 -6.52
C THR B 1255 9.17 4.41 -7.19
N ILE B 1256 9.95 3.75 -8.05
CA ILE B 1256 9.44 2.55 -8.71
C ILE B 1256 9.51 1.34 -7.78
N GLY B 1257 10.24 1.44 -6.68
CA GLY B 1257 10.29 0.34 -5.75
C GLY B 1257 9.17 0.43 -4.74
N GLU B 1258 8.62 1.63 -4.60
CA GLU B 1258 7.51 1.87 -3.70
C GLU B 1258 6.17 1.89 -4.41
N LEU B 1259 6.13 2.28 -5.68
CA LEU B 1259 4.90 2.21 -6.45
C LEU B 1259 4.54 0.77 -6.75
N ASN B 1260 5.54 -0.09 -6.91
CA ASN B 1260 5.28 -1.50 -7.13
C ASN B 1260 5.13 -2.30 -5.85
N GLN B 1261 5.59 -1.77 -4.72
CA GLN B 1261 5.35 -2.45 -3.45
C GLN B 1261 3.95 -2.16 -2.92
N THR B 1262 3.52 -0.90 -3.01
CA THR B 1262 2.16 -0.55 -2.60
C THR B 1262 1.11 -1.12 -3.53
N TYR B 1263 1.44 -1.29 -4.82
CA TYR B 1263 0.52 -1.97 -5.73
C TYR B 1263 0.47 -3.47 -5.46
N PHE B 1264 1.44 -4.01 -4.75
CA PHE B 1264 1.39 -5.39 -4.31
C PHE B 1264 0.70 -5.50 -2.96
N ASP B 1265 0.89 -4.50 -2.09
CA ASP B 1265 0.25 -4.54 -0.78
C ASP B 1265 -1.24 -4.27 -0.83
N ILE B 1266 -1.78 -3.78 -1.95
CA ILE B 1266 -3.22 -3.63 -2.12
C ILE B 1266 -3.77 -4.59 -3.14
N GLY B 1267 -2.93 -5.42 -3.74
CA GLY B 1267 -3.41 -6.55 -4.53
C GLY B 1267 -3.65 -6.24 -5.99
N GLY B 1268 -2.72 -5.54 -6.62
CA GLY B 1268 -2.79 -5.35 -8.04
C GLY B 1268 -1.87 -6.32 -8.75
N PHE B 1269 -0.70 -6.54 -8.17
CA PHE B 1269 0.22 -7.57 -8.61
C PHE B 1269 0.01 -8.79 -7.73
N THR B 1270 -0.03 -9.95 -8.33
CA THR B 1270 -0.08 -11.20 -7.58
C THR B 1270 1.28 -11.87 -7.62
N ALA B 1271 1.56 -12.67 -6.59
CA ALA B 1271 2.87 -13.31 -6.46
C ALA B 1271 2.95 -14.47 -7.45
N LYS B 1272 3.23 -14.12 -8.70
CA LYS B 1272 3.23 -15.10 -9.77
C LYS B 1272 4.58 -15.79 -9.85
N LYS B 1273 4.59 -16.97 -10.44
CA LYS B 1273 5.78 -17.79 -10.55
C LYS B 1273 5.97 -18.23 -11.99
N PHE B 1274 7.12 -17.90 -12.56
CA PHE B 1274 7.50 -18.24 -13.93
C PHE B 1274 8.53 -19.36 -13.89
N TRP B 1275 8.66 -20.07 -15.02
CA TRP B 1275 9.61 -21.17 -15.08
C TRP B 1275 10.30 -21.19 -16.44
N VAL B 1276 11.51 -21.75 -16.46
CA VAL B 1276 12.21 -22.08 -17.70
C VAL B 1276 12.38 -23.59 -17.77
N ILE B 1277 12.09 -24.17 -18.94
CA ILE B 1277 12.00 -25.61 -19.11
C ILE B 1277 12.91 -26.06 -20.24
N GLY B 1278 13.33 -27.32 -20.17
CA GLY B 1278 14.25 -27.89 -21.11
C GLY B 1278 15.11 -28.94 -20.44
N SER B 1279 15.71 -29.81 -21.25
CA SER B 1279 16.45 -30.90 -20.65
C SER B 1279 17.85 -30.53 -20.15
N PRO B 1280 18.70 -29.73 -20.84
CA PRO B 1280 19.92 -29.27 -20.16
C PRO B 1280 19.70 -27.91 -19.52
N ILE B 1281 18.96 -27.88 -18.41
CA ILE B 1281 18.49 -26.60 -17.88
C ILE B 1281 19.40 -26.03 -16.81
N GLU B 1282 20.39 -26.78 -16.35
CA GLU B 1282 21.33 -26.22 -15.38
C GLU B 1282 22.26 -25.19 -16.02
N HIS B 1283 22.51 -25.32 -17.32
CA HIS B 1283 23.33 -24.35 -18.05
C HIS B 1283 22.40 -23.36 -18.75
N SER B 1284 21.76 -22.54 -17.94
CA SER B 1284 20.90 -21.47 -18.44
C SER B 1284 21.20 -20.19 -17.69
N ARG B 1285 20.86 -19.08 -18.31
CA ARG B 1285 21.05 -17.76 -17.70
C ARG B 1285 19.77 -16.95 -17.75
N SER B 1286 18.64 -17.59 -17.94
CA SER B 1286 17.33 -16.96 -17.85
C SER B 1286 16.84 -16.72 -16.42
N PRO B 1287 17.05 -17.60 -15.42
CA PRO B 1287 16.75 -17.18 -14.04
C PRO B 1287 17.70 -16.13 -13.52
N ASN B 1288 18.89 -16.00 -14.09
CA ASN B 1288 19.75 -14.88 -13.74
C ASN B 1288 19.21 -13.56 -14.29
N LEU B 1289 18.61 -13.59 -15.47
CA LEU B 1289 18.20 -12.39 -16.19
C LEU B 1289 16.92 -11.80 -15.63
N HIS B 1290 15.90 -12.63 -15.44
CA HIS B 1290 14.59 -12.13 -15.08
C HIS B 1290 14.50 -11.76 -13.60
N ASN B 1291 15.19 -12.51 -12.73
CA ASN B 1291 15.11 -12.24 -11.30
C ASN B 1291 15.80 -10.93 -10.96
N ALA B 1292 16.87 -10.60 -11.66
CA ALA B 1292 17.49 -9.29 -11.49
C ALA B 1292 16.68 -8.18 -12.14
N GLY B 1293 15.74 -8.52 -13.02
CA GLY B 1293 14.79 -7.53 -13.49
C GLY B 1293 13.60 -7.37 -12.57
N TYR B 1294 13.21 -8.43 -11.87
CA TYR B 1294 12.14 -8.33 -10.89
C TYR B 1294 12.60 -7.61 -9.64
N LYS B 1295 13.90 -7.65 -9.35
CA LYS B 1295 14.43 -7.00 -8.17
C LYS B 1295 14.61 -5.50 -8.41
N ALA B 1296 14.97 -5.11 -9.63
CA ALA B 1296 15.16 -3.70 -9.95
C ALA B 1296 13.84 -2.95 -9.94
N LEU B 1297 12.78 -3.57 -10.45
CA LEU B 1297 11.46 -2.97 -10.48
C LEU B 1297 10.64 -3.28 -9.23
N ASN B 1298 11.19 -4.08 -8.32
CA ASN B 1298 10.53 -4.52 -7.08
C ASN B 1298 9.23 -5.27 -7.34
N LEU B 1299 9.20 -6.02 -8.41
CA LEU B 1299 8.06 -6.87 -8.71
C LEU B 1299 8.10 -8.11 -7.83
N PRO B 1300 6.94 -8.63 -7.39
CA PRO B 1300 6.91 -9.80 -6.50
C PRO B 1300 6.89 -11.13 -7.24
N TYR B 1301 7.79 -11.28 -8.21
CA TYR B 1301 7.81 -12.45 -9.07
C TYR B 1301 9.07 -13.27 -8.81
N GLN B 1302 9.00 -14.55 -9.17
CA GLN B 1302 10.13 -15.46 -9.09
C GLN B 1302 10.27 -16.21 -10.40
N PHE B 1303 11.50 -16.55 -10.75
CA PHE B 1303 11.82 -17.27 -11.98
C PHE B 1303 12.70 -18.44 -11.61
N GLY B 1304 12.20 -19.66 -11.82
CA GLY B 1304 12.90 -20.87 -11.44
C GLY B 1304 13.08 -21.80 -12.62
N ARG B 1305 13.70 -22.94 -12.34
CA ARG B 1305 14.01 -23.94 -13.36
C ARG B 1305 13.17 -25.19 -13.15
N PHE B 1306 12.93 -25.89 -14.26
CA PHE B 1306 12.31 -27.21 -14.22
C PHE B 1306 12.83 -28.01 -15.39
N GLU B 1307 13.62 -29.04 -15.11
CA GLU B 1307 14.02 -29.99 -16.14
C GLU B 1307 12.80 -30.77 -16.59
N ALA B 1308 12.58 -30.82 -17.90
CA ALA B 1308 11.46 -31.55 -18.46
C ALA B 1308 11.87 -32.17 -19.78
N THR B 1309 11.08 -33.16 -20.22
CA THR B 1309 11.35 -33.86 -21.46
C THR B 1309 10.06 -33.92 -22.28
N ASP B 1310 8.92 -34.01 -21.61
CA ASP B 1310 7.62 -33.97 -22.26
C ASP B 1310 6.80 -32.78 -21.77
N VAL B 1311 5.88 -32.31 -22.62
CA VAL B 1311 5.06 -31.15 -22.27
C VAL B 1311 3.87 -31.51 -21.40
N ASP B 1312 3.68 -32.79 -21.07
CA ASP B 1312 2.56 -33.19 -20.23
C ASP B 1312 2.85 -32.97 -18.76
N VAL B 1313 4.11 -33.06 -18.35
CA VAL B 1313 4.46 -32.88 -16.95
C VAL B 1313 4.44 -31.40 -16.57
N VAL B 1314 4.87 -30.52 -17.48
CA VAL B 1314 4.87 -29.09 -17.19
C VAL B 1314 3.48 -28.49 -17.18
N TYR B 1315 2.47 -29.22 -17.66
CA TYR B 1315 1.11 -28.80 -17.40
C TYR B 1315 0.75 -28.98 -15.94
N ASP B 1316 1.11 -30.12 -15.35
CA ASP B 1316 0.70 -30.42 -13.99
C ASP B 1316 1.53 -29.67 -12.96
N ASN B 1317 2.86 -29.80 -13.04
CA ASN B 1317 3.71 -29.21 -12.02
C ASN B 1317 3.81 -27.69 -12.16
N LEU B 1318 3.64 -27.16 -13.36
CA LEU B 1318 3.90 -25.74 -13.58
C LEU B 1318 2.71 -24.94 -14.08
N ILE B 1319 2.01 -25.40 -15.10
CA ILE B 1319 1.00 -24.56 -15.73
C ILE B 1319 -0.31 -24.55 -14.95
N ASN B 1320 -0.79 -25.71 -14.47
CA ASN B 1320 -2.09 -25.78 -13.82
C ASN B 1320 -2.11 -25.19 -12.41
N LYS B 1321 -1.00 -24.67 -11.92
CA LYS B 1321 -0.99 -23.96 -10.65
C LYS B 1321 -1.74 -22.63 -10.80
N PRO B 1322 -2.25 -22.07 -9.69
CA PRO B 1322 -2.97 -20.80 -9.80
C PRO B 1322 -2.04 -19.59 -9.91
N ASP B 1323 -0.82 -19.71 -9.37
CA ASP B 1323 0.15 -18.63 -9.40
C ASP B 1323 1.08 -18.71 -10.60
N PHE B 1324 0.69 -19.41 -11.65
CA PHE B 1324 1.51 -19.55 -12.84
C PHE B 1324 1.43 -18.28 -13.66
N GLY B 1325 2.58 -17.79 -14.10
CA GLY B 1325 2.60 -16.52 -14.81
C GLY B 1325 3.19 -16.57 -16.20
N GLY B 1326 3.91 -17.63 -16.52
CA GLY B 1326 4.50 -17.74 -17.83
C GLY B 1326 5.58 -18.79 -17.87
N LEU B 1327 5.92 -19.19 -19.08
CA LEU B 1327 6.99 -20.16 -19.33
C LEU B 1327 8.01 -19.58 -20.30
N ALA B 1328 9.15 -20.25 -20.37
CA ALA B 1328 10.18 -19.98 -21.36
C ALA B 1328 10.79 -21.32 -21.74
N ILE B 1329 10.91 -21.58 -23.04
CA ILE B 1329 11.16 -22.93 -23.53
C ILE B 1329 12.52 -22.98 -24.21
N THR B 1330 13.42 -23.90 -23.75
CA THR B 1330 14.73 -24.15 -24.38
C THR B 1330 14.96 -25.66 -24.50
N MET B 1331 14.46 -26.26 -25.59
CA MET B 1331 14.43 -27.69 -25.86
C MET B 1331 13.81 -27.85 -27.25
N PRO B 1332 13.80 -29.06 -27.82
CA PRO B 1332 12.72 -29.43 -28.76
C PRO B 1332 11.28 -29.36 -28.23
N LEU B 1333 11.05 -28.99 -26.95
CA LEU B 1333 9.72 -28.63 -26.48
C LEU B 1333 9.15 -27.39 -27.15
N LYS B 1334 9.96 -26.62 -27.89
CA LYS B 1334 9.44 -25.49 -28.64
C LYS B 1334 8.41 -25.91 -29.68
N LEU B 1335 8.57 -27.10 -30.25
CA LEU B 1335 7.61 -27.59 -31.22
C LEU B 1335 6.38 -28.22 -30.57
N ASP B 1336 6.50 -28.70 -29.34
CA ASP B 1336 5.44 -29.45 -28.68
C ASP B 1336 4.70 -28.66 -27.61
N ILE B 1337 5.07 -27.39 -27.38
CA ILE B 1337 4.33 -26.55 -26.45
C ILE B 1337 3.28 -25.71 -27.18
N MET B 1338 3.22 -25.79 -28.50
CA MET B 1338 2.11 -25.22 -29.24
C MET B 1338 0.82 -26.01 -29.07
N LYS B 1339 0.87 -27.18 -28.42
CA LYS B 1339 -0.32 -27.92 -28.07
C LYS B 1339 -1.19 -27.14 -27.10
N PHE B 1340 -0.59 -26.27 -26.28
CA PHE B 1340 -1.32 -25.53 -25.27
C PHE B 1340 -1.73 -24.13 -25.69
N ALA B 1341 -1.12 -23.57 -26.73
CA ALA B 1341 -1.33 -22.17 -27.07
C ALA B 1341 -2.62 -22.02 -27.85
N THR B 1342 -3.55 -21.24 -27.30
CA THR B 1342 -4.79 -20.97 -28.00
C THR B 1342 -4.59 -19.92 -29.09
N LYS B 1343 -3.99 -18.80 -28.74
CA LYS B 1343 -3.78 -17.70 -29.67
C LYS B 1343 -2.28 -17.57 -29.92
N LEU B 1344 -1.87 -17.83 -31.16
CA LEU B 1344 -0.48 -17.72 -31.54
C LEU B 1344 -0.26 -16.44 -32.33
N SER B 1345 0.94 -15.88 -32.21
CA SER B 1345 1.25 -14.71 -33.00
C SER B 1345 1.60 -15.13 -34.42
N ASP B 1346 1.80 -14.13 -35.28
CA ASP B 1346 2.25 -14.40 -36.63
C ASP B 1346 3.68 -14.91 -36.67
N ALA B 1347 4.46 -14.63 -35.63
CA ALA B 1347 5.83 -15.12 -35.55
C ALA B 1347 5.87 -16.60 -35.22
N ALA B 1348 4.94 -17.09 -34.42
CA ALA B 1348 4.99 -18.47 -33.98
C ALA B 1348 4.49 -19.44 -35.02
N GLU B 1349 3.65 -19.01 -35.95
CA GLU B 1349 3.12 -19.90 -36.97
C GLU B 1349 4.06 -20.09 -38.16
N THR B 1350 4.77 -19.05 -38.59
CA THR B 1350 5.66 -19.20 -39.73
C THR B 1350 7.00 -19.77 -39.34
N ILE B 1351 7.41 -19.62 -38.09
CA ILE B 1351 8.63 -20.27 -37.61
C ILE B 1351 8.33 -21.69 -37.20
N GLY B 1352 7.24 -21.88 -36.45
CA GLY B 1352 6.97 -23.18 -35.91
C GLY B 1352 7.73 -23.44 -34.63
N ALA B 1353 7.92 -22.41 -33.81
CA ALA B 1353 8.55 -22.57 -32.52
C ALA B 1353 7.91 -21.57 -31.56
N VAL B 1354 7.88 -21.93 -30.29
CA VAL B 1354 7.35 -21.06 -29.24
C VAL B 1354 8.32 -21.11 -28.06
N ASN B 1355 8.85 -19.96 -27.66
CA ASN B 1355 9.69 -19.87 -26.49
C ASN B 1355 9.09 -18.99 -25.40
N THR B 1356 7.81 -18.66 -25.51
CA THR B 1356 7.11 -17.88 -24.48
C THR B 1356 5.67 -18.37 -24.39
N LEU B 1357 5.24 -18.71 -23.18
CA LEU B 1357 3.87 -19.19 -22.97
C LEU B 1357 3.26 -18.45 -21.78
N ILE B 1358 2.59 -17.34 -22.06
CA ILE B 1358 1.94 -16.56 -21.02
C ILE B 1358 0.46 -16.91 -20.98
N PRO B 1359 -0.22 -16.79 -19.84
CA PRO B 1359 -1.67 -17.01 -19.82
C PRO B 1359 -2.48 -15.76 -20.10
N ILE B 1360 -3.50 -15.92 -20.94
CA ILE B 1360 -4.46 -14.86 -21.27
C ILE B 1360 -5.85 -15.38 -21.02
N GLU B 1361 -6.86 -14.59 -21.38
CA GLU B 1361 -8.24 -15.05 -21.24
C GLU B 1361 -8.55 -16.11 -22.30
N GLY B 1362 -9.34 -17.10 -21.92
CA GLY B 1362 -9.69 -18.18 -22.82
C GLY B 1362 -8.55 -19.13 -23.17
N GLY B 1363 -7.51 -19.19 -22.34
CA GLY B 1363 -6.41 -20.08 -22.61
C GLY B 1363 -5.02 -19.49 -22.41
N TYR B 1364 -4.12 -19.71 -23.37
CA TYR B 1364 -2.74 -19.28 -23.25
C TYR B 1364 -2.27 -18.67 -24.55
N PHE B 1365 -1.39 -17.69 -24.45
CA PHE B 1365 -0.77 -17.02 -25.58
C PHE B 1365 0.62 -17.60 -25.79
N GLY B 1366 1.08 -17.55 -27.03
CA GLY B 1366 2.36 -18.11 -27.37
C GLY B 1366 3.08 -17.34 -28.45
N ASP B 1367 4.31 -16.91 -28.16
CA ASP B 1367 5.06 -16.11 -29.12
C ASP B 1367 6.50 -16.56 -29.16
N ASN B 1368 7.08 -16.51 -30.35
CA ASN B 1368 8.51 -16.71 -30.53
C ASN B 1368 9.19 -15.35 -30.48
N THR B 1369 10.09 -15.18 -29.52
CA THR B 1369 10.82 -13.93 -29.38
C THR B 1369 12.25 -14.06 -29.85
N ASP B 1370 12.62 -15.18 -30.46
CA ASP B 1370 13.94 -15.31 -31.05
C ASP B 1370 14.10 -14.47 -32.30
N TRP B 1371 13.00 -14.09 -32.97
CA TRP B 1371 13.11 -13.14 -34.06
C TRP B 1371 13.29 -11.73 -33.53
N VAL B 1372 12.81 -11.45 -32.32
CA VAL B 1372 13.19 -10.21 -31.67
C VAL B 1372 14.64 -10.29 -31.21
N GLY B 1373 15.07 -11.47 -30.77
CA GLY B 1373 16.41 -11.65 -30.26
C GLY B 1373 17.51 -11.51 -31.29
N ILE B 1374 17.17 -11.56 -32.57
CA ILE B 1374 18.14 -11.34 -33.64
C ILE B 1374 17.96 -9.97 -34.28
N SER B 1375 16.71 -9.54 -34.46
CA SER B 1375 16.46 -8.21 -35.02
C SER B 1375 16.89 -7.10 -34.08
N ASN B 1376 16.67 -7.26 -32.77
CA ASN B 1376 17.10 -6.23 -31.83
C ASN B 1376 18.61 -6.18 -31.70
N SER B 1377 19.29 -7.29 -31.88
CA SER B 1377 20.74 -7.31 -31.74
C SER B 1377 21.43 -6.65 -32.91
N PHE B 1378 20.78 -6.58 -34.06
CA PHE B 1378 21.34 -5.84 -35.19
C PHE B 1378 21.11 -4.34 -35.03
N ILE B 1379 19.94 -3.97 -34.50
CA ILE B 1379 19.58 -2.57 -34.33
C ILE B 1379 20.46 -1.89 -33.29
N ARG B 1380 20.86 -2.62 -32.26
CA ARG B 1380 21.75 -2.09 -31.25
C ARG B 1380 23.21 -2.12 -31.66
N ALA B 1381 23.51 -2.48 -32.91
CA ALA B 1381 24.87 -2.46 -33.43
C ALA B 1381 24.92 -1.72 -34.76
N GLY B 1382 24.09 -0.70 -34.93
CA GLY B 1382 24.22 0.24 -36.01
C GLY B 1382 23.30 0.03 -37.19
N VAL B 1383 22.61 -1.10 -37.26
CA VAL B 1383 21.80 -1.40 -38.45
C VAL B 1383 20.47 -0.67 -38.32
N PRO B 1384 19.98 -0.05 -39.38
CA PRO B 1384 18.62 0.50 -39.34
C PRO B 1384 17.60 -0.61 -39.25
N PRO B 1385 16.45 -0.34 -38.63
CA PRO B 1385 15.42 -1.40 -38.53
C PRO B 1385 14.80 -1.77 -39.87
N LYS B 1386 14.73 -0.84 -40.83
CA LYS B 1386 14.28 -1.14 -42.18
C LYS B 1386 15.34 -0.61 -43.14
N SER B 1387 16.35 -1.43 -43.41
CA SER B 1387 17.36 -1.10 -44.40
C SER B 1387 16.94 -1.65 -45.76
N SER B 1388 17.87 -1.66 -46.71
CA SER B 1388 17.58 -2.13 -48.05
C SER B 1388 18.55 -3.19 -48.54
N SER B 1389 19.35 -3.77 -47.66
CA SER B 1389 20.30 -4.79 -48.08
C SER B 1389 19.61 -6.14 -48.19
N ASN B 1390 20.39 -7.17 -48.48
CA ASN B 1390 19.92 -8.54 -48.49
C ASN B 1390 20.45 -9.23 -47.24
N GLY B 1391 20.24 -10.55 -47.15
CA GLY B 1391 20.69 -11.26 -45.98
C GLY B 1391 21.63 -12.42 -46.24
N LEU B 1392 21.90 -13.20 -45.20
CA LEU B 1392 22.63 -14.46 -45.25
C LEU B 1392 22.34 -15.20 -43.96
N VAL B 1393 22.23 -16.52 -44.04
CA VAL B 1393 22.21 -17.38 -42.87
C VAL B 1393 23.17 -18.51 -43.18
N VAL B 1394 24.28 -18.56 -42.44
CA VAL B 1394 25.20 -19.68 -42.52
C VAL B 1394 24.63 -20.81 -41.70
N GLY B 1395 24.44 -21.97 -42.33
CA GLY B 1395 24.01 -23.13 -41.60
C GLY B 1395 22.52 -23.16 -41.33
N ALA B 1396 21.93 -24.36 -41.36
CA ALA B 1396 20.54 -24.55 -40.98
C ALA B 1396 20.48 -25.39 -39.71
N GLY B 1397 19.28 -25.47 -39.16
CA GLY B 1397 19.07 -26.14 -37.89
C GLY B 1397 19.30 -25.20 -36.70
N GLY B 1398 18.83 -25.64 -35.55
CA GLY B 1398 18.94 -24.82 -34.36
C GLY B 1398 17.95 -23.68 -34.43
N THR B 1399 18.45 -22.47 -34.20
CA THR B 1399 17.63 -21.26 -34.36
C THR B 1399 17.84 -20.66 -35.75
N SER B 1400 17.69 -21.48 -36.79
CA SER B 1400 17.78 -21.01 -38.15
C SER B 1400 16.42 -20.61 -38.71
N ARG B 1401 15.36 -21.27 -38.27
CA ARG B 1401 14.03 -20.89 -38.69
C ARG B 1401 13.59 -19.58 -38.09
N ALA B 1402 14.19 -19.16 -36.99
CA ALA B 1402 13.97 -17.83 -36.43
C ALA B 1402 14.94 -16.80 -36.97
N ALA B 1403 16.01 -17.22 -37.64
CA ALA B 1403 16.90 -16.27 -38.27
C ALA B 1403 16.35 -15.79 -39.60
N ILE B 1404 15.67 -16.68 -40.33
CA ILE B 1404 15.08 -16.29 -41.60
C ILE B 1404 13.86 -15.40 -41.38
N TYR B 1405 13.11 -15.65 -40.31
CA TYR B 1405 12.01 -14.75 -40.00
C TYR B 1405 12.50 -13.41 -39.47
N ALA B 1406 13.68 -13.39 -38.86
CA ALA B 1406 14.22 -12.13 -38.36
C ALA B 1406 14.75 -11.28 -39.50
N LEU B 1407 15.38 -11.90 -40.50
CA LEU B 1407 16.06 -11.11 -41.53
C LEU B 1407 15.07 -10.47 -42.49
N HIS B 1408 13.93 -11.13 -42.76
CA HIS B 1408 12.94 -10.52 -43.64
C HIS B 1408 12.27 -9.32 -42.99
N GLN B 1409 12.01 -9.41 -41.68
CA GLN B 1409 11.37 -8.32 -40.98
C GLN B 1409 12.28 -7.12 -40.79
N MET B 1410 13.59 -7.29 -40.99
CA MET B 1410 14.49 -6.16 -41.08
C MET B 1410 14.51 -5.54 -42.47
N GLY B 1411 13.83 -6.14 -43.43
CA GLY B 1411 13.76 -5.61 -44.77
C GLY B 1411 14.74 -6.18 -45.76
N CYS B 1412 15.05 -7.47 -45.68
CA CYS B 1412 16.00 -8.08 -46.58
C CYS B 1412 15.27 -8.71 -47.76
N ALA B 1413 15.80 -8.48 -48.96
CA ALA B 1413 15.12 -8.89 -50.19
C ALA B 1413 15.29 -10.37 -50.45
N LYS B 1414 16.53 -10.84 -50.58
CA LYS B 1414 16.81 -12.26 -50.79
C LYS B 1414 17.71 -12.74 -49.66
N ILE B 1415 17.38 -13.90 -49.11
CA ILE B 1415 18.14 -14.50 -48.01
C ILE B 1415 18.83 -15.75 -48.54
N TYR B 1416 20.13 -15.78 -48.38
CA TYR B 1416 20.98 -16.78 -49.01
C TYR B 1416 21.40 -17.77 -47.95
N LEU B 1417 21.13 -19.05 -48.19
CA LEU B 1417 21.38 -20.09 -47.20
C LEU B 1417 22.53 -20.97 -47.66
N VAL B 1418 23.57 -21.05 -46.84
CA VAL B 1418 24.70 -21.94 -47.07
C VAL B 1418 24.75 -22.96 -45.93
N ASN B 1419 24.83 -24.23 -46.29
CA ASN B 1419 24.92 -25.32 -45.33
C ASN B 1419 25.45 -26.54 -46.08
N ARG B 1420 26.01 -27.49 -45.31
CA ARG B 1420 26.74 -28.60 -45.89
C ARG B 1420 25.85 -29.69 -46.48
N THR B 1421 24.54 -29.61 -46.27
CA THR B 1421 23.61 -30.62 -46.76
C THR B 1421 22.42 -29.93 -47.38
N ALA B 1422 22.22 -30.15 -48.68
CA ALA B 1422 21.08 -29.55 -49.37
C ALA B 1422 19.77 -30.22 -49.05
N ALA B 1423 19.81 -31.40 -48.40
CA ALA B 1423 18.58 -32.09 -48.02
C ALA B 1423 17.85 -31.35 -46.90
N LYS B 1424 18.60 -30.73 -46.00
CA LYS B 1424 18.01 -29.91 -44.96
C LYS B 1424 17.93 -28.44 -45.35
N LEU B 1425 18.44 -28.07 -46.52
CA LEU B 1425 18.37 -26.70 -47.00
C LEU B 1425 17.08 -26.42 -47.74
N GLU B 1426 16.61 -27.37 -48.53
CA GLU B 1426 15.32 -27.22 -49.21
C GLU B 1426 14.14 -27.36 -48.26
N GLU B 1427 14.35 -27.94 -47.08
CA GLU B 1427 13.27 -28.05 -46.10
C GLU B 1427 12.84 -26.67 -45.60
N LEU B 1428 13.79 -25.75 -45.50
CA LEU B 1428 13.46 -24.38 -45.17
C LEU B 1428 12.81 -23.65 -46.33
N VAL B 1429 12.91 -24.18 -47.55
CA VAL B 1429 12.35 -23.48 -48.69
C VAL B 1429 10.85 -23.70 -48.76
N LYS B 1430 10.38 -24.93 -48.57
CA LYS B 1430 8.97 -25.22 -48.69
C LYS B 1430 8.17 -24.81 -47.46
N SER B 1431 8.84 -24.55 -46.34
CA SER B 1431 8.17 -24.26 -45.08
C SER B 1431 8.05 -22.78 -44.78
N PHE B 1432 8.24 -21.94 -45.78
CA PHE B 1432 8.23 -20.50 -45.58
C PHE B 1432 7.47 -19.84 -46.72
N PRO B 1433 6.95 -18.63 -46.52
CA PRO B 1433 6.23 -17.93 -47.60
C PRO B 1433 7.08 -17.55 -48.81
N LYS B 1434 6.45 -16.94 -49.80
CA LYS B 1434 7.08 -16.65 -51.07
C LYS B 1434 7.64 -15.23 -51.17
N ASP B 1435 7.35 -14.38 -50.18
CA ASP B 1435 7.93 -13.05 -50.14
C ASP B 1435 9.32 -13.06 -49.52
N TYR B 1436 9.80 -14.23 -49.09
CA TYR B 1436 11.07 -14.30 -48.37
C TYR B 1436 12.25 -14.51 -49.30
N ASN B 1437 12.02 -15.21 -50.42
CA ASN B 1437 12.98 -15.45 -51.49
C ASN B 1437 14.23 -16.15 -50.97
N LEU B 1438 14.03 -17.38 -50.53
CA LEU B 1438 15.13 -18.20 -50.00
C LEU B 1438 15.87 -18.84 -51.17
N GLU B 1439 17.07 -18.33 -51.46
CA GLU B 1439 17.91 -18.84 -52.54
C GLU B 1439 19.09 -19.57 -51.93
N ILE B 1440 19.09 -20.89 -52.05
CA ILE B 1440 20.20 -21.69 -51.58
C ILE B 1440 21.41 -21.42 -52.46
N VAL B 1441 22.58 -21.30 -51.83
CA VAL B 1441 23.83 -21.21 -52.57
C VAL B 1441 24.47 -22.59 -52.52
N GLU B 1442 24.79 -23.11 -53.71
CA GLU B 1442 25.41 -24.42 -53.85
C GLU B 1442 26.67 -24.41 -54.68
N THR B 1443 26.90 -23.39 -55.50
CA THR B 1443 28.13 -23.27 -56.26
C THR B 1443 28.83 -21.97 -55.91
N GLU B 1444 30.12 -21.91 -56.22
CA GLU B 1444 30.93 -20.77 -55.86
C GLU B 1444 30.74 -19.59 -56.80
N GLN B 1445 30.17 -19.82 -57.99
CA GLN B 1445 29.90 -18.71 -58.89
C GLN B 1445 28.78 -17.84 -58.35
N GLN B 1446 27.79 -18.44 -57.67
CA GLN B 1446 26.71 -17.67 -57.09
C GLN B 1446 27.19 -16.81 -55.92
N ALA B 1447 28.17 -17.30 -55.17
CA ALA B 1447 28.64 -16.55 -54.01
C ALA B 1447 29.45 -15.32 -54.40
N ASP B 1448 29.91 -15.25 -55.65
CA ASP B 1448 30.38 -13.98 -56.20
C ASP B 1448 29.22 -13.08 -56.59
N LYS B 1449 28.18 -13.64 -57.23
CA LYS B 1449 27.06 -12.85 -57.70
C LYS B 1449 25.91 -12.80 -56.68
N ALA B 1450 26.17 -13.15 -55.43
CA ALA B 1450 25.21 -12.90 -54.37
C ALA B 1450 25.11 -11.40 -54.13
N SER B 1451 23.91 -10.85 -54.29
CA SER B 1451 23.72 -9.40 -54.36
C SER B 1451 23.40 -8.83 -52.98
N LYS B 1452 24.23 -7.87 -52.56
CA LYS B 1452 23.93 -6.94 -51.45
C LYS B 1452 23.79 -7.67 -50.10
N VAL B 1453 24.66 -8.62 -49.84
CA VAL B 1453 24.63 -9.38 -48.59
C VAL B 1453 25.36 -8.59 -47.50
N SER B 1454 24.64 -8.25 -46.43
CA SER B 1454 25.26 -7.47 -45.36
C SER B 1454 24.94 -7.93 -43.94
N LEU B 1455 23.95 -8.79 -43.72
CA LEU B 1455 23.57 -9.23 -42.38
C LEU B 1455 23.57 -10.75 -42.34
N ALA B 1456 24.68 -11.34 -41.97
CA ALA B 1456 24.78 -12.78 -41.82
C ALA B 1456 24.46 -13.20 -40.39
N VAL B 1457 23.84 -14.37 -40.25
CA VAL B 1457 23.51 -14.94 -38.95
C VAL B 1457 23.99 -16.39 -38.98
N SER B 1458 24.98 -16.70 -38.16
CA SER B 1458 25.58 -18.03 -38.12
C SER B 1458 24.82 -18.87 -37.10
N CYS B 1459 24.01 -19.80 -37.59
CA CYS B 1459 23.25 -20.69 -36.73
C CYS B 1459 23.89 -22.05 -36.58
N ILE B 1460 25.12 -22.23 -37.07
CA ILE B 1460 25.77 -23.53 -37.13
C ILE B 1460 26.25 -23.90 -35.73
N PRO B 1461 26.17 -25.18 -35.34
CA PRO B 1461 26.86 -25.61 -34.11
C PRO B 1461 28.37 -25.46 -34.26
N ALA B 1462 28.93 -24.57 -33.44
CA ALA B 1462 30.36 -24.29 -33.50
C ALA B 1462 31.15 -25.15 -32.52
N ASP B 1463 30.90 -26.46 -32.57
CA ASP B 1463 31.77 -27.48 -32.00
C ASP B 1463 32.56 -28.18 -33.10
N LYS B 1464 31.88 -28.60 -34.14
CA LYS B 1464 32.54 -28.88 -35.41
C LYS B 1464 33.03 -27.56 -35.99
N PRO B 1465 34.31 -27.45 -36.37
CA PRO B 1465 34.78 -26.22 -37.03
C PRO B 1465 34.28 -26.07 -38.46
N LEU B 1466 34.82 -25.08 -39.17
CA LEU B 1466 34.36 -24.77 -40.52
C LEU B 1466 34.65 -25.92 -41.47
N ASP B 1467 33.58 -26.40 -42.11
CA ASP B 1467 33.59 -27.68 -42.83
C ASP B 1467 34.44 -27.64 -44.09
N GLY B 1468 34.64 -26.47 -44.68
CA GLY B 1468 35.40 -26.40 -45.91
C GLY B 1468 34.50 -26.42 -47.12
N GLU B 1469 33.67 -27.46 -47.23
CA GLU B 1469 32.68 -27.49 -48.31
C GLU B 1469 31.56 -26.48 -48.09
N VAL B 1470 31.37 -26.04 -46.84
CA VAL B 1470 30.50 -24.90 -46.57
C VAL B 1470 31.28 -23.60 -46.59
N LEU B 1471 32.60 -23.66 -46.47
CA LEU B 1471 33.39 -22.48 -46.10
C LEU B 1471 33.83 -21.66 -47.30
N LYS B 1472 34.03 -22.28 -48.47
CA LYS B 1472 34.56 -21.53 -49.61
C LYS B 1472 33.57 -20.52 -50.15
N LYS B 1473 32.29 -20.69 -49.83
CA LYS B 1473 31.33 -19.63 -50.14
C LYS B 1473 31.39 -18.53 -49.09
N ILE B 1474 31.53 -18.88 -47.81
CA ILE B 1474 31.47 -17.88 -46.76
C ILE B 1474 32.71 -17.00 -46.76
N GLU B 1475 33.87 -17.54 -47.18
CA GLU B 1475 35.00 -16.67 -47.46
C GLU B 1475 34.75 -15.78 -48.66
N ARG B 1476 33.87 -16.18 -49.56
CA ARG B 1476 33.64 -15.41 -50.76
C ARG B 1476 32.45 -14.48 -50.63
N ILE B 1477 31.49 -14.80 -49.76
CA ILE B 1477 30.37 -13.90 -49.49
C ILE B 1477 30.86 -12.58 -48.89
N LEU B 1478 31.81 -12.66 -47.96
CA LEU B 1478 32.32 -11.48 -47.29
C LEU B 1478 33.22 -10.64 -48.18
N SER B 1479 33.64 -11.14 -49.33
CA SER B 1479 34.56 -10.40 -50.18
C SER B 1479 33.89 -9.24 -50.88
N ASN B 1480 32.78 -9.50 -51.58
CA ASN B 1480 32.18 -8.48 -52.43
C ASN B 1480 31.32 -7.48 -51.67
N GLY B 1481 31.17 -7.63 -50.35
CA GLY B 1481 30.31 -6.75 -49.61
C GLY B 1481 31.00 -6.02 -48.48
N SER B 1482 32.34 -6.07 -48.45
CA SER B 1482 33.10 -5.41 -47.41
C SER B 1482 33.23 -3.91 -47.61
N GLU B 1483 32.75 -3.38 -48.73
CA GLU B 1483 32.82 -1.95 -49.01
C GLU B 1483 31.46 -1.24 -48.96
N GLN B 1484 30.36 -1.98 -49.07
CA GLN B 1484 29.05 -1.37 -48.97
C GLN B 1484 28.70 -1.13 -47.50
N SER B 1485 28.44 0.12 -47.15
CA SER B 1485 28.19 0.53 -45.78
C SER B 1485 27.01 1.48 -45.73
N ALA B 1486 25.90 1.11 -46.37
CA ALA B 1486 24.75 2.01 -46.50
C ALA B 1486 24.03 2.14 -45.18
N GLY B 1487 24.45 3.11 -44.37
CA GLY B 1487 23.90 3.34 -43.06
C GLY B 1487 24.53 2.53 -41.96
N PHE B 1488 25.19 1.42 -42.29
CA PHE B 1488 25.71 0.53 -41.28
C PHE B 1488 26.89 -0.24 -41.85
N LYS B 1489 27.92 -0.42 -41.04
CA LYS B 1489 28.98 -1.34 -41.38
C LYS B 1489 28.41 -2.74 -41.42
N PRO B 1490 28.71 -3.54 -42.45
CA PRO B 1490 28.09 -4.87 -42.57
C PRO B 1490 28.58 -5.80 -41.48
N THR B 1491 27.62 -6.45 -40.81
CA THR B 1491 27.85 -7.11 -39.53
C THR B 1491 27.38 -8.54 -39.56
N LEU B 1492 27.73 -9.28 -38.51
CA LEU B 1492 27.45 -10.70 -38.44
C LEU B 1492 27.10 -11.03 -37.00
N LEU B 1493 26.24 -12.04 -36.82
CA LEU B 1493 25.79 -12.48 -35.51
C LEU B 1493 25.87 -13.99 -35.47
N GLU B 1494 26.16 -14.55 -34.30
CA GLU B 1494 26.22 -15.99 -34.12
C GLU B 1494 25.30 -16.39 -32.98
N ALA B 1495 24.41 -17.34 -33.25
CA ALA B 1495 23.23 -17.57 -32.42
C ALA B 1495 23.43 -18.60 -31.31
N SER B 1496 24.66 -19.03 -31.05
CA SER B 1496 24.92 -19.95 -29.95
C SER B 1496 25.77 -19.25 -28.89
N TYR B 1497 25.65 -19.70 -27.65
CA TYR B 1497 26.21 -18.95 -26.53
C TYR B 1497 27.53 -19.50 -26.01
N LYS B 1498 27.73 -20.83 -26.03
CA LYS B 1498 28.69 -21.48 -25.14
C LYS B 1498 30.17 -21.17 -25.42
N PRO B 1499 30.67 -21.15 -26.66
CA PRO B 1499 32.01 -20.58 -26.82
C PRO B 1499 31.93 -19.07 -27.02
N ARG B 1500 32.87 -18.35 -26.41
CA ARG B 1500 32.77 -16.91 -26.39
C ARG B 1500 33.13 -16.30 -27.74
N VAL B 1501 34.05 -16.91 -28.46
CA VAL B 1501 34.33 -16.55 -29.85
C VAL B 1501 34.32 -17.83 -30.68
N THR B 1502 33.60 -17.79 -31.76
CA THR B 1502 33.36 -18.97 -32.57
C THR B 1502 34.30 -18.98 -33.77
N PRO B 1503 34.44 -20.14 -34.46
CA PRO B 1503 35.27 -20.17 -35.67
C PRO B 1503 34.87 -19.20 -36.77
N ILE B 1504 33.58 -18.96 -36.97
CA ILE B 1504 33.18 -18.09 -38.08
C ILE B 1504 33.45 -16.63 -37.73
N MET B 1505 33.40 -16.27 -36.46
CA MET B 1505 33.49 -14.86 -36.07
C MET B 1505 34.90 -14.32 -36.19
N LYS B 1506 35.92 -15.15 -35.97
CA LYS B 1506 37.29 -14.72 -36.21
C LYS B 1506 37.53 -14.48 -37.69
N LEU B 1507 37.05 -15.39 -38.54
CA LEU B 1507 37.35 -15.35 -39.96
C LEU B 1507 36.64 -14.20 -40.66
N THR B 1508 35.69 -13.54 -40.00
CA THR B 1508 34.97 -12.46 -40.64
C THR B 1508 35.23 -11.08 -40.05
N GLU B 1509 35.93 -10.97 -38.91
CA GLU B 1509 36.06 -9.65 -38.30
C GLU B 1509 37.40 -8.97 -38.56
N GLU B 1510 38.51 -9.71 -38.65
CA GLU B 1510 39.78 -9.10 -39.04
C GLU B 1510 40.29 -9.56 -40.39
N GLN B 1511 39.67 -10.59 -40.98
CA GLN B 1511 40.03 -11.02 -42.32
C GLN B 1511 39.17 -10.39 -43.40
N TYR B 1512 37.96 -9.96 -43.05
CA TYR B 1512 37.04 -9.40 -44.03
C TYR B 1512 36.31 -8.15 -43.56
N LYS B 1513 36.64 -7.64 -42.37
CA LYS B 1513 36.10 -6.39 -41.80
C LYS B 1513 34.58 -6.41 -41.65
N TRP B 1514 34.08 -7.34 -40.83
CA TRP B 1514 32.68 -7.35 -40.46
C TRP B 1514 32.55 -7.29 -38.94
N LYS B 1515 31.48 -6.67 -38.47
CA LYS B 1515 31.25 -6.52 -37.04
C LYS B 1515 30.61 -7.78 -36.49
N VAL B 1516 31.22 -8.39 -35.48
CA VAL B 1516 30.68 -9.60 -34.88
C VAL B 1516 29.95 -9.25 -33.60
N ILE B 1517 28.74 -9.76 -33.46
CA ILE B 1517 27.95 -9.67 -32.24
C ILE B 1517 27.84 -11.08 -31.68
N PRO B 1518 28.14 -11.30 -30.41
CA PRO B 1518 28.22 -12.67 -29.90
C PRO B 1518 26.84 -13.23 -29.56
N GLY B 1519 26.86 -14.43 -28.99
CA GLY B 1519 25.62 -15.12 -28.68
C GLY B 1519 24.95 -14.65 -27.42
N VAL B 1520 25.67 -13.98 -26.53
CA VAL B 1520 25.07 -13.50 -25.31
C VAL B 1520 24.19 -12.29 -25.58
N GLU B 1521 24.42 -11.58 -26.68
CA GLU B 1521 23.54 -10.49 -27.03
C GLU B 1521 22.23 -10.96 -27.65
N MET B 1522 22.12 -12.23 -28.00
CA MET B 1522 20.83 -12.81 -28.34
C MET B 1522 20.08 -13.28 -27.11
N LEU B 1523 20.80 -13.66 -26.05
CA LEU B 1523 20.14 -14.11 -24.84
C LEU B 1523 19.51 -12.95 -24.08
N VAL B 1524 20.08 -11.76 -24.18
CA VAL B 1524 19.48 -10.62 -23.50
C VAL B 1524 18.26 -10.14 -24.26
N ASN B 1525 18.38 -10.02 -25.58
CA ASN B 1525 17.36 -9.37 -26.37
C ASN B 1525 16.12 -10.24 -26.56
N GLN B 1526 16.28 -11.55 -26.48
CA GLN B 1526 15.12 -12.43 -26.39
C GLN B 1526 14.63 -12.56 -24.97
N GLY B 1527 15.41 -12.13 -23.99
CA GLY B 1527 14.98 -12.09 -22.60
C GLY B 1527 14.44 -10.74 -22.25
N ASP B 1528 14.80 -9.72 -23.03
CA ASP B 1528 14.16 -8.43 -22.90
C ASP B 1528 12.71 -8.49 -23.36
N ARG B 1529 12.47 -9.09 -24.53
CA ARG B 1529 11.10 -9.22 -25.01
C ARG B 1529 10.32 -10.26 -24.23
N GLN B 1530 10.99 -11.24 -23.63
CA GLN B 1530 10.28 -12.14 -22.72
C GLN B 1530 9.94 -11.44 -21.42
N PHE B 1531 10.70 -10.43 -21.02
CA PHE B 1531 10.37 -9.68 -19.83
C PHE B 1531 9.13 -8.82 -20.04
N LYS B 1532 8.95 -8.31 -21.27
CA LYS B 1532 7.80 -7.45 -21.53
C LYS B 1532 6.51 -8.23 -21.66
N LEU B 1533 6.55 -9.45 -22.18
CA LEU B 1533 5.33 -10.24 -22.31
C LEU B 1533 4.93 -10.87 -20.99
N HIS B 1534 5.89 -11.24 -20.16
CA HIS B 1534 5.59 -11.85 -18.88
C HIS B 1534 5.03 -10.81 -17.91
N THR B 1535 5.78 -9.74 -17.67
CA THR B 1535 5.44 -8.73 -16.69
C THR B 1535 4.56 -7.63 -17.26
N GLY B 1536 5.05 -6.94 -18.28
CA GLY B 1536 4.42 -5.74 -18.78
C GLY B 1536 5.29 -4.51 -18.68
N PHE B 1537 6.48 -4.64 -18.10
CA PHE B 1537 7.44 -3.54 -17.98
C PHE B 1537 8.60 -3.80 -18.92
N THR B 1538 9.26 -2.72 -19.30
CA THR B 1538 10.52 -2.85 -20.03
C THR B 1538 11.62 -3.17 -19.03
N ALA B 1539 12.41 -4.18 -19.35
CA ALA B 1539 13.45 -4.63 -18.45
C ALA B 1539 14.58 -3.60 -18.39
N PRO B 1540 15.20 -3.43 -17.22
CA PRO B 1540 16.39 -2.57 -17.14
C PRO B 1540 17.56 -3.23 -17.85
N TYR B 1541 18.03 -2.59 -18.92
CA TYR B 1541 19.04 -3.23 -19.75
C TYR B 1541 20.41 -3.23 -19.10
N GLU B 1542 20.69 -2.28 -18.22
CA GLU B 1542 21.99 -2.29 -17.56
C GLU B 1542 22.12 -3.39 -16.52
N ILE B 1543 21.01 -4.00 -16.08
CA ILE B 1543 21.06 -5.04 -15.06
C ILE B 1543 20.83 -6.43 -15.62
N ILE B 1544 20.01 -6.57 -16.68
CA ILE B 1544 19.89 -7.88 -17.30
C ILE B 1544 21.10 -8.21 -18.13
N HIS B 1545 21.89 -7.21 -18.55
CA HIS B 1545 23.13 -7.49 -19.24
C HIS B 1545 24.29 -7.72 -18.30
N ARG B 1546 24.17 -7.32 -17.04
CA ARG B 1546 25.17 -7.66 -16.06
C ARG B 1546 24.92 -9.01 -15.43
N ALA B 1547 23.66 -9.42 -15.34
CA ALA B 1547 23.34 -10.69 -14.72
C ALA B 1547 23.56 -11.86 -15.65
N VAL B 1548 23.42 -11.66 -16.95
CA VAL B 1548 23.60 -12.74 -17.91
C VAL B 1548 25.08 -12.97 -18.20
N VAL B 1549 25.95 -12.01 -17.87
CA VAL B 1549 27.38 -12.12 -18.11
C VAL B 1549 28.12 -12.34 -16.81
N GLU B 1550 28.02 -11.40 -15.88
CA GLU B 1550 28.67 -11.51 -14.59
C GLU B 1550 27.70 -12.09 -13.56
#